data_4HID
# 
_entry.id   4HID 
# 
_audit_conform.dict_name       mmcif_pdbx.dic 
_audit_conform.dict_version    5.387 
_audit_conform.dict_location   http://mmcif.pdb.org/dictionaries/ascii/mmcif_pdbx.dic 
# 
loop_
_database_2.database_id 
_database_2.database_code 
_database_2.pdbx_database_accession 
_database_2.pdbx_DOI 
PDB   4HID         pdb_00004hid 10.2210/pdb4hid/pdb 
NDB   NA2084       ?            ?                   
RCSB  RCSB075503   ?            ?                   
WWPDB D_1000075503 ?            ?                   
# 
loop_
_pdbx_audit_revision_history.ordinal 
_pdbx_audit_revision_history.data_content_type 
_pdbx_audit_revision_history.major_revision 
_pdbx_audit_revision_history.minor_revision 
_pdbx_audit_revision_history.revision_date 
1 'Structure model' 1 0 2012-12-12 
2 'Structure model' 1 1 2013-02-27 
3 'Structure model' 1 2 2017-11-15 
4 'Structure model' 1 3 2024-02-28 
# 
_pdbx_audit_revision_details.ordinal             1 
_pdbx_audit_revision_details.revision_ordinal    1 
_pdbx_audit_revision_details.data_content_type   'Structure model' 
_pdbx_audit_revision_details.provider            repository 
_pdbx_audit_revision_details.type                'Initial release' 
_pdbx_audit_revision_details.description         ? 
_pdbx_audit_revision_details.details             ? 
# 
loop_
_pdbx_audit_revision_group.ordinal 
_pdbx_audit_revision_group.revision_ordinal 
_pdbx_audit_revision_group.data_content_type 
_pdbx_audit_revision_group.group 
1 2 'Structure model' 'Database references'    
2 3 'Structure model' 'Refinement description' 
3 4 'Structure model' 'Data collection'        
4 4 'Structure model' 'Database references'    
# 
loop_
_pdbx_audit_revision_category.ordinal 
_pdbx_audit_revision_category.revision_ordinal 
_pdbx_audit_revision_category.data_content_type 
_pdbx_audit_revision_category.category 
1 3 'Structure model' software           
2 4 'Structure model' chem_comp_atom     
3 4 'Structure model' chem_comp_bond     
4 4 'Structure model' database_2         
5 4 'Structure model' struct_ref_seq_dif 
# 
loop_
_pdbx_audit_revision_item.ordinal 
_pdbx_audit_revision_item.revision_ordinal 
_pdbx_audit_revision_item.data_content_type 
_pdbx_audit_revision_item.item 
1 3 'Structure model' '_software.classification'            
2 3 'Structure model' '_software.name'                      
3 4 'Structure model' '_database_2.pdbx_DOI'                
4 4 'Structure model' '_database_2.pdbx_database_accession' 
5 4 'Structure model' '_struct_ref_seq_dif.details'         
# 
_pdbx_database_status.entry_id                        4HID 
_pdbx_database_status.status_code                     REL 
_pdbx_database_status.deposit_site                    RCSB 
_pdbx_database_status.process_site                    RCSB 
_pdbx_database_status.recvd_initial_deposition_date   2012-10-11 
_pdbx_database_status.status_code_sf                  REL 
_pdbx_database_status.status_code_mr                  ? 
_pdbx_database_status.SG_entry                        ? 
_pdbx_database_status.status_code_cs                  ? 
_pdbx_database_status.methods_development_category    ? 
_pdbx_database_status.pdb_format_compatible           Y 
_pdbx_database_status.status_code_nmr_data            ? 
# 
loop_
_pdbx_database_related.db_name 
_pdbx_database_related.db_id 
_pdbx_database_related.details 
_pdbx_database_related.content_type 
PDB 4HIO 'The same protein bound to a different ssDNA sequence' unspecified 
PDB 4HIK 'The same protein bound to a different ssDNA sequence' unspecified 
PDB 4HIM 'The same protein bound to a different ssDNA sequence' unspecified 
PDB 4HJ5 'The same protein bound to a different ssDNA sequence' unspecified 
PDB 4HJ7 'The same protein bound to a different ssDNA sequence' unspecified 
PDB 4HJ8 'The same protein bound to a different ssDNA sequence' unspecified 
PDB 4HJ9 'The same protein bound to a different ssDNA sequence' unspecified 
PDB 4HJA 'The same protein bound to a different ssDNA sequence' unspecified 
# 
loop_
_audit_author.name 
_audit_author.pdbx_ordinal 
'Dickey, T.H.' 1 
'Wuttke, D.S.' 2 
# 
_citation.id                        primary 
_citation.title                     'Nonspecific Recognition Is Achieved in Pot1pC through the Use of Multiple Binding Modes.' 
_citation.journal_abbrev            Structure 
_citation.journal_volume            21 
_citation.page_first                121 
_citation.page_last                 132 
_citation.year                      2013 
_citation.journal_id_ASTM           STRUE6 
_citation.country                   UK 
_citation.journal_id_ISSN           0969-2126 
_citation.journal_id_CSD            2005 
_citation.book_publisher            ? 
_citation.pdbx_database_id_PubMed   23201273 
_citation.pdbx_database_id_DOI      10.1016/j.str.2012.10.015 
# 
loop_
_citation_author.citation_id 
_citation_author.name 
_citation_author.ordinal 
_citation_author.identifier_ORCID 
primary 'Dickey, T.H.'    1 ? 
primary 'McKercher, M.A.' 2 ? 
primary 'Wuttke, D.S.'    3 ? 
# 
loop_
_entity.id 
_entity.type 
_entity.src_method 
_entity.pdbx_description 
_entity.formula_weight 
_entity.pdbx_number_of_molecules 
_entity.pdbx_ec 
_entity.pdbx_mutation 
_entity.pdbx_fragment 
_entity.details 
1 polymer man 'Protection of telomeres protein 1'         17182.414 1   ? V199D 
'Pot1pC, partial DNA binding domain, residues 198-339' ?                                            
2 polymer syn 
;DNA (5'-D(*GP*CP*TP*TP*AP*CP*GP*GP*T)-3')
;
2746.809  1   ? ?     ?                                                      'telomeric single-stranded DNA, G2C variant' 
3 water   nat water                                       18.015    196 ? ?     ? ?                                            
# 
loop_
_entity_poly.entity_id 
_entity_poly.type 
_entity_poly.nstd_linkage 
_entity_poly.nstd_monomer 
_entity_poly.pdbx_seq_one_letter_code 
_entity_poly.pdbx_seq_one_letter_code_can 
_entity_poly.pdbx_strand_id 
_entity_poly.pdbx_target_identifier 
1 'polypeptide(L)'        no no 
;MSDSFSLLSQITPHQRCSFYAQVIKTWYSDKNFTLYVTDYTENELFFPMSPYTSSSRWRGPFGRFSIRCILWDEHDFYCR
NYIKEGDYVVMKNVRTKIDHLGYLECILHGDSAKRYNMSIEKVDSEEPELNEIKSRKRLYVQN
;
;MSDSFSLLSQITPHQRCSFYAQVIKTWYSDKNFTLYVTDYTENELFFPMSPYTSSSRWRGPFGRFSIRCILWDEHDFYCR
NYIKEGDYVVMKNVRTKIDHLGYLECILHGDSAKRYNMSIEKVDSEEPELNEIKSRKRLYVQN
;
A ? 
2 polydeoxyribonucleotide no no '(DG)(DC)(DT)(DT)(DA)(DC)(DG)(DG)(DT)' GCTTACGGT B ? 
# 
_pdbx_entity_nonpoly.entity_id   3 
_pdbx_entity_nonpoly.name        water 
_pdbx_entity_nonpoly.comp_id     HOH 
# 
loop_
_entity_poly_seq.entity_id 
_entity_poly_seq.num 
_entity_poly_seq.mon_id 
_entity_poly_seq.hetero 
1 1   MET n 
1 2   SER n 
1 3   ASP n 
1 4   SER n 
1 5   PHE n 
1 6   SER n 
1 7   LEU n 
1 8   LEU n 
1 9   SER n 
1 10  GLN n 
1 11  ILE n 
1 12  THR n 
1 13  PRO n 
1 14  HIS n 
1 15  GLN n 
1 16  ARG n 
1 17  CYS n 
1 18  SER n 
1 19  PHE n 
1 20  TYR n 
1 21  ALA n 
1 22  GLN n 
1 23  VAL n 
1 24  ILE n 
1 25  LYS n 
1 26  THR n 
1 27  TRP n 
1 28  TYR n 
1 29  SER n 
1 30  ASP n 
1 31  LYS n 
1 32  ASN n 
1 33  PHE n 
1 34  THR n 
1 35  LEU n 
1 36  TYR n 
1 37  VAL n 
1 38  THR n 
1 39  ASP n 
1 40  TYR n 
1 41  THR n 
1 42  GLU n 
1 43  ASN n 
1 44  GLU n 
1 45  LEU n 
1 46  PHE n 
1 47  PHE n 
1 48  PRO n 
1 49  MET n 
1 50  SER n 
1 51  PRO n 
1 52  TYR n 
1 53  THR n 
1 54  SER n 
1 55  SER n 
1 56  SER n 
1 57  ARG n 
1 58  TRP n 
1 59  ARG n 
1 60  GLY n 
1 61  PRO n 
1 62  PHE n 
1 63  GLY n 
1 64  ARG n 
1 65  PHE n 
1 66  SER n 
1 67  ILE n 
1 68  ARG n 
1 69  CYS n 
1 70  ILE n 
1 71  LEU n 
1 72  TRP n 
1 73  ASP n 
1 74  GLU n 
1 75  HIS n 
1 76  ASP n 
1 77  PHE n 
1 78  TYR n 
1 79  CYS n 
1 80  ARG n 
1 81  ASN n 
1 82  TYR n 
1 83  ILE n 
1 84  LYS n 
1 85  GLU n 
1 86  GLY n 
1 87  ASP n 
1 88  TYR n 
1 89  VAL n 
1 90  VAL n 
1 91  MET n 
1 92  LYS n 
1 93  ASN n 
1 94  VAL n 
1 95  ARG n 
1 96  THR n 
1 97  LYS n 
1 98  ILE n 
1 99  ASP n 
1 100 HIS n 
1 101 LEU n 
1 102 GLY n 
1 103 TYR n 
1 104 LEU n 
1 105 GLU n 
1 106 CYS n 
1 107 ILE n 
1 108 LEU n 
1 109 HIS n 
1 110 GLY n 
1 111 ASP n 
1 112 SER n 
1 113 ALA n 
1 114 LYS n 
1 115 ARG n 
1 116 TYR n 
1 117 ASN n 
1 118 MET n 
1 119 SER n 
1 120 ILE n 
1 121 GLU n 
1 122 LYS n 
1 123 VAL n 
1 124 ASP n 
1 125 SER n 
1 126 GLU n 
1 127 GLU n 
1 128 PRO n 
1 129 GLU n 
1 130 LEU n 
1 131 ASN n 
1 132 GLU n 
1 133 ILE n 
1 134 LYS n 
1 135 SER n 
1 136 ARG n 
1 137 LYS n 
1 138 ARG n 
1 139 LEU n 
1 140 TYR n 
1 141 VAL n 
1 142 GLN n 
1 143 ASN n 
2 1   DG  n 
2 2   DC  n 
2 3   DT  n 
2 4   DT  n 
2 5   DA  n 
2 6   DC  n 
2 7   DG  n 
2 8   DG  n 
2 9   DT  n 
# 
_entity_src_gen.entity_id                          1 
_entity_src_gen.pdbx_src_id                        1 
_entity_src_gen.pdbx_alt_source_flag               sample 
_entity_src_gen.pdbx_seq_type                      ? 
_entity_src_gen.pdbx_beg_seq_num                   ? 
_entity_src_gen.pdbx_end_seq_num                   ? 
_entity_src_gen.gene_src_common_name               'Fission yeast' 
_entity_src_gen.gene_src_genus                     ? 
_entity_src_gen.pdbx_gene_src_gene                 'pot1, SPAC26H5.06' 
_entity_src_gen.gene_src_species                   ? 
_entity_src_gen.gene_src_strain                    972h- 
_entity_src_gen.gene_src_tissue                    ? 
_entity_src_gen.gene_src_tissue_fraction           ? 
_entity_src_gen.gene_src_details                   ? 
_entity_src_gen.pdbx_gene_src_fragment             ? 
_entity_src_gen.pdbx_gene_src_scientific_name      'Schizosaccharomyces pombe' 
_entity_src_gen.pdbx_gene_src_ncbi_taxonomy_id     284812 
_entity_src_gen.pdbx_gene_src_variant              ? 
_entity_src_gen.pdbx_gene_src_cell_line            ? 
_entity_src_gen.pdbx_gene_src_atcc                 ? 
_entity_src_gen.pdbx_gene_src_organ                ? 
_entity_src_gen.pdbx_gene_src_organelle            ? 
_entity_src_gen.pdbx_gene_src_cell                 ? 
_entity_src_gen.pdbx_gene_src_cellular_location    ? 
_entity_src_gen.host_org_common_name               ? 
_entity_src_gen.pdbx_host_org_scientific_name      'Escherichia coli' 
_entity_src_gen.pdbx_host_org_ncbi_taxonomy_id     469008 
_entity_src_gen.host_org_genus                     ? 
_entity_src_gen.pdbx_host_org_gene                 ? 
_entity_src_gen.pdbx_host_org_organ                ? 
_entity_src_gen.host_org_species                   ? 
_entity_src_gen.pdbx_host_org_tissue               ? 
_entity_src_gen.pdbx_host_org_tissue_fraction      ? 
_entity_src_gen.pdbx_host_org_strain               'BL21 (DE3)' 
_entity_src_gen.pdbx_host_org_variant              ? 
_entity_src_gen.pdbx_host_org_cell_line            ? 
_entity_src_gen.pdbx_host_org_atcc                 ? 
_entity_src_gen.pdbx_host_org_culture_collection   ? 
_entity_src_gen.pdbx_host_org_cell                 ? 
_entity_src_gen.pdbx_host_org_organelle            ? 
_entity_src_gen.pdbx_host_org_cellular_location    ? 
_entity_src_gen.pdbx_host_org_vector_type          plasmid 
_entity_src_gen.pdbx_host_org_vector               ? 
_entity_src_gen.host_org_details                   ? 
_entity_src_gen.expression_system_id               ? 
_entity_src_gen.plasmid_name                       pTXB1 
_entity_src_gen.plasmid_details                    ? 
_entity_src_gen.pdbx_description                   ? 
# 
_pdbx_entity_src_syn.entity_id              2 
_pdbx_entity_src_syn.pdbx_src_id            1 
_pdbx_entity_src_syn.pdbx_alt_source_flag   sample 
_pdbx_entity_src_syn.pdbx_beg_seq_num       ? 
_pdbx_entity_src_syn.pdbx_end_seq_num       ? 
_pdbx_entity_src_syn.organism_scientific    'Schizosaccharomyces pombe' 
_pdbx_entity_src_syn.organism_common_name   ? 
_pdbx_entity_src_syn.ncbi_taxonomy_id       284812 
_pdbx_entity_src_syn.details                ? 
# 
loop_
_chem_comp.id 
_chem_comp.type 
_chem_comp.mon_nstd_flag 
_chem_comp.name 
_chem_comp.pdbx_synonyms 
_chem_comp.formula 
_chem_comp.formula_weight 
ALA 'L-peptide linking' y ALANINE                              ? 'C3 H7 N O2'      89.093  
ARG 'L-peptide linking' y ARGININE                             ? 'C6 H15 N4 O2 1'  175.209 
ASN 'L-peptide linking' y ASPARAGINE                           ? 'C4 H8 N2 O3'     132.118 
ASP 'L-peptide linking' y 'ASPARTIC ACID'                      ? 'C4 H7 N O4'      133.103 
CYS 'L-peptide linking' y CYSTEINE                             ? 'C3 H7 N O2 S'    121.158 
DA  'DNA linking'       y "2'-DEOXYADENOSINE-5'-MONOPHOSPHATE" ? 'C10 H14 N5 O6 P' 331.222 
DC  'DNA linking'       y "2'-DEOXYCYTIDINE-5'-MONOPHOSPHATE"  ? 'C9 H14 N3 O7 P'  307.197 
DG  'DNA linking'       y "2'-DEOXYGUANOSINE-5'-MONOPHOSPHATE" ? 'C10 H14 N5 O7 P' 347.221 
DT  'DNA linking'       y "THYMIDINE-5'-MONOPHOSPHATE"         ? 'C10 H15 N2 O8 P' 322.208 
GLN 'L-peptide linking' y GLUTAMINE                            ? 'C5 H10 N2 O3'    146.144 
GLU 'L-peptide linking' y 'GLUTAMIC ACID'                      ? 'C5 H9 N O4'      147.129 
GLY 'peptide linking'   y GLYCINE                              ? 'C2 H5 N O2'      75.067  
HIS 'L-peptide linking' y HISTIDINE                            ? 'C6 H10 N3 O2 1'  156.162 
HOH non-polymer         . WATER                                ? 'H2 O'            18.015  
ILE 'L-peptide linking' y ISOLEUCINE                           ? 'C6 H13 N O2'     131.173 
LEU 'L-peptide linking' y LEUCINE                              ? 'C6 H13 N O2'     131.173 
LYS 'L-peptide linking' y LYSINE                               ? 'C6 H15 N2 O2 1'  147.195 
MET 'L-peptide linking' y METHIONINE                           ? 'C5 H11 N O2 S'   149.211 
PHE 'L-peptide linking' y PHENYLALANINE                        ? 'C9 H11 N O2'     165.189 
PRO 'L-peptide linking' y PROLINE                              ? 'C5 H9 N O2'      115.130 
SER 'L-peptide linking' y SERINE                               ? 'C3 H7 N O3'      105.093 
THR 'L-peptide linking' y THREONINE                            ? 'C4 H9 N O3'      119.119 
TRP 'L-peptide linking' y TRYPTOPHAN                           ? 'C11 H12 N2 O2'   204.225 
TYR 'L-peptide linking' y TYROSINE                             ? 'C9 H11 N O3'     181.189 
VAL 'L-peptide linking' y VALINE                               ? 'C5 H11 N O2'     117.146 
# 
loop_
_pdbx_poly_seq_scheme.asym_id 
_pdbx_poly_seq_scheme.entity_id 
_pdbx_poly_seq_scheme.seq_id 
_pdbx_poly_seq_scheme.mon_id 
_pdbx_poly_seq_scheme.ndb_seq_num 
_pdbx_poly_seq_scheme.pdb_seq_num 
_pdbx_poly_seq_scheme.auth_seq_num 
_pdbx_poly_seq_scheme.pdb_mon_id 
_pdbx_poly_seq_scheme.auth_mon_id 
_pdbx_poly_seq_scheme.pdb_strand_id 
_pdbx_poly_seq_scheme.pdb_ins_code 
_pdbx_poly_seq_scheme.hetero 
A 1 1   MET 1   1   ?   ?   ?   A . n 
A 1 2   SER 2   2   ?   ?   ?   A . n 
A 1 3   ASP 3   3   ?   ?   ?   A . n 
A 1 4   SER 4   4   4   SER SER A . n 
A 1 5   PHE 5   5   5   PHE PHE A . n 
A 1 6   SER 6   6   6   SER SER A . n 
A 1 7   LEU 7   7   7   LEU LEU A . n 
A 1 8   LEU 8   8   8   LEU LEU A . n 
A 1 9   SER 9   9   9   SER SER A . n 
A 1 10  GLN 10  10  10  GLN GLN A . n 
A 1 11  ILE 11  11  11  ILE ILE A . n 
A 1 12  THR 12  12  12  THR THR A . n 
A 1 13  PRO 13  13  13  PRO PRO A . n 
A 1 14  HIS 14  14  14  HIS HIS A . n 
A 1 15  GLN 15  15  15  GLN GLN A . n 
A 1 16  ARG 16  16  16  ARG ARG A . n 
A 1 17  CYS 17  17  17  CYS CYS A . n 
A 1 18  SER 18  18  18  SER SER A . n 
A 1 19  PHE 19  19  19  PHE PHE A . n 
A 1 20  TYR 20  20  20  TYR TYR A . n 
A 1 21  ALA 21  21  21  ALA ALA A . n 
A 1 22  GLN 22  22  22  GLN GLN A . n 
A 1 23  VAL 23  23  23  VAL VAL A . n 
A 1 24  ILE 24  24  24  ILE ILE A . n 
A 1 25  LYS 25  25  25  LYS LYS A . n 
A 1 26  THR 26  26  26  THR THR A . n 
A 1 27  TRP 27  27  27  TRP TRP A . n 
A 1 28  TYR 28  28  28  TYR TYR A . n 
A 1 29  SER 29  29  29  SER SER A . n 
A 1 30  ASP 30  30  30  ASP ASP A . n 
A 1 31  LYS 31  31  31  LYS LYS A . n 
A 1 32  ASN 32  32  32  ASN ASN A . n 
A 1 33  PHE 33  33  33  PHE PHE A . n 
A 1 34  THR 34  34  34  THR THR A . n 
A 1 35  LEU 35  35  35  LEU LEU A . n 
A 1 36  TYR 36  36  36  TYR TYR A . n 
A 1 37  VAL 37  37  37  VAL VAL A . n 
A 1 38  THR 38  38  38  THR THR A . n 
A 1 39  ASP 39  39  39  ASP ASP A . n 
A 1 40  TYR 40  40  40  TYR TYR A . n 
A 1 41  THR 41  41  41  THR THR A . n 
A 1 42  GLU 42  42  42  GLU GLU A . n 
A 1 43  ASN 43  43  43  ASN ASN A . n 
A 1 44  GLU 44  44  44  GLU GLU A . n 
A 1 45  LEU 45  45  45  LEU LEU A . n 
A 1 46  PHE 46  46  46  PHE PHE A . n 
A 1 47  PHE 47  47  47  PHE PHE A . n 
A 1 48  PRO 48  48  48  PRO PRO A . n 
A 1 49  MET 49  49  49  MET MET A . n 
A 1 50  SER 50  50  50  SER SER A . n 
A 1 51  PRO 51  51  51  PRO PRO A . n 
A 1 52  TYR 52  52  52  TYR TYR A . n 
A 1 53  THR 53  53  53  THR THR A . n 
A 1 54  SER 54  54  54  SER SER A . n 
A 1 55  SER 55  55  55  SER SER A . n 
A 1 56  SER 56  56  56  SER SER A . n 
A 1 57  ARG 57  57  57  ARG ARG A . n 
A 1 58  TRP 58  58  58  TRP TRP A . n 
A 1 59  ARG 59  59  59  ARG ARG A . n 
A 1 60  GLY 60  60  60  GLY GLY A . n 
A 1 61  PRO 61  61  61  PRO PRO A . n 
A 1 62  PHE 62  62  62  PHE PHE A . n 
A 1 63  GLY 63  63  63  GLY GLY A . n 
A 1 64  ARG 64  64  64  ARG ARG A . n 
A 1 65  PHE 65  65  65  PHE PHE A . n 
A 1 66  SER 66  66  66  SER SER A . n 
A 1 67  ILE 67  67  67  ILE ILE A . n 
A 1 68  ARG 68  68  68  ARG ARG A . n 
A 1 69  CYS 69  69  69  CYS CYS A . n 
A 1 70  ILE 70  70  70  ILE ILE A . n 
A 1 71  LEU 71  71  71  LEU LEU A . n 
A 1 72  TRP 72  72  72  TRP TRP A . n 
A 1 73  ASP 73  73  73  ASP ASP A . n 
A 1 74  GLU 74  74  74  GLU GLU A . n 
A 1 75  HIS 75  75  75  HIS HIS A . n 
A 1 76  ASP 76  76  76  ASP ASP A . n 
A 1 77  PHE 77  77  77  PHE PHE A . n 
A 1 78  TYR 78  78  78  TYR TYR A . n 
A 1 79  CYS 79  79  79  CYS CYS A . n 
A 1 80  ARG 80  80  80  ARG ARG A . n 
A 1 81  ASN 81  81  81  ASN ASN A . n 
A 1 82  TYR 82  82  82  TYR TYR A . n 
A 1 83  ILE 83  83  83  ILE ILE A . n 
A 1 84  LYS 84  84  84  LYS LYS A . n 
A 1 85  GLU 85  85  85  GLU GLU A . n 
A 1 86  GLY 86  86  86  GLY GLY A . n 
A 1 87  ASP 87  87  87  ASP ASP A . n 
A 1 88  TYR 88  88  88  TYR TYR A . n 
A 1 89  VAL 89  89  89  VAL VAL A . n 
A 1 90  VAL 90  90  90  VAL VAL A . n 
A 1 91  MET 91  91  91  MET MET A . n 
A 1 92  LYS 92  92  92  LYS LYS A . n 
A 1 93  ASN 93  93  93  ASN ASN A . n 
A 1 94  VAL 94  94  94  VAL VAL A . n 
A 1 95  ARG 95  95  95  ARG ARG A . n 
A 1 96  THR 96  96  96  THR THR A . n 
A 1 97  LYS 97  97  97  LYS LYS A . n 
A 1 98  ILE 98  98  98  ILE ILE A . n 
A 1 99  ASP 99  99  99  ASP ASP A . n 
A 1 100 HIS 100 100 100 HIS HIS A . n 
A 1 101 LEU 101 101 101 LEU LEU A . n 
A 1 102 GLY 102 102 102 GLY GLY A . n 
A 1 103 TYR 103 103 103 TYR TYR A . n 
A 1 104 LEU 104 104 104 LEU LEU A . n 
A 1 105 GLU 105 105 105 GLU GLU A . n 
A 1 106 CYS 106 106 106 CYS CYS A . n 
A 1 107 ILE 107 107 107 ILE ILE A . n 
A 1 108 LEU 108 108 108 LEU LEU A . n 
A 1 109 HIS 109 109 109 HIS HIS A . n 
A 1 110 GLY 110 110 110 GLY GLY A . n 
A 1 111 ASP 111 111 111 ASP ASP A . n 
A 1 112 SER 112 112 112 SER SER A . n 
A 1 113 ALA 113 113 113 ALA ALA A . n 
A 1 114 LYS 114 114 114 LYS LYS A . n 
A 1 115 ARG 115 115 115 ARG ARG A . n 
A 1 116 TYR 116 116 116 TYR TYR A . n 
A 1 117 ASN 117 117 117 ASN ASN A . n 
A 1 118 MET 118 118 118 MET MET A . n 
A 1 119 SER 119 119 119 SER SER A . n 
A 1 120 ILE 120 120 120 ILE ILE A . n 
A 1 121 GLU 121 121 121 GLU GLU A . n 
A 1 122 LYS 122 122 122 LYS LYS A . n 
A 1 123 VAL 123 123 123 VAL VAL A . n 
A 1 124 ASP 124 124 124 ASP ASP A . n 
A 1 125 SER 125 125 125 SER SER A . n 
A 1 126 GLU 126 126 126 GLU GLU A . n 
A 1 127 GLU 127 127 127 GLU GLU A . n 
A 1 128 PRO 128 128 128 PRO PRO A . n 
A 1 129 GLU 129 129 129 GLU GLU A . n 
A 1 130 LEU 130 130 130 LEU LEU A . n 
A 1 131 ASN 131 131 131 ASN ASN A . n 
A 1 132 GLU 132 132 132 GLU GLU A . n 
A 1 133 ILE 133 133 133 ILE ILE A . n 
A 1 134 LYS 134 134 134 LYS LYS A . n 
A 1 135 SER 135 135 135 SER SER A . n 
A 1 136 ARG 136 136 136 ARG ARG A . n 
A 1 137 LYS 137 137 137 LYS LYS A . n 
A 1 138 ARG 138 138 138 ARG ARG A . n 
A 1 139 LEU 139 139 139 LEU LEU A . n 
A 1 140 TYR 140 140 140 TYR TYR A . n 
A 1 141 VAL 141 141 141 VAL VAL A . n 
A 1 142 GLN 142 142 ?   ?   ?   A . n 
A 1 143 ASN 143 143 ?   ?   ?   A . n 
B 2 1   DG  1   1   1   DG  G   B . n 
B 2 2   DC  2   2   2   DC  C   B . n 
B 2 3   DT  3   3   3   DT  T   B . n 
B 2 4   DT  4   4   4   DT  T   B . n 
B 2 5   DA  5   5   5   DA  A   B . n 
B 2 6   DC  6   6   6   DC  C   B . n 
B 2 7   DG  7   7   7   DG  G   B . n 
B 2 8   DG  8   8   8   DG  G   B . n 
B 2 9   DT  9   9   9   DT  T   B . n 
# 
loop_
_pdbx_nonpoly_scheme.asym_id 
_pdbx_nonpoly_scheme.entity_id 
_pdbx_nonpoly_scheme.mon_id 
_pdbx_nonpoly_scheme.ndb_seq_num 
_pdbx_nonpoly_scheme.pdb_seq_num 
_pdbx_nonpoly_scheme.auth_seq_num 
_pdbx_nonpoly_scheme.pdb_mon_id 
_pdbx_nonpoly_scheme.auth_mon_id 
_pdbx_nonpoly_scheme.pdb_strand_id 
_pdbx_nonpoly_scheme.pdb_ins_code 
C 3 HOH 1   201 1   HOH HOH A . 
C 3 HOH 2   202 2   HOH HOH A . 
C 3 HOH 3   203 3   HOH HOH A . 
C 3 HOH 4   204 4   HOH HOH A . 
C 3 HOH 5   205 5   HOH HOH A . 
C 3 HOH 6   206 6   HOH HOH A . 
C 3 HOH 7   207 7   HOH HOH A . 
C 3 HOH 8   208 9   HOH HOH A . 
C 3 HOH 9   209 10  HOH HOH A . 
C 3 HOH 10  210 11  HOH HOH A . 
C 3 HOH 11  211 12  HOH HOH A . 
C 3 HOH 12  212 13  HOH HOH A . 
C 3 HOH 13  213 14  HOH HOH A . 
C 3 HOH 14  214 15  HOH HOH A . 
C 3 HOH 15  215 16  HOH HOH A . 
C 3 HOH 16  216 17  HOH HOH A . 
C 3 HOH 17  217 18  HOH HOH A . 
C 3 HOH 18  218 19  HOH HOH A . 
C 3 HOH 19  219 20  HOH HOH A . 
C 3 HOH 20  220 21  HOH HOH A . 
C 3 HOH 21  221 22  HOH HOH A . 
C 3 HOH 22  222 24  HOH HOH A . 
C 3 HOH 23  223 25  HOH HOH A . 
C 3 HOH 24  224 26  HOH HOH A . 
C 3 HOH 25  225 30  HOH HOH A . 
C 3 HOH 26  226 31  HOH HOH A . 
C 3 HOH 27  227 32  HOH HOH A . 
C 3 HOH 28  228 33  HOH HOH A . 
C 3 HOH 29  229 34  HOH HOH A . 
C 3 HOH 30  230 35  HOH HOH A . 
C 3 HOH 31  231 37  HOH HOH A . 
C 3 HOH 32  232 38  HOH HOH A . 
C 3 HOH 33  233 39  HOH HOH A . 
C 3 HOH 34  234 40  HOH HOH A . 
C 3 HOH 35  235 41  HOH HOH A . 
C 3 HOH 36  236 42  HOH HOH A . 
C 3 HOH 37  237 43  HOH HOH A . 
C 3 HOH 38  238 44  HOH HOH A . 
C 3 HOH 39  239 45  HOH HOH A . 
C 3 HOH 40  240 46  HOH HOH A . 
C 3 HOH 41  241 47  HOH HOH A . 
C 3 HOH 42  242 48  HOH HOH A . 
C 3 HOH 43  243 49  HOH HOH A . 
C 3 HOH 44  244 50  HOH HOH A . 
C 3 HOH 45  245 51  HOH HOH A . 
C 3 HOH 46  246 53  HOH HOH A . 
C 3 HOH 47  247 54  HOH HOH A . 
C 3 HOH 48  248 55  HOH HOH A . 
C 3 HOH 49  249 56  HOH HOH A . 
C 3 HOH 50  250 57  HOH HOH A . 
C 3 HOH 51  251 58  HOH HOH A . 
C 3 HOH 52  252 59  HOH HOH A . 
C 3 HOH 53  253 60  HOH HOH A . 
C 3 HOH 54  254 61  HOH HOH A . 
C 3 HOH 55  255 62  HOH HOH A . 
C 3 HOH 56  256 64  HOH HOH A . 
C 3 HOH 57  257 67  HOH HOH A . 
C 3 HOH 58  258 68  HOH HOH A . 
C 3 HOH 59  259 69  HOH HOH A . 
C 3 HOH 60  260 70  HOH HOH A . 
C 3 HOH 61  261 71  HOH HOH A . 
C 3 HOH 62  262 73  HOH HOH A . 
C 3 HOH 63  263 74  HOH HOH A . 
C 3 HOH 64  264 75  HOH HOH A . 
C 3 HOH 65  265 76  HOH HOH A . 
C 3 HOH 66  266 77  HOH HOH A . 
C 3 HOH 67  267 78  HOH HOH A . 
C 3 HOH 68  268 79  HOH HOH A . 
C 3 HOH 69  269 80  HOH HOH A . 
C 3 HOH 70  270 81  HOH HOH A . 
C 3 HOH 71  271 82  HOH HOH A . 
C 3 HOH 72  272 83  HOH HOH A . 
C 3 HOH 73  273 85  HOH HOH A . 
C 3 HOH 74  274 86  HOH HOH A . 
C 3 HOH 75  275 87  HOH HOH A . 
C 3 HOH 76  276 88  HOH HOH A . 
C 3 HOH 77  277 89  HOH HOH A . 
C 3 HOH 78  278 90  HOH HOH A . 
C 3 HOH 79  279 91  HOH HOH A . 
C 3 HOH 80  280 92  HOH HOH A . 
C 3 HOH 81  281 93  HOH HOH A . 
C 3 HOH 82  282 97  HOH HOH A . 
C 3 HOH 83  283 98  HOH HOH A . 
C 3 HOH 84  284 99  HOH HOH A . 
C 3 HOH 85  285 100 HOH HOH A . 
C 3 HOH 86  286 101 HOH HOH A . 
C 3 HOH 87  287 102 HOH HOH A . 
C 3 HOH 88  288 103 HOH HOH A . 
C 3 HOH 89  289 104 HOH HOH A . 
C 3 HOH 90  290 105 HOH HOH A . 
C 3 HOH 91  291 107 HOH HOH A . 
C 3 HOH 92  292 108 HOH HOH A . 
C 3 HOH 93  293 109 HOH HOH A . 
C 3 HOH 94  294 110 HOH HOH A . 
C 3 HOH 95  295 111 HOH HOH A . 
C 3 HOH 96  296 112 HOH HOH A . 
C 3 HOH 97  297 113 HOH HOH A . 
C 3 HOH 98  298 114 HOH HOH A . 
C 3 HOH 99  299 116 HOH HOH A . 
C 3 HOH 100 300 117 HOH HOH A . 
C 3 HOH 101 301 119 HOH HOH A . 
C 3 HOH 102 302 120 HOH HOH A . 
C 3 HOH 103 303 121 HOH HOH A . 
C 3 HOH 104 304 122 HOH HOH A . 
C 3 HOH 105 305 123 HOH HOH A . 
C 3 HOH 106 306 125 HOH HOH A . 
C 3 HOH 107 307 126 HOH HOH A . 
C 3 HOH 108 308 127 HOH HOH A . 
C 3 HOH 109 309 128 HOH HOH A . 
C 3 HOH 110 310 129 HOH HOH A . 
C 3 HOH 111 311 130 HOH HOH A . 
C 3 HOH 112 312 133 HOH HOH A . 
C 3 HOH 113 313 136 HOH HOH A . 
C 3 HOH 114 314 137 HOH HOH A . 
C 3 HOH 115 315 138 HOH HOH A . 
C 3 HOH 116 316 140 HOH HOH A . 
C 3 HOH 117 317 141 HOH HOH A . 
C 3 HOH 118 318 142 HOH HOH A . 
C 3 HOH 119 319 143 HOH HOH A . 
C 3 HOH 120 320 145 HOH HOH A . 
C 3 HOH 121 321 146 HOH HOH A . 
C 3 HOH 122 322 147 HOH HOH A . 
C 3 HOH 123 323 149 HOH HOH A . 
C 3 HOH 124 324 150 HOH HOH A . 
C 3 HOH 125 325 151 HOH HOH A . 
C 3 HOH 126 326 152 HOH HOH A . 
C 3 HOH 127 327 153 HOH HOH A . 
C 3 HOH 128 328 154 HOH HOH A . 
C 3 HOH 129 329 156 HOH HOH A . 
C 3 HOH 130 330 157 HOH HOH A . 
C 3 HOH 131 331 158 HOH HOH A . 
C 3 HOH 132 332 161 HOH HOH A . 
C 3 HOH 133 333 162 HOH HOH A . 
C 3 HOH 134 334 163 HOH HOH A . 
C 3 HOH 135 335 164 HOH HOH A . 
C 3 HOH 136 336 165 HOH HOH A . 
C 3 HOH 137 337 167 HOH HOH A . 
C 3 HOH 138 338 168 HOH HOH A . 
C 3 HOH 139 339 169 HOH HOH A . 
C 3 HOH 140 340 170 HOH HOH A . 
C 3 HOH 141 341 171 HOH HOH A . 
C 3 HOH 142 342 172 HOH HOH A . 
C 3 HOH 143 343 173 HOH HOH A . 
C 3 HOH 144 344 174 HOH HOH A . 
C 3 HOH 145 345 175 HOH HOH A . 
C 3 HOH 146 346 177 HOH HOH A . 
C 3 HOH 147 347 178 HOH HOH A . 
C 3 HOH 148 348 179 HOH HOH A . 
C 3 HOH 149 349 180 HOH HOH A . 
C 3 HOH 150 350 181 HOH HOH A . 
C 3 HOH 151 351 182 HOH HOH A . 
C 3 HOH 152 352 184 HOH HOH A . 
C 3 HOH 153 353 185 HOH HOH A . 
C 3 HOH 154 354 186 HOH HOH A . 
C 3 HOH 155 355 187 HOH HOH A . 
C 3 HOH 156 356 188 HOH HOH A . 
C 3 HOH 157 357 189 HOH HOH A . 
C 3 HOH 158 358 191 HOH HOH A . 
C 3 HOH 159 359 192 HOH HOH A . 
C 3 HOH 160 360 193 HOH HOH A . 
C 3 HOH 161 361 194 HOH HOH A . 
C 3 HOH 162 362 195 HOH HOH A . 
C 3 HOH 163 363 196 HOH HOH A . 
C 3 HOH 164 364 197 HOH HOH A . 
C 3 HOH 165 365 198 HOH HOH A . 
C 3 HOH 166 366 199 HOH HOH A . 
C 3 HOH 167 367 200 HOH HOH A . 
C 3 HOH 168 368 201 HOH HOH A . 
C 3 HOH 169 369 202 HOH HOH A . 
C 3 HOH 170 370 203 HOH HOH A . 
C 3 HOH 171 371 206 HOH HOH A . 
C 3 HOH 172 372 207 HOH HOH A . 
D 3 HOH 1   101 8   HOH HOH B . 
D 3 HOH 2   102 23  HOH HOH B . 
D 3 HOH 3   103 27  HOH HOH B . 
D 3 HOH 4   104 28  HOH HOH B . 
D 3 HOH 5   105 29  HOH HOH B . 
D 3 HOH 6   106 52  HOH HOH B . 
D 3 HOH 7   107 63  HOH HOH B . 
D 3 HOH 8   108 65  HOH HOH B . 
D 3 HOH 9   109 66  HOH HOH B . 
D 3 HOH 10  110 72  HOH HOH B . 
D 3 HOH 11  111 94  HOH HOH B . 
D 3 HOH 12  112 95  HOH HOH B . 
D 3 HOH 13  113 96  HOH HOH B . 
D 3 HOH 14  114 106 HOH HOH B . 
D 3 HOH 15  115 115 HOH HOH B . 
D 3 HOH 16  116 118 HOH HOH B . 
D 3 HOH 17  117 124 HOH HOH B . 
D 3 HOH 18  118 134 HOH HOH B . 
D 3 HOH 19  119 139 HOH HOH B . 
D 3 HOH 20  120 159 HOH HOH B . 
D 3 HOH 21  121 160 HOH HOH B . 
D 3 HOH 22  122 183 HOH HOH B . 
D 3 HOH 23  123 190 HOH HOH B . 
D 3 HOH 24  124 204 HOH HOH B . 
# 
loop_
_software.pdbx_ordinal 
_software.name 
_software.version 
_software.date 
_software.type 
_software.contact_author 
_software.contact_author_email 
_software.classification 
_software.location 
_software.language 
_software.citation_id 
1 DENZO       .       ?                program 'Zbyszek Otwinowski' hkl@hkl-xray.com         'data reduction'  
http://www.hkl-xray.com/                  ?   ? 
2 SCALEPACK   .       ?                package 'Zbyszek Otwinowski' hkl@hkl-xray.com         'data scaling'    
http://www.hkl-xray.com/                  ?   ? 
3 PHENIX      1.7_650 ?                package 'Paul D. Adams'      PDAdams@lbl.gov          refinement        
http://www.phenix-online.org/             C++ ? 
4 PDB_EXTRACT 3.11    'April 22, 2011' package PDB                  deposit@deposit.rcsb.org 'data extraction' 
http://sw-tools.pdb.org/apps/PDB_EXTRACT/ C++ ? 
5 HKL-2000    .       ?                ?       ?                    ?                        'data collection' ? ?   ? 
6 HKL-2000    .       ?                ?       ?                    ?                        'data reduction'  ? ?   ? 
7 HKL-2000    .       ?                ?       ?                    ?                        'data scaling'    ? ?   ? 
8 PHENIX      1.7_650 ?                ?       ?                    ?                        phasing           ? ?   ? 
# 
_cell.length_a           40.959 
_cell.length_b           59.196 
_cell.length_c           66.093 
_cell.angle_alpha        90.000 
_cell.angle_beta         90.000 
_cell.angle_gamma        90.000 
_cell.entry_id           4HID 
_cell.pdbx_unique_axis   ? 
_cell.Z_PDB              4 
_cell.length_a_esd       ? 
_cell.length_b_esd       ? 
_cell.length_c_esd       ? 
_cell.angle_alpha_esd    ? 
_cell.angle_beta_esd     ? 
_cell.angle_gamma_esd    ? 
# 
_symmetry.space_group_name_H-M             'P 21 21 21' 
_symmetry.entry_id                         4HID 
_symmetry.Int_Tables_number                19 
_symmetry.pdbx_full_space_group_name_H-M   ? 
_symmetry.cell_setting                     ? 
_symmetry.space_group_name_Hall            ? 
# 
_exptl.crystals_number   1 
_exptl.entry_id          4HID 
_exptl.method            'X-RAY DIFFRACTION' 
# 
_exptl_crystal.id                    1 
_exptl_crystal.density_Matthews      2.01 
_exptl_crystal.density_meas          ? 
_exptl_crystal.density_percent_sol   38.81 
_exptl_crystal.description           ? 
_exptl_crystal.F_000                 ? 
_exptl_crystal.preparation           ? 
# 
_exptl_crystal_grow.crystal_id      1 
_exptl_crystal_grow.method          'VAPOR DIFFUSION, HANGING DROP' 
_exptl_crystal_grow.pH              7 
_exptl_crystal_grow.temp            290 
_exptl_crystal_grow.pdbx_details    '30% w/V PEG 3350, 0.2M sodium formate, pH 7, VAPOR DIFFUSION, HANGING DROP, temperature 290K' 
_exptl_crystal_grow.temp_details    ? 
_exptl_crystal_grow.pdbx_pH_range   ? 
# 
_diffrn.id                     1 
_diffrn.ambient_temp           100 
_diffrn.ambient_temp_details   ? 
_diffrn.crystal_id             1 
# 
_diffrn_detector.diffrn_id              1 
_diffrn_detector.detector               'IMAGE PLATE' 
_diffrn_detector.type                   'RIGAKU RAXIS IV++' 
_diffrn_detector.pdbx_collection_date   2011-12-28 
_diffrn_detector.details                ? 
# 
_diffrn_radiation.diffrn_id                        1 
_diffrn_radiation.pdbx_diffrn_protocol             'SINGLE WAVELENGTH' 
_diffrn_radiation.monochromator                    'osmic mirrors' 
_diffrn_radiation.wavelength_id                    1 
_diffrn_radiation.pdbx_monochromatic_or_laue_m_l   M 
_diffrn_radiation.pdbx_scattering_type             x-ray 
# 
_diffrn_radiation_wavelength.id           1 
_diffrn_radiation_wavelength.wavelength   1.54 
_diffrn_radiation_wavelength.wt           1.0 
# 
_diffrn_source.diffrn_id                   1 
_diffrn_source.source                      'ROTATING ANODE' 
_diffrn_source.type                        'RIGAKU RUH2R' 
_diffrn_source.pdbx_wavelength_list        1.54 
_diffrn_source.pdbx_wavelength             ? 
_diffrn_source.pdbx_synchrotron_site       ? 
_diffrn_source.pdbx_synchrotron_beamline   ? 
# 
_reflns.entry_id                     4HID 
_reflns.d_resolution_high            1.8220 
_reflns.d_resolution_low             50.000 
_reflns.number_obs                   14145 
_reflns.pdbx_Rmerge_I_obs            0.072 
_reflns.pdbx_netI_over_sigmaI        10.300 
_reflns.pdbx_chi_squared             1.428 
_reflns.pdbx_redundancy              3.300 
_reflns.percent_possible_obs         95.000 
_reflns.observed_criterion_sigma_F   -3 
_reflns.observed_criterion_sigma_I   -3 
_reflns.number_all                   14900 
_reflns.pdbx_Rsym_value              ? 
_reflns.B_iso_Wilson_estimate        ? 
_reflns.R_free_details               ? 
_reflns.limit_h_max                  ? 
_reflns.limit_h_min                  ? 
_reflns.limit_k_max                  ? 
_reflns.limit_k_min                  ? 
_reflns.limit_l_max                  ? 
_reflns.limit_l_min                  ? 
_reflns.observed_criterion_F_max     ? 
_reflns.observed_criterion_F_min     ? 
_reflns.pdbx_scaling_rejects         ? 
_reflns.pdbx_ordinal                 1 
_reflns.pdbx_diffrn_id               1 
# 
loop_
_reflns_shell.d_res_high 
_reflns_shell.d_res_low 
_reflns_shell.number_measured_obs 
_reflns_shell.number_measured_all 
_reflns_shell.number_unique_obs 
_reflns_shell.Rmerge_I_obs 
_reflns_shell.meanI_over_sigI_obs 
_reflns_shell.pdbx_Rsym_value 
_reflns_shell.pdbx_chi_squared 
_reflns_shell.pdbx_redundancy 
_reflns_shell.percent_possible_obs 
_reflns_shell.number_unique_all 
_reflns_shell.percent_possible_all 
_reflns_shell.pdbx_ordinal 
_reflns_shell.pdbx_diffrn_id 
1.830 1.900  ? ? ? 0.321 ? ? 0.720 2.500 ? 1233 83.800 1  1 
1.900 1.970  ? ? ? 0.256 ? ? 0.819 3.200 ? 1362 93.700 2  1 
1.970 2.060  ? ? ? 0.196 ? ? 0.959 3.500 ? 1393 94.300 3  1 
2.060 2.170  ? ? ? 0.153 ? ? 1.002 3.500 ? 1385 95.000 4  1 
2.170 2.310  ? ? ? 0.128 ? ? 1.053 3.500 ? 1388 95.400 5  1 
2.310 2.480  ? ? ? 0.112 ? ? 1.173 3.500 ? 1409 96.200 6  1 
2.480 2.730  ? ? ? 0.091 ? ? 1.391 3.500 ? 1448 96.900 7  1 
2.730 3.130  ? ? ? 0.069 ? ? 1.676 3.500 ? 1449 97.200 8  1 
3.130 3.940  ? ? ? 0.054 ? ? 2.440 3.400 ? 1477 97.700 9  1 
3.940 50.000 ? ? ? 0.049 ? ? 2.599 3.200 ? 1601 98.800 10 1 
# 
_refine.entry_id                                 4HID 
_refine.ls_d_res_high                            1.8220 
_refine.ls_d_res_low                             30.0100 
_refine.pdbx_ls_sigma_F                          0.000 
_refine.pdbx_data_cutoff_high_absF               ? 
_refine.pdbx_data_cutoff_low_absF                ? 
_refine.ls_percent_reflns_obs                    92.3100 
_refine.ls_number_reflns_obs                     13797 
_refine.ls_number_reflns_all                     14900 
_refine.pdbx_ls_cross_valid_method               ? 
_refine.pdbx_R_Free_selection_details            random 
_refine.details                                  ? 
_refine.ls_R_factor_all                          .207 
_refine.ls_R_factor_obs                          0.2070 
_refine.ls_R_factor_R_work                       0.2054 
_refine.ls_wR_factor_R_work                      ? 
_refine.ls_R_factor_R_free                       0.2182 
_refine.ls_wR_factor_R_free                      ? 
_refine.ls_percent_reflns_R_free                 9.9500 
_refine.ls_number_reflns_R_free                  1373 
_refine.ls_R_factor_R_free_error                 ? 
_refine.B_iso_mean                               26.2916 
_refine.solvent_model_param_bsol                 51.4990 
_refine.solvent_model_param_ksol                 0.3850 
_refine.pdbx_isotropic_thermal_model             ? 
_refine.aniso_B[1][1]                            -2.0054 
_refine.aniso_B[2][2]                            3.9925 
_refine.aniso_B[3][3]                            -1.9871 
_refine.aniso_B[1][2]                            0.0000 
_refine.aniso_B[1][3]                            0.0000 
_refine.aniso_B[2][3]                            0.0000 
_refine.correlation_coeff_Fo_to_Fc               ? 
_refine.correlation_coeff_Fo_to_Fc_free          ? 
_refine.overall_SU_R_Cruickshank_DPI             ? 
_refine.overall_SU_R_free                        ? 
_refine.pdbx_overall_ESU_R                       ? 
_refine.pdbx_overall_ESU_R_Free                  ? 
_refine.overall_SU_ML                            0.1200 
_refine.overall_SU_B                             ? 
_refine.solvent_model_details                    'FLAT BULK SOLVENT MODEL' 
_refine.pdbx_solvent_vdw_probe_radii             0.4000 
_refine.pdbx_solvent_ion_probe_radii             ? 
_refine.pdbx_solvent_shrinkage_radii             0.0400 
_refine.ls_number_parameters                     ? 
_refine.ls_number_restraints                     ? 
_refine.pdbx_starting_model                      ? 
_refine.pdbx_method_to_determine_struct          'MOLECULAR REPLACEMENT' 
_refine.pdbx_stereochemistry_target_values       'Engh & Huber' 
_refine.pdbx_stereochem_target_val_spec_case     ? 
_refine.overall_FOM_work_R_set                   0.8491 
_refine.B_iso_max                                70.700 
_refine.B_iso_min                                12.600 
_refine.pdbx_overall_phase_error                 21.5400 
_refine.occupancy_max                            1.000 
_refine.occupancy_min                            0.500 
_refine.pdbx_ls_sigma_I                          ? 
_refine.ls_redundancy_reflns_obs                 ? 
_refine.ls_R_factor_R_free_error_details         ? 
_refine.pdbx_data_cutoff_high_rms_absF           ? 
_refine.overall_FOM_free_R_set                   ? 
_refine.pdbx_diffrn_id                           1 
_refine.pdbx_refine_id                           'X-RAY DIFFRACTION' 
_refine.pdbx_TLS_residual_ADP_flag               ? 
_refine.pdbx_overall_SU_R_free_Cruickshank_DPI   ? 
_refine.pdbx_overall_SU_R_Blow_DPI               ? 
_refine.pdbx_overall_SU_R_free_Blow_DPI          ? 
# 
_refine_hist.pdbx_refine_id                   'X-RAY DIFFRACTION' 
_refine_hist.cycle_id                         LAST 
_refine_hist.pdbx_number_atoms_protein        1169 
_refine_hist.pdbx_number_atoms_nucleic_acid   182 
_refine_hist.pdbx_number_atoms_ligand         0 
_refine_hist.number_atoms_solvent             196 
_refine_hist.number_atoms_total               1547 
_refine_hist.d_res_high                       1.8220 
_refine_hist.d_res_low                        30.0100 
# 
loop_
_refine_ls_restr.type 
_refine_ls_restr.number 
_refine_ls_restr.dev_ideal 
_refine_ls_restr.dev_ideal_target 
_refine_ls_restr.weight 
_refine_ls_restr.pdbx_restraint_function 
_refine_ls_restr.pdbx_refine_id 
f_bond_d           1409 0.007  ? ? ? 'X-RAY DIFFRACTION' 
f_angle_d          1942 0.797  ? ? ? 'X-RAY DIFFRACTION' 
f_chiral_restr     202  0.052  ? ? ? 'X-RAY DIFFRACTION' 
f_plane_restr      215  0.003  ? ? ? 'X-RAY DIFFRACTION' 
f_dihedral_angle_d 536  19.844 ? ? ? 'X-RAY DIFFRACTION' 
# 
loop_
_refine_ls_shell.d_res_high 
_refine_ls_shell.d_res_low 
_refine_ls_shell.pdbx_total_number_of_bins_used 
_refine_ls_shell.percent_reflns_obs 
_refine_ls_shell.number_reflns_R_work 
_refine_ls_shell.R_factor_all 
_refine_ls_shell.R_factor_R_work 
_refine_ls_shell.R_factor_R_free 
_refine_ls_shell.percent_reflns_R_free 
_refine_ls_shell.number_reflns_R_free 
_refine_ls_shell.R_factor_R_free_error 
_refine_ls_shell.number_reflns_all 
_refine_ls_shell.number_reflns_obs 
_refine_ls_shell.redundancy_reflns_obs 
_refine_ls_shell.pdbx_refine_id 
1.8216 1.8867  10 71.0000 951  . 0.2913 0.3908 . 105 . 1056 . . 'X-RAY DIFFRACTION' 
1.8867 1.9622  10 89.0000 1165 . 0.2370 0.2697 . 126 . 1291 . . 'X-RAY DIFFRACTION' 
1.9622 2.0515  10 92.0000 1220 . 0.2112 0.2255 . 137 . 1357 . . 'X-RAY DIFFRACTION' 
2.0515 2.1597  10 93.0000 1221 . 0.2158 0.2491 . 134 . 1355 . . 'X-RAY DIFFRACTION' 
2.1597 2.2949  10 94.0000 1250 . 0.2128 0.2345 . 140 . 1390 . . 'X-RAY DIFFRACTION' 
2.2949 2.4720  10 94.0000 1247 . 0.2077 0.2386 . 140 . 1387 . . 'X-RAY DIFFRACTION' 
2.4720 2.7207  10 97.0000 1296 . 0.2129 0.2473 . 142 . 1438 . . 'X-RAY DIFFRACTION' 
2.7207 3.1140  10 97.0000 1306 . 0.2128 0.2464 . 144 . 1450 . . 'X-RAY DIFFRACTION' 
3.1140 3.9219  10 98.0000 1334 . 0.1845 0.1691 . 146 . 1480 . . 'X-RAY DIFFRACTION' 
3.9219 30.0140 10 99.0000 1434 . 0.1950 0.1978 . 159 . 1593 . . 'X-RAY DIFFRACTION' 
# 
_struct.entry_id                  4HID 
_struct.title                     'Crystal Structure of Schizosaccharomyces pombe Pot1pC bound to ssDNA (GCTTACGGT)' 
_struct.pdbx_model_details        ? 
_struct.pdbx_CASP_flag            ? 
_struct.pdbx_model_type_details   ? 
# 
_struct_keywords.entry_id        4HID 
_struct_keywords.text            'specificity, plasticity, promiscuity, OB-fold, DNA-binding, telomeric DNA, DNA BINDING PROTEIN' 
_struct_keywords.pdbx_keywords   'DNA BINDING PROTEIN' 
# 
loop_
_struct_asym.id 
_struct_asym.pdbx_blank_PDB_chainid_flag 
_struct_asym.pdbx_modified 
_struct_asym.entity_id 
_struct_asym.details 
A N N 1 ? 
B N N 2 ? 
C N N 3 ? 
D N N 3 ? 
# 
loop_
_struct_ref.id 
_struct_ref.db_name 
_struct_ref.db_code 
_struct_ref.pdbx_db_accession 
_struct_ref.entity_id 
_struct_ref.pdbx_seq_one_letter_code 
_struct_ref.pdbx_align_begin 
_struct_ref.pdbx_db_isoform 
1 UNP POT1_SCHPO O13988 1 
;SVSFSLLSQITPHQRCSFYAQVIKTWYSDKNFTLYVTDYTENELFFPMSPYTSSSRWRGPFGRFSIRCILWDEHDFYCRN
YIKEGDYVVMKNVRTKIDHLGYLECILHGDSAKRYNMSIEKVDSEEPELNEIKSRKRLYVQN
;
198 ? 
2 PDB 4HID       4HID   2 ? ?   ? 
# 
loop_
_struct_ref_seq.align_id 
_struct_ref_seq.ref_id 
_struct_ref_seq.pdbx_PDB_id_code 
_struct_ref_seq.pdbx_strand_id 
_struct_ref_seq.seq_align_beg 
_struct_ref_seq.pdbx_seq_align_beg_ins_code 
_struct_ref_seq.seq_align_end 
_struct_ref_seq.pdbx_seq_align_end_ins_code 
_struct_ref_seq.pdbx_db_accession 
_struct_ref_seq.db_align_beg 
_struct_ref_seq.pdbx_db_align_beg_ins_code 
_struct_ref_seq.db_align_end 
_struct_ref_seq.pdbx_db_align_end_ins_code 
_struct_ref_seq.pdbx_auth_seq_align_beg 
_struct_ref_seq.pdbx_auth_seq_align_end 
1 1 4HID A 2 ? 143 ? O13988 198 ? 339 ? 2 143 
2 2 4HID B 1 ? 9   ? 4HID   1   ? 9   ? 1 9   
# 
loop_
_struct_ref_seq_dif.align_id 
_struct_ref_seq_dif.pdbx_pdb_id_code 
_struct_ref_seq_dif.mon_id 
_struct_ref_seq_dif.pdbx_pdb_strand_id 
_struct_ref_seq_dif.seq_num 
_struct_ref_seq_dif.pdbx_pdb_ins_code 
_struct_ref_seq_dif.pdbx_seq_db_name 
_struct_ref_seq_dif.pdbx_seq_db_accession_code 
_struct_ref_seq_dif.db_mon_id 
_struct_ref_seq_dif.pdbx_seq_db_seq_num 
_struct_ref_seq_dif.details 
_struct_ref_seq_dif.pdbx_auth_seq_num 
_struct_ref_seq_dif.pdbx_ordinal 
1 4HID MET A 1 ? UNP O13988 ?   ?   'expression tag'      1 1 
1 4HID ASP A 3 ? UNP O13988 VAL 199 'engineered mutation' 3 2 
# 
_pdbx_struct_assembly.id                   1 
_pdbx_struct_assembly.details              author_and_software_defined_assembly 
_pdbx_struct_assembly.method_details       PISA 
_pdbx_struct_assembly.oligomeric_details   dimeric 
_pdbx_struct_assembly.oligomeric_count     2 
# 
loop_
_pdbx_struct_assembly_prop.biol_id 
_pdbx_struct_assembly_prop.type 
_pdbx_struct_assembly_prop.value 
_pdbx_struct_assembly_prop.details 
1 'ABSA (A^2)' 2070 ? 
1 MORE         -4   ? 
1 'SSA (A^2)'  8660 ? 
# 
_pdbx_struct_assembly_gen.assembly_id       1 
_pdbx_struct_assembly_gen.oper_expression   1 
_pdbx_struct_assembly_gen.asym_id_list      A,B,C,D 
# 
_pdbx_struct_oper_list.id                   1 
_pdbx_struct_oper_list.type                 'identity operation' 
_pdbx_struct_oper_list.name                 1_555 
_pdbx_struct_oper_list.symmetry_operation   x,y,z 
_pdbx_struct_oper_list.matrix[1][1]         1.0000000000 
_pdbx_struct_oper_list.matrix[1][2]         0.0000000000 
_pdbx_struct_oper_list.matrix[1][3]         0.0000000000 
_pdbx_struct_oper_list.vector[1]            0.0000000000 
_pdbx_struct_oper_list.matrix[2][1]         0.0000000000 
_pdbx_struct_oper_list.matrix[2][2]         1.0000000000 
_pdbx_struct_oper_list.matrix[2][3]         0.0000000000 
_pdbx_struct_oper_list.vector[2]            0.0000000000 
_pdbx_struct_oper_list.matrix[3][1]         0.0000000000 
_pdbx_struct_oper_list.matrix[3][2]         0.0000000000 
_pdbx_struct_oper_list.matrix[3][3]         1.0000000000 
_pdbx_struct_oper_list.vector[3]            0.0000000000 
# 
_struct_biol.id        1 
_struct_biol.details   ? 
# 
loop_
_struct_conf.conf_type_id 
_struct_conf.id 
_struct_conf.pdbx_PDB_helix_id 
_struct_conf.beg_label_comp_id 
_struct_conf.beg_label_asym_id 
_struct_conf.beg_label_seq_id 
_struct_conf.pdbx_beg_PDB_ins_code 
_struct_conf.end_label_comp_id 
_struct_conf.end_label_asym_id 
_struct_conf.end_label_seq_id 
_struct_conf.pdbx_end_PDB_ins_code 
_struct_conf.beg_auth_comp_id 
_struct_conf.beg_auth_asym_id 
_struct_conf.beg_auth_seq_id 
_struct_conf.end_auth_comp_id 
_struct_conf.end_auth_asym_id 
_struct_conf.end_auth_seq_id 
_struct_conf.pdbx_PDB_helix_class 
_struct_conf.details 
_struct_conf.pdbx_PDB_helix_length 
HELX_P HELX_P1 1 LEU A 7   ? ILE A 11  ? LEU A 7   ILE A 11  5 ? 5  
HELX_P HELX_P2 2 TRP A 72  ? ARG A 80  ? TRP A 72  ARG A 80  1 ? 9  
HELX_P HELX_P3 3 GLU A 127 ? GLU A 129 ? GLU A 127 GLU A 129 5 ? 3  
HELX_P HELX_P4 4 LEU A 130 ? VAL A 141 ? LEU A 130 VAL A 141 1 ? 12 
# 
_struct_conf_type.id          HELX_P 
_struct_conf_type.criteria    ? 
_struct_conf_type.reference   ? 
# 
_struct_sheet.id               A 
_struct_sheet.type             ? 
_struct_sheet.number_strands   7 
_struct_sheet.details          ? 
# 
loop_
_struct_sheet_order.sheet_id 
_struct_sheet_order.range_id_1 
_struct_sheet_order.range_id_2 
_struct_sheet_order.offset 
_struct_sheet_order.sense 
A 1 2 ? anti-parallel 
A 2 3 ? anti-parallel 
A 3 4 ? parallel      
A 4 5 ? anti-parallel 
A 5 6 ? anti-parallel 
A 6 7 ? anti-parallel 
# 
loop_
_struct_sheet_range.sheet_id 
_struct_sheet_range.id 
_struct_sheet_range.beg_label_comp_id 
_struct_sheet_range.beg_label_asym_id 
_struct_sheet_range.beg_label_seq_id 
_struct_sheet_range.pdbx_beg_PDB_ins_code 
_struct_sheet_range.end_label_comp_id 
_struct_sheet_range.end_label_asym_id 
_struct_sheet_range.end_label_seq_id 
_struct_sheet_range.pdbx_end_PDB_ins_code 
_struct_sheet_range.beg_auth_comp_id 
_struct_sheet_range.beg_auth_asym_id 
_struct_sheet_range.beg_auth_seq_id 
_struct_sheet_range.end_auth_comp_id 
_struct_sheet_range.end_auth_asym_id 
_struct_sheet_range.end_auth_seq_id 
A 1 SER A 119 ? VAL A 123 ? SER A 119 VAL A 123 
A 2 TYR A 88  ? ILE A 98  ? TYR A 88  ILE A 98  
A 3 LEU A 104 ? LEU A 108 ? LEU A 104 LEU A 108 
A 4 ILE A 67  ? LEU A 71  ? ILE A 67  LEU A 71  
A 5 PHE A 33  ? THR A 38  ? PHE A 33  THR A 38  
A 6 CYS A 17  ? TYR A 28  ? CYS A 17  TYR A 28  
A 7 TYR A 88  ? ILE A 98  ? TYR A 88  ILE A 98  
# 
loop_
_pdbx_struct_sheet_hbond.sheet_id 
_pdbx_struct_sheet_hbond.range_id_1 
_pdbx_struct_sheet_hbond.range_id_2 
_pdbx_struct_sheet_hbond.range_1_label_atom_id 
_pdbx_struct_sheet_hbond.range_1_label_comp_id 
_pdbx_struct_sheet_hbond.range_1_label_asym_id 
_pdbx_struct_sheet_hbond.range_1_label_seq_id 
_pdbx_struct_sheet_hbond.range_1_PDB_ins_code 
_pdbx_struct_sheet_hbond.range_1_auth_atom_id 
_pdbx_struct_sheet_hbond.range_1_auth_comp_id 
_pdbx_struct_sheet_hbond.range_1_auth_asym_id 
_pdbx_struct_sheet_hbond.range_1_auth_seq_id 
_pdbx_struct_sheet_hbond.range_2_label_atom_id 
_pdbx_struct_sheet_hbond.range_2_label_comp_id 
_pdbx_struct_sheet_hbond.range_2_label_asym_id 
_pdbx_struct_sheet_hbond.range_2_label_seq_id 
_pdbx_struct_sheet_hbond.range_2_PDB_ins_code 
_pdbx_struct_sheet_hbond.range_2_auth_atom_id 
_pdbx_struct_sheet_hbond.range_2_auth_comp_id 
_pdbx_struct_sheet_hbond.range_2_auth_asym_id 
_pdbx_struct_sheet_hbond.range_2_auth_seq_id 
A 1 2 O SER A 119 ? O SER A 119 N LYS A 92  ? N LYS A 92  
A 2 3 N ARG A 95  ? N ARG A 95  O ILE A 107 ? O ILE A 107 
A 3 4 O LEU A 108 ? O LEU A 108 N ILE A 70  ? N ILE A 70  
A 4 5 O CYS A 69  ? O CYS A 69  N LEU A 35  ? N LEU A 35  
A 5 6 O THR A 38  ? O THR A 38  N GLN A 22  ? N GLN A 22  
A 6 7 N ALA A 21  ? N ALA A 21  O VAL A 89  ? O VAL A 89  
# 
loop_
_pdbx_validate_close_contact.id 
_pdbx_validate_close_contact.PDB_model_num 
_pdbx_validate_close_contact.auth_atom_id_1 
_pdbx_validate_close_contact.auth_asym_id_1 
_pdbx_validate_close_contact.auth_comp_id_1 
_pdbx_validate_close_contact.auth_seq_id_1 
_pdbx_validate_close_contact.PDB_ins_code_1 
_pdbx_validate_close_contact.label_alt_id_1 
_pdbx_validate_close_contact.auth_atom_id_2 
_pdbx_validate_close_contact.auth_asym_id_2 
_pdbx_validate_close_contact.auth_comp_id_2 
_pdbx_validate_close_contact.auth_seq_id_2 
_pdbx_validate_close_contact.PDB_ins_code_2 
_pdbx_validate_close_contact.label_alt_id_2 
_pdbx_validate_close_contact.dist 
1 1 O   A HOH 242 ? ? O A HOH 324 ? ? 1.96 
2 1 O   A HOH 346 ? ? O A HOH 354 ? ? 2.06 
3 1 OD2 A ASP 30  ? ? O A HOH 371 ? ? 2.06 
# 
loop_
_pdbx_validate_rmsd_angle.id 
_pdbx_validate_rmsd_angle.PDB_model_num 
_pdbx_validate_rmsd_angle.auth_atom_id_1 
_pdbx_validate_rmsd_angle.auth_asym_id_1 
_pdbx_validate_rmsd_angle.auth_comp_id_1 
_pdbx_validate_rmsd_angle.auth_seq_id_1 
_pdbx_validate_rmsd_angle.PDB_ins_code_1 
_pdbx_validate_rmsd_angle.label_alt_id_1 
_pdbx_validate_rmsd_angle.auth_atom_id_2 
_pdbx_validate_rmsd_angle.auth_asym_id_2 
_pdbx_validate_rmsd_angle.auth_comp_id_2 
_pdbx_validate_rmsd_angle.auth_seq_id_2 
_pdbx_validate_rmsd_angle.PDB_ins_code_2 
_pdbx_validate_rmsd_angle.label_alt_id_2 
_pdbx_validate_rmsd_angle.auth_atom_id_3 
_pdbx_validate_rmsd_angle.auth_asym_id_3 
_pdbx_validate_rmsd_angle.auth_comp_id_3 
_pdbx_validate_rmsd_angle.auth_seq_id_3 
_pdbx_validate_rmsd_angle.PDB_ins_code_3 
_pdbx_validate_rmsd_angle.label_alt_id_3 
_pdbx_validate_rmsd_angle.angle_value 
_pdbx_validate_rmsd_angle.angle_target_value 
_pdbx_validate_rmsd_angle.angle_deviation 
_pdbx_validate_rmsd_angle.angle_standard_deviation 
_pdbx_validate_rmsd_angle.linker_flag 
1 1 "C3'" B DT 3 ? ? "C2'" B DT 3 ? ? "C1'" B DT 3 ? ? 97.40  102.40 -5.00 0.80 N 
2 1 "O4'" B DT 3 ? ? "C1'" B DT 3 ? ? N1    B DT 3 ? ? 110.87 108.30 2.57  0.30 N 
3 1 "O4'" B DC 6 ? ? "C1'" B DC 6 ? ? N1    B DC 6 ? ? 111.38 108.30 3.08  0.30 N 
# 
loop_
_pdbx_validate_torsion.id 
_pdbx_validate_torsion.PDB_model_num 
_pdbx_validate_torsion.auth_comp_id 
_pdbx_validate_torsion.auth_asym_id 
_pdbx_validate_torsion.auth_seq_id 
_pdbx_validate_torsion.PDB_ins_code 
_pdbx_validate_torsion.label_alt_id 
_pdbx_validate_torsion.phi 
_pdbx_validate_torsion.psi 
1 1 TRP A 27  ? ? -162.95 118.74  
2 1 TRP A 58  ? ? -50.16  107.21  
3 1 ASP A 73  ? ? 58.37   -127.44 
4 1 TYR A 82  ? ? -146.28 -62.32  
5 1 ASP A 111 ? ? -162.65 66.51   
# 
loop_
_pdbx_unobs_or_zero_occ_residues.id 
_pdbx_unobs_or_zero_occ_residues.PDB_model_num 
_pdbx_unobs_or_zero_occ_residues.polymer_flag 
_pdbx_unobs_or_zero_occ_residues.occupancy_flag 
_pdbx_unobs_or_zero_occ_residues.auth_asym_id 
_pdbx_unobs_or_zero_occ_residues.auth_comp_id 
_pdbx_unobs_or_zero_occ_residues.auth_seq_id 
_pdbx_unobs_or_zero_occ_residues.PDB_ins_code 
_pdbx_unobs_or_zero_occ_residues.label_asym_id 
_pdbx_unobs_or_zero_occ_residues.label_comp_id 
_pdbx_unobs_or_zero_occ_residues.label_seq_id 
1 1 Y 1 A MET 1   ? A MET 1   
2 1 Y 1 A SER 2   ? A SER 2   
3 1 Y 1 A ASP 3   ? A ASP 3   
4 1 Y 1 A GLN 142 ? A GLN 142 
5 1 Y 1 A ASN 143 ? A ASN 143 
# 
loop_
_chem_comp_atom.comp_id 
_chem_comp_atom.atom_id 
_chem_comp_atom.type_symbol 
_chem_comp_atom.pdbx_aromatic_flag 
_chem_comp_atom.pdbx_stereo_config 
_chem_comp_atom.pdbx_ordinal 
ALA N      N N N 1   
ALA CA     C N S 2   
ALA C      C N N 3   
ALA O      O N N 4   
ALA CB     C N N 5   
ALA OXT    O N N 6   
ALA H      H N N 7   
ALA H2     H N N 8   
ALA HA     H N N 9   
ALA HB1    H N N 10  
ALA HB2    H N N 11  
ALA HB3    H N N 12  
ALA HXT    H N N 13  
ARG N      N N N 14  
ARG CA     C N S 15  
ARG C      C N N 16  
ARG O      O N N 17  
ARG CB     C N N 18  
ARG CG     C N N 19  
ARG CD     C N N 20  
ARG NE     N N N 21  
ARG CZ     C N N 22  
ARG NH1    N N N 23  
ARG NH2    N N N 24  
ARG OXT    O N N 25  
ARG H      H N N 26  
ARG H2     H N N 27  
ARG HA     H N N 28  
ARG HB2    H N N 29  
ARG HB3    H N N 30  
ARG HG2    H N N 31  
ARG HG3    H N N 32  
ARG HD2    H N N 33  
ARG HD3    H N N 34  
ARG HE     H N N 35  
ARG HH11   H N N 36  
ARG HH12   H N N 37  
ARG HH21   H N N 38  
ARG HH22   H N N 39  
ARG HXT    H N N 40  
ASN N      N N N 41  
ASN CA     C N S 42  
ASN C      C N N 43  
ASN O      O N N 44  
ASN CB     C N N 45  
ASN CG     C N N 46  
ASN OD1    O N N 47  
ASN ND2    N N N 48  
ASN OXT    O N N 49  
ASN H      H N N 50  
ASN H2     H N N 51  
ASN HA     H N N 52  
ASN HB2    H N N 53  
ASN HB3    H N N 54  
ASN HD21   H N N 55  
ASN HD22   H N N 56  
ASN HXT    H N N 57  
ASP N      N N N 58  
ASP CA     C N S 59  
ASP C      C N N 60  
ASP O      O N N 61  
ASP CB     C N N 62  
ASP CG     C N N 63  
ASP OD1    O N N 64  
ASP OD2    O N N 65  
ASP OXT    O N N 66  
ASP H      H N N 67  
ASP H2     H N N 68  
ASP HA     H N N 69  
ASP HB2    H N N 70  
ASP HB3    H N N 71  
ASP HD2    H N N 72  
ASP HXT    H N N 73  
CYS N      N N N 74  
CYS CA     C N R 75  
CYS C      C N N 76  
CYS O      O N N 77  
CYS CB     C N N 78  
CYS SG     S N N 79  
CYS OXT    O N N 80  
CYS H      H N N 81  
CYS H2     H N N 82  
CYS HA     H N N 83  
CYS HB2    H N N 84  
CYS HB3    H N N 85  
CYS HG     H N N 86  
CYS HXT    H N N 87  
DA  OP3    O N N 88  
DA  P      P N N 89  
DA  OP1    O N N 90  
DA  OP2    O N N 91  
DA  "O5'"  O N N 92  
DA  "C5'"  C N N 93  
DA  "C4'"  C N R 94  
DA  "O4'"  O N N 95  
DA  "C3'"  C N S 96  
DA  "O3'"  O N N 97  
DA  "C2'"  C N N 98  
DA  "C1'"  C N R 99  
DA  N9     N Y N 100 
DA  C8     C Y N 101 
DA  N7     N Y N 102 
DA  C5     C Y N 103 
DA  C6     C Y N 104 
DA  N6     N N N 105 
DA  N1     N Y N 106 
DA  C2     C Y N 107 
DA  N3     N Y N 108 
DA  C4     C Y N 109 
DA  HOP3   H N N 110 
DA  HOP2   H N N 111 
DA  "H5'"  H N N 112 
DA  "H5''" H N N 113 
DA  "H4'"  H N N 114 
DA  "H3'"  H N N 115 
DA  "HO3'" H N N 116 
DA  "H2'"  H N N 117 
DA  "H2''" H N N 118 
DA  "H1'"  H N N 119 
DA  H8     H N N 120 
DA  H61    H N N 121 
DA  H62    H N N 122 
DA  H2     H N N 123 
DC  OP3    O N N 124 
DC  P      P N N 125 
DC  OP1    O N N 126 
DC  OP2    O N N 127 
DC  "O5'"  O N N 128 
DC  "C5'"  C N N 129 
DC  "C4'"  C N R 130 
DC  "O4'"  O N N 131 
DC  "C3'"  C N S 132 
DC  "O3'"  O N N 133 
DC  "C2'"  C N N 134 
DC  "C1'"  C N R 135 
DC  N1     N N N 136 
DC  C2     C N N 137 
DC  O2     O N N 138 
DC  N3     N N N 139 
DC  C4     C N N 140 
DC  N4     N N N 141 
DC  C5     C N N 142 
DC  C6     C N N 143 
DC  HOP3   H N N 144 
DC  HOP2   H N N 145 
DC  "H5'"  H N N 146 
DC  "H5''" H N N 147 
DC  "H4'"  H N N 148 
DC  "H3'"  H N N 149 
DC  "HO3'" H N N 150 
DC  "H2'"  H N N 151 
DC  "H2''" H N N 152 
DC  "H1'"  H N N 153 
DC  H41    H N N 154 
DC  H42    H N N 155 
DC  H5     H N N 156 
DC  H6     H N N 157 
DG  OP3    O N N 158 
DG  P      P N N 159 
DG  OP1    O N N 160 
DG  OP2    O N N 161 
DG  "O5'"  O N N 162 
DG  "C5'"  C N N 163 
DG  "C4'"  C N R 164 
DG  "O4'"  O N N 165 
DG  "C3'"  C N S 166 
DG  "O3'"  O N N 167 
DG  "C2'"  C N N 168 
DG  "C1'"  C N R 169 
DG  N9     N Y N 170 
DG  C8     C Y N 171 
DG  N7     N Y N 172 
DG  C5     C Y N 173 
DG  C6     C N N 174 
DG  O6     O N N 175 
DG  N1     N N N 176 
DG  C2     C N N 177 
DG  N2     N N N 178 
DG  N3     N N N 179 
DG  C4     C Y N 180 
DG  HOP3   H N N 181 
DG  HOP2   H N N 182 
DG  "H5'"  H N N 183 
DG  "H5''" H N N 184 
DG  "H4'"  H N N 185 
DG  "H3'"  H N N 186 
DG  "HO3'" H N N 187 
DG  "H2'"  H N N 188 
DG  "H2''" H N N 189 
DG  "H1'"  H N N 190 
DG  H8     H N N 191 
DG  H1     H N N 192 
DG  H21    H N N 193 
DG  H22    H N N 194 
DT  OP3    O N N 195 
DT  P      P N N 196 
DT  OP1    O N N 197 
DT  OP2    O N N 198 
DT  "O5'"  O N N 199 
DT  "C5'"  C N N 200 
DT  "C4'"  C N R 201 
DT  "O4'"  O N N 202 
DT  "C3'"  C N S 203 
DT  "O3'"  O N N 204 
DT  "C2'"  C N N 205 
DT  "C1'"  C N R 206 
DT  N1     N N N 207 
DT  C2     C N N 208 
DT  O2     O N N 209 
DT  N3     N N N 210 
DT  C4     C N N 211 
DT  O4     O N N 212 
DT  C5     C N N 213 
DT  C7     C N N 214 
DT  C6     C N N 215 
DT  HOP3   H N N 216 
DT  HOP2   H N N 217 
DT  "H5'"  H N N 218 
DT  "H5''" H N N 219 
DT  "H4'"  H N N 220 
DT  "H3'"  H N N 221 
DT  "HO3'" H N N 222 
DT  "H2'"  H N N 223 
DT  "H2''" H N N 224 
DT  "H1'"  H N N 225 
DT  H3     H N N 226 
DT  H71    H N N 227 
DT  H72    H N N 228 
DT  H73    H N N 229 
DT  H6     H N N 230 
GLN N      N N N 231 
GLN CA     C N S 232 
GLN C      C N N 233 
GLN O      O N N 234 
GLN CB     C N N 235 
GLN CG     C N N 236 
GLN CD     C N N 237 
GLN OE1    O N N 238 
GLN NE2    N N N 239 
GLN OXT    O N N 240 
GLN H      H N N 241 
GLN H2     H N N 242 
GLN HA     H N N 243 
GLN HB2    H N N 244 
GLN HB3    H N N 245 
GLN HG2    H N N 246 
GLN HG3    H N N 247 
GLN HE21   H N N 248 
GLN HE22   H N N 249 
GLN HXT    H N N 250 
GLU N      N N N 251 
GLU CA     C N S 252 
GLU C      C N N 253 
GLU O      O N N 254 
GLU CB     C N N 255 
GLU CG     C N N 256 
GLU CD     C N N 257 
GLU OE1    O N N 258 
GLU OE2    O N N 259 
GLU OXT    O N N 260 
GLU H      H N N 261 
GLU H2     H N N 262 
GLU HA     H N N 263 
GLU HB2    H N N 264 
GLU HB3    H N N 265 
GLU HG2    H N N 266 
GLU HG3    H N N 267 
GLU HE2    H N N 268 
GLU HXT    H N N 269 
GLY N      N N N 270 
GLY CA     C N N 271 
GLY C      C N N 272 
GLY O      O N N 273 
GLY OXT    O N N 274 
GLY H      H N N 275 
GLY H2     H N N 276 
GLY HA2    H N N 277 
GLY HA3    H N N 278 
GLY HXT    H N N 279 
HIS N      N N N 280 
HIS CA     C N S 281 
HIS C      C N N 282 
HIS O      O N N 283 
HIS CB     C N N 284 
HIS CG     C Y N 285 
HIS ND1    N Y N 286 
HIS CD2    C Y N 287 
HIS CE1    C Y N 288 
HIS NE2    N Y N 289 
HIS OXT    O N N 290 
HIS H      H N N 291 
HIS H2     H N N 292 
HIS HA     H N N 293 
HIS HB2    H N N 294 
HIS HB3    H N N 295 
HIS HD1    H N N 296 
HIS HD2    H N N 297 
HIS HE1    H N N 298 
HIS HE2    H N N 299 
HIS HXT    H N N 300 
HOH O      O N N 301 
HOH H1     H N N 302 
HOH H2     H N N 303 
ILE N      N N N 304 
ILE CA     C N S 305 
ILE C      C N N 306 
ILE O      O N N 307 
ILE CB     C N S 308 
ILE CG1    C N N 309 
ILE CG2    C N N 310 
ILE CD1    C N N 311 
ILE OXT    O N N 312 
ILE H      H N N 313 
ILE H2     H N N 314 
ILE HA     H N N 315 
ILE HB     H N N 316 
ILE HG12   H N N 317 
ILE HG13   H N N 318 
ILE HG21   H N N 319 
ILE HG22   H N N 320 
ILE HG23   H N N 321 
ILE HD11   H N N 322 
ILE HD12   H N N 323 
ILE HD13   H N N 324 
ILE HXT    H N N 325 
LEU N      N N N 326 
LEU CA     C N S 327 
LEU C      C N N 328 
LEU O      O N N 329 
LEU CB     C N N 330 
LEU CG     C N N 331 
LEU CD1    C N N 332 
LEU CD2    C N N 333 
LEU OXT    O N N 334 
LEU H      H N N 335 
LEU H2     H N N 336 
LEU HA     H N N 337 
LEU HB2    H N N 338 
LEU HB3    H N N 339 
LEU HG     H N N 340 
LEU HD11   H N N 341 
LEU HD12   H N N 342 
LEU HD13   H N N 343 
LEU HD21   H N N 344 
LEU HD22   H N N 345 
LEU HD23   H N N 346 
LEU HXT    H N N 347 
LYS N      N N N 348 
LYS CA     C N S 349 
LYS C      C N N 350 
LYS O      O N N 351 
LYS CB     C N N 352 
LYS CG     C N N 353 
LYS CD     C N N 354 
LYS CE     C N N 355 
LYS NZ     N N N 356 
LYS OXT    O N N 357 
LYS H      H N N 358 
LYS H2     H N N 359 
LYS HA     H N N 360 
LYS HB2    H N N 361 
LYS HB3    H N N 362 
LYS HG2    H N N 363 
LYS HG3    H N N 364 
LYS HD2    H N N 365 
LYS HD3    H N N 366 
LYS HE2    H N N 367 
LYS HE3    H N N 368 
LYS HZ1    H N N 369 
LYS HZ2    H N N 370 
LYS HZ3    H N N 371 
LYS HXT    H N N 372 
MET N      N N N 373 
MET CA     C N S 374 
MET C      C N N 375 
MET O      O N N 376 
MET CB     C N N 377 
MET CG     C N N 378 
MET SD     S N N 379 
MET CE     C N N 380 
MET OXT    O N N 381 
MET H      H N N 382 
MET H2     H N N 383 
MET HA     H N N 384 
MET HB2    H N N 385 
MET HB3    H N N 386 
MET HG2    H N N 387 
MET HG3    H N N 388 
MET HE1    H N N 389 
MET HE2    H N N 390 
MET HE3    H N N 391 
MET HXT    H N N 392 
PHE N      N N N 393 
PHE CA     C N S 394 
PHE C      C N N 395 
PHE O      O N N 396 
PHE CB     C N N 397 
PHE CG     C Y N 398 
PHE CD1    C Y N 399 
PHE CD2    C Y N 400 
PHE CE1    C Y N 401 
PHE CE2    C Y N 402 
PHE CZ     C Y N 403 
PHE OXT    O N N 404 
PHE H      H N N 405 
PHE H2     H N N 406 
PHE HA     H N N 407 
PHE HB2    H N N 408 
PHE HB3    H N N 409 
PHE HD1    H N N 410 
PHE HD2    H N N 411 
PHE HE1    H N N 412 
PHE HE2    H N N 413 
PHE HZ     H N N 414 
PHE HXT    H N N 415 
PRO N      N N N 416 
PRO CA     C N S 417 
PRO C      C N N 418 
PRO O      O N N 419 
PRO CB     C N N 420 
PRO CG     C N N 421 
PRO CD     C N N 422 
PRO OXT    O N N 423 
PRO H      H N N 424 
PRO HA     H N N 425 
PRO HB2    H N N 426 
PRO HB3    H N N 427 
PRO HG2    H N N 428 
PRO HG3    H N N 429 
PRO HD2    H N N 430 
PRO HD3    H N N 431 
PRO HXT    H N N 432 
SER N      N N N 433 
SER CA     C N S 434 
SER C      C N N 435 
SER O      O N N 436 
SER CB     C N N 437 
SER OG     O N N 438 
SER OXT    O N N 439 
SER H      H N N 440 
SER H2     H N N 441 
SER HA     H N N 442 
SER HB2    H N N 443 
SER HB3    H N N 444 
SER HG     H N N 445 
SER HXT    H N N 446 
THR N      N N N 447 
THR CA     C N S 448 
THR C      C N N 449 
THR O      O N N 450 
THR CB     C N R 451 
THR OG1    O N N 452 
THR CG2    C N N 453 
THR OXT    O N N 454 
THR H      H N N 455 
THR H2     H N N 456 
THR HA     H N N 457 
THR HB     H N N 458 
THR HG1    H N N 459 
THR HG21   H N N 460 
THR HG22   H N N 461 
THR HG23   H N N 462 
THR HXT    H N N 463 
TRP N      N N N 464 
TRP CA     C N S 465 
TRP C      C N N 466 
TRP O      O N N 467 
TRP CB     C N N 468 
TRP CG     C Y N 469 
TRP CD1    C Y N 470 
TRP CD2    C Y N 471 
TRP NE1    N Y N 472 
TRP CE2    C Y N 473 
TRP CE3    C Y N 474 
TRP CZ2    C Y N 475 
TRP CZ3    C Y N 476 
TRP CH2    C Y N 477 
TRP OXT    O N N 478 
TRP H      H N N 479 
TRP H2     H N N 480 
TRP HA     H N N 481 
TRP HB2    H N N 482 
TRP HB3    H N N 483 
TRP HD1    H N N 484 
TRP HE1    H N N 485 
TRP HE3    H N N 486 
TRP HZ2    H N N 487 
TRP HZ3    H N N 488 
TRP HH2    H N N 489 
TRP HXT    H N N 490 
TYR N      N N N 491 
TYR CA     C N S 492 
TYR C      C N N 493 
TYR O      O N N 494 
TYR CB     C N N 495 
TYR CG     C Y N 496 
TYR CD1    C Y N 497 
TYR CD2    C Y N 498 
TYR CE1    C Y N 499 
TYR CE2    C Y N 500 
TYR CZ     C Y N 501 
TYR OH     O N N 502 
TYR OXT    O N N 503 
TYR H      H N N 504 
TYR H2     H N N 505 
TYR HA     H N N 506 
TYR HB2    H N N 507 
TYR HB3    H N N 508 
TYR HD1    H N N 509 
TYR HD2    H N N 510 
TYR HE1    H N N 511 
TYR HE2    H N N 512 
TYR HH     H N N 513 
TYR HXT    H N N 514 
VAL N      N N N 515 
VAL CA     C N S 516 
VAL C      C N N 517 
VAL O      O N N 518 
VAL CB     C N N 519 
VAL CG1    C N N 520 
VAL CG2    C N N 521 
VAL OXT    O N N 522 
VAL H      H N N 523 
VAL H2     H N N 524 
VAL HA     H N N 525 
VAL HB     H N N 526 
VAL HG11   H N N 527 
VAL HG12   H N N 528 
VAL HG13   H N N 529 
VAL HG21   H N N 530 
VAL HG22   H N N 531 
VAL HG23   H N N 532 
VAL HXT    H N N 533 
# 
loop_
_chem_comp_bond.comp_id 
_chem_comp_bond.atom_id_1 
_chem_comp_bond.atom_id_2 
_chem_comp_bond.value_order 
_chem_comp_bond.pdbx_aromatic_flag 
_chem_comp_bond.pdbx_stereo_config 
_chem_comp_bond.pdbx_ordinal 
ALA N     CA     sing N N 1   
ALA N     H      sing N N 2   
ALA N     H2     sing N N 3   
ALA CA    C      sing N N 4   
ALA CA    CB     sing N N 5   
ALA CA    HA     sing N N 6   
ALA C     O      doub N N 7   
ALA C     OXT    sing N N 8   
ALA CB    HB1    sing N N 9   
ALA CB    HB2    sing N N 10  
ALA CB    HB3    sing N N 11  
ALA OXT   HXT    sing N N 12  
ARG N     CA     sing N N 13  
ARG N     H      sing N N 14  
ARG N     H2     sing N N 15  
ARG CA    C      sing N N 16  
ARG CA    CB     sing N N 17  
ARG CA    HA     sing N N 18  
ARG C     O      doub N N 19  
ARG C     OXT    sing N N 20  
ARG CB    CG     sing N N 21  
ARG CB    HB2    sing N N 22  
ARG CB    HB3    sing N N 23  
ARG CG    CD     sing N N 24  
ARG CG    HG2    sing N N 25  
ARG CG    HG3    sing N N 26  
ARG CD    NE     sing N N 27  
ARG CD    HD2    sing N N 28  
ARG CD    HD3    sing N N 29  
ARG NE    CZ     sing N N 30  
ARG NE    HE     sing N N 31  
ARG CZ    NH1    sing N N 32  
ARG CZ    NH2    doub N N 33  
ARG NH1   HH11   sing N N 34  
ARG NH1   HH12   sing N N 35  
ARG NH2   HH21   sing N N 36  
ARG NH2   HH22   sing N N 37  
ARG OXT   HXT    sing N N 38  
ASN N     CA     sing N N 39  
ASN N     H      sing N N 40  
ASN N     H2     sing N N 41  
ASN CA    C      sing N N 42  
ASN CA    CB     sing N N 43  
ASN CA    HA     sing N N 44  
ASN C     O      doub N N 45  
ASN C     OXT    sing N N 46  
ASN CB    CG     sing N N 47  
ASN CB    HB2    sing N N 48  
ASN CB    HB3    sing N N 49  
ASN CG    OD1    doub N N 50  
ASN CG    ND2    sing N N 51  
ASN ND2   HD21   sing N N 52  
ASN ND2   HD22   sing N N 53  
ASN OXT   HXT    sing N N 54  
ASP N     CA     sing N N 55  
ASP N     H      sing N N 56  
ASP N     H2     sing N N 57  
ASP CA    C      sing N N 58  
ASP CA    CB     sing N N 59  
ASP CA    HA     sing N N 60  
ASP C     O      doub N N 61  
ASP C     OXT    sing N N 62  
ASP CB    CG     sing N N 63  
ASP CB    HB2    sing N N 64  
ASP CB    HB3    sing N N 65  
ASP CG    OD1    doub N N 66  
ASP CG    OD2    sing N N 67  
ASP OD2   HD2    sing N N 68  
ASP OXT   HXT    sing N N 69  
CYS N     CA     sing N N 70  
CYS N     H      sing N N 71  
CYS N     H2     sing N N 72  
CYS CA    C      sing N N 73  
CYS CA    CB     sing N N 74  
CYS CA    HA     sing N N 75  
CYS C     O      doub N N 76  
CYS C     OXT    sing N N 77  
CYS CB    SG     sing N N 78  
CYS CB    HB2    sing N N 79  
CYS CB    HB3    sing N N 80  
CYS SG    HG     sing N N 81  
CYS OXT   HXT    sing N N 82  
DA  OP3   P      sing N N 83  
DA  OP3   HOP3   sing N N 84  
DA  P     OP1    doub N N 85  
DA  P     OP2    sing N N 86  
DA  P     "O5'"  sing N N 87  
DA  OP2   HOP2   sing N N 88  
DA  "O5'" "C5'"  sing N N 89  
DA  "C5'" "C4'"  sing N N 90  
DA  "C5'" "H5'"  sing N N 91  
DA  "C5'" "H5''" sing N N 92  
DA  "C4'" "O4'"  sing N N 93  
DA  "C4'" "C3'"  sing N N 94  
DA  "C4'" "H4'"  sing N N 95  
DA  "O4'" "C1'"  sing N N 96  
DA  "C3'" "O3'"  sing N N 97  
DA  "C3'" "C2'"  sing N N 98  
DA  "C3'" "H3'"  sing N N 99  
DA  "O3'" "HO3'" sing N N 100 
DA  "C2'" "C1'"  sing N N 101 
DA  "C2'" "H2'"  sing N N 102 
DA  "C2'" "H2''" sing N N 103 
DA  "C1'" N9     sing N N 104 
DA  "C1'" "H1'"  sing N N 105 
DA  N9    C8     sing Y N 106 
DA  N9    C4     sing Y N 107 
DA  C8    N7     doub Y N 108 
DA  C8    H8     sing N N 109 
DA  N7    C5     sing Y N 110 
DA  C5    C6     sing Y N 111 
DA  C5    C4     doub Y N 112 
DA  C6    N6     sing N N 113 
DA  C6    N1     doub Y N 114 
DA  N6    H61    sing N N 115 
DA  N6    H62    sing N N 116 
DA  N1    C2     sing Y N 117 
DA  C2    N3     doub Y N 118 
DA  C2    H2     sing N N 119 
DA  N3    C4     sing Y N 120 
DC  OP3   P      sing N N 121 
DC  OP3   HOP3   sing N N 122 
DC  P     OP1    doub N N 123 
DC  P     OP2    sing N N 124 
DC  P     "O5'"  sing N N 125 
DC  OP2   HOP2   sing N N 126 
DC  "O5'" "C5'"  sing N N 127 
DC  "C5'" "C4'"  sing N N 128 
DC  "C5'" "H5'"  sing N N 129 
DC  "C5'" "H5''" sing N N 130 
DC  "C4'" "O4'"  sing N N 131 
DC  "C4'" "C3'"  sing N N 132 
DC  "C4'" "H4'"  sing N N 133 
DC  "O4'" "C1'"  sing N N 134 
DC  "C3'" "O3'"  sing N N 135 
DC  "C3'" "C2'"  sing N N 136 
DC  "C3'" "H3'"  sing N N 137 
DC  "O3'" "HO3'" sing N N 138 
DC  "C2'" "C1'"  sing N N 139 
DC  "C2'" "H2'"  sing N N 140 
DC  "C2'" "H2''" sing N N 141 
DC  "C1'" N1     sing N N 142 
DC  "C1'" "H1'"  sing N N 143 
DC  N1    C2     sing N N 144 
DC  N1    C6     sing N N 145 
DC  C2    O2     doub N N 146 
DC  C2    N3     sing N N 147 
DC  N3    C4     doub N N 148 
DC  C4    N4     sing N N 149 
DC  C4    C5     sing N N 150 
DC  N4    H41    sing N N 151 
DC  N4    H42    sing N N 152 
DC  C5    C6     doub N N 153 
DC  C5    H5     sing N N 154 
DC  C6    H6     sing N N 155 
DG  OP3   P      sing N N 156 
DG  OP3   HOP3   sing N N 157 
DG  P     OP1    doub N N 158 
DG  P     OP2    sing N N 159 
DG  P     "O5'"  sing N N 160 
DG  OP2   HOP2   sing N N 161 
DG  "O5'" "C5'"  sing N N 162 
DG  "C5'" "C4'"  sing N N 163 
DG  "C5'" "H5'"  sing N N 164 
DG  "C5'" "H5''" sing N N 165 
DG  "C4'" "O4'"  sing N N 166 
DG  "C4'" "C3'"  sing N N 167 
DG  "C4'" "H4'"  sing N N 168 
DG  "O4'" "C1'"  sing N N 169 
DG  "C3'" "O3'"  sing N N 170 
DG  "C3'" "C2'"  sing N N 171 
DG  "C3'" "H3'"  sing N N 172 
DG  "O3'" "HO3'" sing N N 173 
DG  "C2'" "C1'"  sing N N 174 
DG  "C2'" "H2'"  sing N N 175 
DG  "C2'" "H2''" sing N N 176 
DG  "C1'" N9     sing N N 177 
DG  "C1'" "H1'"  sing N N 178 
DG  N9    C8     sing Y N 179 
DG  N9    C4     sing Y N 180 
DG  C8    N7     doub Y N 181 
DG  C8    H8     sing N N 182 
DG  N7    C5     sing Y N 183 
DG  C5    C6     sing N N 184 
DG  C5    C4     doub Y N 185 
DG  C6    O6     doub N N 186 
DG  C6    N1     sing N N 187 
DG  N1    C2     sing N N 188 
DG  N1    H1     sing N N 189 
DG  C2    N2     sing N N 190 
DG  C2    N3     doub N N 191 
DG  N2    H21    sing N N 192 
DG  N2    H22    sing N N 193 
DG  N3    C4     sing N N 194 
DT  OP3   P      sing N N 195 
DT  OP3   HOP3   sing N N 196 
DT  P     OP1    doub N N 197 
DT  P     OP2    sing N N 198 
DT  P     "O5'"  sing N N 199 
DT  OP2   HOP2   sing N N 200 
DT  "O5'" "C5'"  sing N N 201 
DT  "C5'" "C4'"  sing N N 202 
DT  "C5'" "H5'"  sing N N 203 
DT  "C5'" "H5''" sing N N 204 
DT  "C4'" "O4'"  sing N N 205 
DT  "C4'" "C3'"  sing N N 206 
DT  "C4'" "H4'"  sing N N 207 
DT  "O4'" "C1'"  sing N N 208 
DT  "C3'" "O3'"  sing N N 209 
DT  "C3'" "C2'"  sing N N 210 
DT  "C3'" "H3'"  sing N N 211 
DT  "O3'" "HO3'" sing N N 212 
DT  "C2'" "C1'"  sing N N 213 
DT  "C2'" "H2'"  sing N N 214 
DT  "C2'" "H2''" sing N N 215 
DT  "C1'" N1     sing N N 216 
DT  "C1'" "H1'"  sing N N 217 
DT  N1    C2     sing N N 218 
DT  N1    C6     sing N N 219 
DT  C2    O2     doub N N 220 
DT  C2    N3     sing N N 221 
DT  N3    C4     sing N N 222 
DT  N3    H3     sing N N 223 
DT  C4    O4     doub N N 224 
DT  C4    C5     sing N N 225 
DT  C5    C7     sing N N 226 
DT  C5    C6     doub N N 227 
DT  C7    H71    sing N N 228 
DT  C7    H72    sing N N 229 
DT  C7    H73    sing N N 230 
DT  C6    H6     sing N N 231 
GLN N     CA     sing N N 232 
GLN N     H      sing N N 233 
GLN N     H2     sing N N 234 
GLN CA    C      sing N N 235 
GLN CA    CB     sing N N 236 
GLN CA    HA     sing N N 237 
GLN C     O      doub N N 238 
GLN C     OXT    sing N N 239 
GLN CB    CG     sing N N 240 
GLN CB    HB2    sing N N 241 
GLN CB    HB3    sing N N 242 
GLN CG    CD     sing N N 243 
GLN CG    HG2    sing N N 244 
GLN CG    HG3    sing N N 245 
GLN CD    OE1    doub N N 246 
GLN CD    NE2    sing N N 247 
GLN NE2   HE21   sing N N 248 
GLN NE2   HE22   sing N N 249 
GLN OXT   HXT    sing N N 250 
GLU N     CA     sing N N 251 
GLU N     H      sing N N 252 
GLU N     H2     sing N N 253 
GLU CA    C      sing N N 254 
GLU CA    CB     sing N N 255 
GLU CA    HA     sing N N 256 
GLU C     O      doub N N 257 
GLU C     OXT    sing N N 258 
GLU CB    CG     sing N N 259 
GLU CB    HB2    sing N N 260 
GLU CB    HB3    sing N N 261 
GLU CG    CD     sing N N 262 
GLU CG    HG2    sing N N 263 
GLU CG    HG3    sing N N 264 
GLU CD    OE1    doub N N 265 
GLU CD    OE2    sing N N 266 
GLU OE2   HE2    sing N N 267 
GLU OXT   HXT    sing N N 268 
GLY N     CA     sing N N 269 
GLY N     H      sing N N 270 
GLY N     H2     sing N N 271 
GLY CA    C      sing N N 272 
GLY CA    HA2    sing N N 273 
GLY CA    HA3    sing N N 274 
GLY C     O      doub N N 275 
GLY C     OXT    sing N N 276 
GLY OXT   HXT    sing N N 277 
HIS N     CA     sing N N 278 
HIS N     H      sing N N 279 
HIS N     H2     sing N N 280 
HIS CA    C      sing N N 281 
HIS CA    CB     sing N N 282 
HIS CA    HA     sing N N 283 
HIS C     O      doub N N 284 
HIS C     OXT    sing N N 285 
HIS CB    CG     sing N N 286 
HIS CB    HB2    sing N N 287 
HIS CB    HB3    sing N N 288 
HIS CG    ND1    sing Y N 289 
HIS CG    CD2    doub Y N 290 
HIS ND1   CE1    doub Y N 291 
HIS ND1   HD1    sing N N 292 
HIS CD2   NE2    sing Y N 293 
HIS CD2   HD2    sing N N 294 
HIS CE1   NE2    sing Y N 295 
HIS CE1   HE1    sing N N 296 
HIS NE2   HE2    sing N N 297 
HIS OXT   HXT    sing N N 298 
HOH O     H1     sing N N 299 
HOH O     H2     sing N N 300 
ILE N     CA     sing N N 301 
ILE N     H      sing N N 302 
ILE N     H2     sing N N 303 
ILE CA    C      sing N N 304 
ILE CA    CB     sing N N 305 
ILE CA    HA     sing N N 306 
ILE C     O      doub N N 307 
ILE C     OXT    sing N N 308 
ILE CB    CG1    sing N N 309 
ILE CB    CG2    sing N N 310 
ILE CB    HB     sing N N 311 
ILE CG1   CD1    sing N N 312 
ILE CG1   HG12   sing N N 313 
ILE CG1   HG13   sing N N 314 
ILE CG2   HG21   sing N N 315 
ILE CG2   HG22   sing N N 316 
ILE CG2   HG23   sing N N 317 
ILE CD1   HD11   sing N N 318 
ILE CD1   HD12   sing N N 319 
ILE CD1   HD13   sing N N 320 
ILE OXT   HXT    sing N N 321 
LEU N     CA     sing N N 322 
LEU N     H      sing N N 323 
LEU N     H2     sing N N 324 
LEU CA    C      sing N N 325 
LEU CA    CB     sing N N 326 
LEU CA    HA     sing N N 327 
LEU C     O      doub N N 328 
LEU C     OXT    sing N N 329 
LEU CB    CG     sing N N 330 
LEU CB    HB2    sing N N 331 
LEU CB    HB3    sing N N 332 
LEU CG    CD1    sing N N 333 
LEU CG    CD2    sing N N 334 
LEU CG    HG     sing N N 335 
LEU CD1   HD11   sing N N 336 
LEU CD1   HD12   sing N N 337 
LEU CD1   HD13   sing N N 338 
LEU CD2   HD21   sing N N 339 
LEU CD2   HD22   sing N N 340 
LEU CD2   HD23   sing N N 341 
LEU OXT   HXT    sing N N 342 
LYS N     CA     sing N N 343 
LYS N     H      sing N N 344 
LYS N     H2     sing N N 345 
LYS CA    C      sing N N 346 
LYS CA    CB     sing N N 347 
LYS CA    HA     sing N N 348 
LYS C     O      doub N N 349 
LYS C     OXT    sing N N 350 
LYS CB    CG     sing N N 351 
LYS CB    HB2    sing N N 352 
LYS CB    HB3    sing N N 353 
LYS CG    CD     sing N N 354 
LYS CG    HG2    sing N N 355 
LYS CG    HG3    sing N N 356 
LYS CD    CE     sing N N 357 
LYS CD    HD2    sing N N 358 
LYS CD    HD3    sing N N 359 
LYS CE    NZ     sing N N 360 
LYS CE    HE2    sing N N 361 
LYS CE    HE3    sing N N 362 
LYS NZ    HZ1    sing N N 363 
LYS NZ    HZ2    sing N N 364 
LYS NZ    HZ3    sing N N 365 
LYS OXT   HXT    sing N N 366 
MET N     CA     sing N N 367 
MET N     H      sing N N 368 
MET N     H2     sing N N 369 
MET CA    C      sing N N 370 
MET CA    CB     sing N N 371 
MET CA    HA     sing N N 372 
MET C     O      doub N N 373 
MET C     OXT    sing N N 374 
MET CB    CG     sing N N 375 
MET CB    HB2    sing N N 376 
MET CB    HB3    sing N N 377 
MET CG    SD     sing N N 378 
MET CG    HG2    sing N N 379 
MET CG    HG3    sing N N 380 
MET SD    CE     sing N N 381 
MET CE    HE1    sing N N 382 
MET CE    HE2    sing N N 383 
MET CE    HE3    sing N N 384 
MET OXT   HXT    sing N N 385 
PHE N     CA     sing N N 386 
PHE N     H      sing N N 387 
PHE N     H2     sing N N 388 
PHE CA    C      sing N N 389 
PHE CA    CB     sing N N 390 
PHE CA    HA     sing N N 391 
PHE C     O      doub N N 392 
PHE C     OXT    sing N N 393 
PHE CB    CG     sing N N 394 
PHE CB    HB2    sing N N 395 
PHE CB    HB3    sing N N 396 
PHE CG    CD1    doub Y N 397 
PHE CG    CD2    sing Y N 398 
PHE CD1   CE1    sing Y N 399 
PHE CD1   HD1    sing N N 400 
PHE CD2   CE2    doub Y N 401 
PHE CD2   HD2    sing N N 402 
PHE CE1   CZ     doub Y N 403 
PHE CE1   HE1    sing N N 404 
PHE CE2   CZ     sing Y N 405 
PHE CE2   HE2    sing N N 406 
PHE CZ    HZ     sing N N 407 
PHE OXT   HXT    sing N N 408 
PRO N     CA     sing N N 409 
PRO N     CD     sing N N 410 
PRO N     H      sing N N 411 
PRO CA    C      sing N N 412 
PRO CA    CB     sing N N 413 
PRO CA    HA     sing N N 414 
PRO C     O      doub N N 415 
PRO C     OXT    sing N N 416 
PRO CB    CG     sing N N 417 
PRO CB    HB2    sing N N 418 
PRO CB    HB3    sing N N 419 
PRO CG    CD     sing N N 420 
PRO CG    HG2    sing N N 421 
PRO CG    HG3    sing N N 422 
PRO CD    HD2    sing N N 423 
PRO CD    HD3    sing N N 424 
PRO OXT   HXT    sing N N 425 
SER N     CA     sing N N 426 
SER N     H      sing N N 427 
SER N     H2     sing N N 428 
SER CA    C      sing N N 429 
SER CA    CB     sing N N 430 
SER CA    HA     sing N N 431 
SER C     O      doub N N 432 
SER C     OXT    sing N N 433 
SER CB    OG     sing N N 434 
SER CB    HB2    sing N N 435 
SER CB    HB3    sing N N 436 
SER OG    HG     sing N N 437 
SER OXT   HXT    sing N N 438 
THR N     CA     sing N N 439 
THR N     H      sing N N 440 
THR N     H2     sing N N 441 
THR CA    C      sing N N 442 
THR CA    CB     sing N N 443 
THR CA    HA     sing N N 444 
THR C     O      doub N N 445 
THR C     OXT    sing N N 446 
THR CB    OG1    sing N N 447 
THR CB    CG2    sing N N 448 
THR CB    HB     sing N N 449 
THR OG1   HG1    sing N N 450 
THR CG2   HG21   sing N N 451 
THR CG2   HG22   sing N N 452 
THR CG2   HG23   sing N N 453 
THR OXT   HXT    sing N N 454 
TRP N     CA     sing N N 455 
TRP N     H      sing N N 456 
TRP N     H2     sing N N 457 
TRP CA    C      sing N N 458 
TRP CA    CB     sing N N 459 
TRP CA    HA     sing N N 460 
TRP C     O      doub N N 461 
TRP C     OXT    sing N N 462 
TRP CB    CG     sing N N 463 
TRP CB    HB2    sing N N 464 
TRP CB    HB3    sing N N 465 
TRP CG    CD1    doub Y N 466 
TRP CG    CD2    sing Y N 467 
TRP CD1   NE1    sing Y N 468 
TRP CD1   HD1    sing N N 469 
TRP CD2   CE2    doub Y N 470 
TRP CD2   CE3    sing Y N 471 
TRP NE1   CE2    sing Y N 472 
TRP NE1   HE1    sing N N 473 
TRP CE2   CZ2    sing Y N 474 
TRP CE3   CZ3    doub Y N 475 
TRP CE3   HE3    sing N N 476 
TRP CZ2   CH2    doub Y N 477 
TRP CZ2   HZ2    sing N N 478 
TRP CZ3   CH2    sing Y N 479 
TRP CZ3   HZ3    sing N N 480 
TRP CH2   HH2    sing N N 481 
TRP OXT   HXT    sing N N 482 
TYR N     CA     sing N N 483 
TYR N     H      sing N N 484 
TYR N     H2     sing N N 485 
TYR CA    C      sing N N 486 
TYR CA    CB     sing N N 487 
TYR CA    HA     sing N N 488 
TYR C     O      doub N N 489 
TYR C     OXT    sing N N 490 
TYR CB    CG     sing N N 491 
TYR CB    HB2    sing N N 492 
TYR CB    HB3    sing N N 493 
TYR CG    CD1    doub Y N 494 
TYR CG    CD2    sing Y N 495 
TYR CD1   CE1    sing Y N 496 
TYR CD1   HD1    sing N N 497 
TYR CD2   CE2    doub Y N 498 
TYR CD2   HD2    sing N N 499 
TYR CE1   CZ     doub Y N 500 
TYR CE1   HE1    sing N N 501 
TYR CE2   CZ     sing Y N 502 
TYR CE2   HE2    sing N N 503 
TYR CZ    OH     sing N N 504 
TYR OH    HH     sing N N 505 
TYR OXT   HXT    sing N N 506 
VAL N     CA     sing N N 507 
VAL N     H      sing N N 508 
VAL N     H2     sing N N 509 
VAL CA    C      sing N N 510 
VAL CA    CB     sing N N 511 
VAL CA    HA     sing N N 512 
VAL C     O      doub N N 513 
VAL C     OXT    sing N N 514 
VAL CB    CG1    sing N N 515 
VAL CB    CG2    sing N N 516 
VAL CB    HB     sing N N 517 
VAL CG1   HG11   sing N N 518 
VAL CG1   HG12   sing N N 519 
VAL CG1   HG13   sing N N 520 
VAL CG2   HG21   sing N N 521 
VAL CG2   HG22   sing N N 522 
VAL CG2   HG23   sing N N 523 
VAL OXT   HXT    sing N N 524 
# 
_atom_sites.entry_id                    4HID 
_atom_sites.fract_transf_matrix[1][1]   -0.01919946 
_atom_sites.fract_transf_matrix[1][2]   -0.01123367 
_atom_sites.fract_transf_matrix[1][3]   -0.01006367 
_atom_sites.fract_transf_matrix[2][1]   -0.00535954 
_atom_sites.fract_transf_matrix[2][2]   0.01475345 
_atom_sites.fract_transf_matrix[2][3]   -0.00624375 
_atom_sites.fract_transf_matrix[3][1]   0.00801962 
_atom_sites.fract_transf_matrix[3][2]   -0.00241893 
_atom_sites.fract_transf_matrix[3][3]   -0.01259966 
_atom_sites.fract_transf_vector[1]      0.222419 
_atom_sites.fract_transf_vector[2]      0.427095 
_atom_sites.fract_transf_vector[3]      0.253259 
# 
loop_
_atom_type.symbol 
C 
N 
O 
P 
S 
# 
loop_
_atom_site.group_PDB 
_atom_site.id 
_atom_site.type_symbol 
_atom_site.label_atom_id 
_atom_site.label_alt_id 
_atom_site.label_comp_id 
_atom_site.label_asym_id 
_atom_site.label_entity_id 
_atom_site.label_seq_id 
_atom_site.pdbx_PDB_ins_code 
_atom_site.Cartn_x 
_atom_site.Cartn_y 
_atom_site.Cartn_z 
_atom_site.occupancy 
_atom_site.B_iso_or_equiv 
_atom_site.pdbx_formal_charge 
_atom_site.auth_seq_id 
_atom_site.auth_comp_id 
_atom_site.auth_asym_id 
_atom_site.auth_atom_id 
_atom_site.pdbx_PDB_model_num 
ATOM   1    N N     . SER A 1 4   ? 6.578   -11.305 10.779  1.00 51.73 ? 4   SER A N     1 
ATOM   2    C CA    . SER A 1 4   ? 7.727   -10.875 9.993   1.00 42.54 ? 4   SER A CA    1 
ATOM   3    C C     . SER A 1 4   ? 7.300   -9.971  8.844   1.00 33.08 ? 4   SER A C     1 
ATOM   4    O O     . SER A 1 4   ? 6.258   -10.187 8.229   1.00 37.63 ? 4   SER A O     1 
ATOM   5    C CB    . SER A 1 4   ? 8.489   -12.082 9.452   1.00 42.50 ? 4   SER A CB    1 
ATOM   6    O OG    . SER A 1 4   ? 9.436   -11.687 8.476   1.00 53.25 ? 4   SER A OG    1 
ATOM   7    N N     . PHE A 1 5   ? 8.108   -8.954  8.574   1.00 27.57 ? 5   PHE A N     1 
ATOM   8    C CA    . PHE A 1 5   ? 7.810   -7.995  7.523   1.00 29.90 ? 5   PHE A CA    1 
ATOM   9    C C     . PHE A 1 5   ? 8.459   -8.376  6.201   1.00 30.42 ? 5   PHE A C     1 
ATOM   10   O O     . PHE A 1 5   ? 9.489   -9.044  6.166   1.00 27.51 ? 5   PHE A O     1 
ATOM   11   C CB    . PHE A 1 5   ? 8.261   -6.595  7.936   1.00 29.41 ? 5   PHE A CB    1 
ATOM   12   C CG    . PHE A 1 5   ? 7.484   -6.026  9.082   1.00 25.22 ? 5   PHE A CG    1 
ATOM   13   C CD1   . PHE A 1 5   ? 7.943   -6.154  10.379  1.00 35.15 ? 5   PHE A CD1   1 
ATOM   14   C CD2   . PHE A 1 5   ? 6.289   -5.365  8.865   1.00 25.48 ? 5   PHE A CD2   1 
ATOM   15   C CE1   . PHE A 1 5   ? 7.224   -5.634  11.436  1.00 31.85 ? 5   PHE A CE1   1 
ATOM   16   C CE2   . PHE A 1 5   ? 5.569   -4.844  9.916   1.00 26.69 ? 5   PHE A CE2   1 
ATOM   17   C CZ    . PHE A 1 5   ? 6.036   -4.980  11.203  1.00 25.93 ? 5   PHE A CZ    1 
ATOM   18   N N     . SER A 1 6   ? 7.837   -7.939  5.113   1.00 20.03 ? 6   SER A N     1 
ATOM   19   C CA    . SER A 1 6   ? 8.376   -8.136  3.783   1.00 20.15 ? 6   SER A CA    1 
ATOM   20   C C     . SER A 1 6   ? 8.527   -6.792  3.102   1.00 21.78 ? 6   SER A C     1 
ATOM   21   O O     . SER A 1 6   ? 7.716   -5.893  3.302   1.00 19.55 ? 6   SER A O     1 
ATOM   22   C CB    . SER A 1 6   ? 7.434   -9.004  2.942   1.00 26.79 ? 6   SER A CB    1 
ATOM   23   O OG    . SER A 1 6   ? 7.250   -10.286 3.500   1.00 24.18 ? 6   SER A OG    1 
ATOM   24   N N     . LEU A 1 7   ? 9.560   -6.663  2.282   1.00 17.15 ? 7   LEU A N     1 
ATOM   25   C CA    . LEU A 1 7   ? 9.643   -5.551  1.359   1.00 18.09 ? 7   LEU A CA    1 
ATOM   26   C C     . LEU A 1 7   ? 8.591   -5.837  0.298   1.00 18.11 ? 7   LEU A C     1 
ATOM   27   O O     . LEU A 1 7   ? 8.281   -6.993  0.034   1.00 21.00 ? 7   LEU A O     1 
ATOM   28   C CB    . LEU A 1 7   ? 11.030  -5.476  0.731   1.00 18.47 ? 7   LEU A CB    1 
ATOM   29   C CG    . LEU A 1 7   ? 12.190  -5.247  1.699   1.00 19.61 ? 7   LEU A CG    1 
ATOM   30   C CD1   . LEU A 1 7   ? 13.491  -5.087  0.937   1.00 23.20 ? 7   LEU A CD1   1 
ATOM   31   C CD2   . LEU A 1 7   ? 11.928  -4.032  2.566   1.00 23.09 ? 7   LEU A CD2   1 
ATOM   32   N N     . LEU A 1 8   ? 8.036   -4.795  -0.304  1.00 20.72 ? 8   LEU A N     1 
ATOM   33   C CA    . LEU A 1 8   ? 6.989   -4.982  -1.297  1.00 19.06 ? 8   LEU A CA    1 
ATOM   34   C C     . LEU A 1 8   ? 7.463   -5.802  -2.495  1.00 18.68 ? 8   LEU A C     1 
ATOM   35   O O     . LEU A 1 8   ? 6.679   -6.486  -3.137  1.00 18.23 ? 8   LEU A O     1 
ATOM   36   C CB    . LEU A 1 8   ? 6.423   -3.636  -1.742  1.00 15.92 ? 8   LEU A CB    1 
ATOM   37   C CG    . LEU A 1 8   ? 5.440   -3.040  -0.731  1.00 21.85 ? 8   LEU A CG    1 
ATOM   38   C CD1   . LEU A 1 8   ? 5.041   -1.629  -1.115  1.00 21.45 ? 8   LEU A CD1   1 
ATOM   39   C CD2   . LEU A 1 8   ? 4.221   -3.934  -0.605  1.00 24.29 ? 8   LEU A CD2   1 
ATOM   40   N N     . SER A 1 9   ? 8.757   -5.731  -2.781  1.00 21.41 ? 9   SER A N     1 
ATOM   41   C CA    . SER A 1 9   ? 9.359   -6.545  -3.828  1.00 18.42 ? 9   SER A CA    1 
ATOM   42   C C     . SER A 1 9   ? 9.153   -8.039  -3.583  1.00 25.14 ? 9   SER A C     1 
ATOM   43   O O     . SER A 1 9   ? 9.159   -8.839  -4.516  1.00 19.98 ? 9   SER A O     1 
ATOM   44   C CB    . SER A 1 9   ? 10.851  -6.231  -3.953  1.00 18.74 ? 9   SER A CB    1 
ATOM   45   O OG    . SER A 1 9   ? 11.508  -6.386  -2.711  1.00 24.16 ? 9   SER A OG    1 
ATOM   46   N N     . GLN A 1 10  ? 8.968   -8.407  -2.321  1.00 20.17 ? 10  GLN A N     1 
ATOM   47   C CA    . GLN A 1 10  ? 9.100   -9.794  -1.904  1.00 24.89 ? 10  GLN A CA    1 
ATOM   48   C C     . GLN A 1 10  ? 7.745   -10.486 -1.843  1.00 26.23 ? 10  GLN A C     1 
ATOM   49   O O     . GLN A 1 10  ? 7.668   -11.710 -1.772  1.00 24.14 ? 10  GLN A O     1 
ATOM   50   C CB    . GLN A 1 10  ? 9.790   -9.879  -0.542  1.00 23.55 ? 10  GLN A CB    1 
ATOM   51   C CG    . GLN A 1 10  ? 11.291  -9.681  -0.599  1.00 30.56 ? 10  GLN A CG    1 
ATOM   52   C CD    . GLN A 1 10  ? 11.877  -9.278  0.739   1.00 37.13 ? 10  GLN A CD    1 
ATOM   53   O OE1   . GLN A 1 10  ? 11.155  -9.099  1.718   1.00 32.59 ? 10  GLN A OE1   1 
ATOM   54   N NE2   . GLN A 1 10  ? 13.197  -9.131  0.785   1.00 28.78 ? 10  GLN A NE2   1 
ATOM   55   N N     . ILE A 1 11  ? 6.676   -9.700  -1.855  1.00 23.43 ? 11  ILE A N     1 
ATOM   56   C CA    . ILE A 1 11  ? 5.350   -10.245 -1.593  1.00 21.24 ? 11  ILE A CA    1 
ATOM   57   C C     . ILE A 1 11  ? 4.763   -10.940 -2.820  1.00 24.10 ? 11  ILE A C     1 
ATOM   58   O O     . ILE A 1 11  ? 5.157   -10.673 -3.952  1.00 20.33 ? 11  ILE A O     1 
ATOM   59   C CB    . ILE A 1 11  ? 4.378   -9.168  -1.083  1.00 21.12 ? 11  ILE A CB    1 
ATOM   60   C CG1   . ILE A 1 11  ? 4.037   -8.178  -2.193  1.00 22.02 ? 11  ILE A CG1   1 
ATOM   61   C CG2   . ILE A 1 11  ? 4.966   -8.442  0.111   1.00 25.47 ? 11  ILE A CG2   1 
ATOM   62   C CD1   . ILE A 1 11  ? 2.770   -7.401  -1.927  1.00 26.42 ? 11  ILE A CD1   1 
ATOM   63   N N     . THR A 1 12  ? 3.819   -11.841 -2.574  1.00 22.44 ? 12  THR A N     1 
ATOM   64   C CA    . THR A 1 12  ? 3.294   -12.726 -3.603  1.00 27.09 ? 12  THR A CA    1 
ATOM   65   C C     . THR A 1 12  ? 1.788   -12.870 -3.414  1.00 21.14 ? 12  THR A C     1 
ATOM   66   O O     . THR A 1 12  ? 1.286   -12.707 -2.308  1.00 23.35 ? 12  THR A O     1 
ATOM   67   C CB    . THR A 1 12  ? 3.957   -14.121 -3.540  1.00 27.18 ? 12  THR A CB    1 
ATOM   68   O OG1   . THR A 1 12  ? 3.702   -14.718 -2.265  1.00 24.76 ? 12  THR A OG1   1 
ATOM   69   C CG2   . THR A 1 12  ? 5.456   -14.013 -3.741  1.00 23.14 ? 12  THR A CG2   1 
ATOM   70   N N     . PRO A 1 13  ? 1.060   -13.175 -4.497  1.00 25.30 ? 13  PRO A N     1 
ATOM   71   C CA    . PRO A 1 13  ? -0.405  -13.203 -4.432  1.00 20.84 ? 13  PRO A CA    1 
ATOM   72   C C     . PRO A 1 13  ? -0.924  -14.394 -3.629  1.00 24.35 ? 13  PRO A C     1 
ATOM   73   O O     . PRO A 1 13  ? -0.323  -15.464 -3.651  1.00 24.31 ? 13  PRO A O     1 
ATOM   74   C CB    . PRO A 1 13  ? -0.825  -13.329 -5.903  1.00 27.91 ? 13  PRO A CB    1 
ATOM   75   C CG    . PRO A 1 13  ? 0.410   -13.071 -6.706  1.00 26.11 ? 13  PRO A CG    1 
ATOM   76   C CD    . PRO A 1 13  ? 1.556   -13.467 -5.850  1.00 24.23 ? 13  PRO A CD    1 
ATOM   77   N N     . HIS A 1 14  ? -2.031  -14.193 -2.923  1.00 18.88 ? 14  HIS A N     1 
ATOM   78   C CA    . HIS A 1 14  ? -2.661  -15.256 -2.145  1.00 25.55 ? 14  HIS A CA    1 
ATOM   79   C C     . HIS A 1 14  ? -1.752  -15.756 -1.030  1.00 27.47 ? 14  HIS A C     1 
ATOM   80   O O     . HIS A 1 14  ? -1.893  -16.878 -0.549  1.00 32.70 ? 14  HIS A O     1 
ATOM   81   C CB    . HIS A 1 14  ? -3.093  -16.396 -3.066  1.00 28.27 ? 14  HIS A CB    1 
ATOM   82   C CG    . HIS A 1 14  ? -3.958  -15.942 -4.198  1.00 32.61 ? 14  HIS A CG    1 
ATOM   83   N ND1   . HIS A 1 14  ? -3.443  -15.507 -5.399  1.00 33.48 ? 14  HIS A ND1   1 
ATOM   84   C CD2   . HIS A 1 14  ? -5.302  -15.823 -4.300  1.00 41.10 ? 14  HIS A CD2   1 
ATOM   85   C CE1   . HIS A 1 14  ? -4.434  -15.154 -6.197  1.00 36.56 ? 14  HIS A CE1   1 
ATOM   86   N NE2   . HIS A 1 14  ? -5.572  -15.335 -5.554  1.00 37.49 ? 14  HIS A NE2   1 
ATOM   87   N N     . GLN A 1 15  ? -0.824  -14.898 -0.623  1.00 26.67 ? 15  GLN A N     1 
ATOM   88   C CA    . GLN A 1 15  ? -0.059  -15.091 0.599   1.00 20.34 ? 15  GLN A CA    1 
ATOM   89   C C     . GLN A 1 15  ? -0.093  -13.820 1.436   1.00 30.11 ? 15  GLN A C     1 
ATOM   90   O O     . GLN A 1 15  ? 0.264   -12.746 0.955   1.00 23.86 ? 15  GLN A O     1 
ATOM   91   C CB    . GLN A 1 15  ? 1.389   -15.446 0.262   1.00 32.06 ? 15  GLN A CB    1 
ATOM   92   C CG    . GLN A 1 15  ? 1.571   -16.852 -0.262  1.00 32.18 ? 15  GLN A CG    1 
ATOM   93   C CD    . GLN A 1 15  ? 1.846   -17.846 0.844   1.00 37.31 ? 15  GLN A CD    1 
ATOM   94   O OE1   . GLN A 1 15  ? 1.603   -17.569 2.016   1.00 50.75 ? 15  GLN A OE1   1 
ATOM   95   N NE2   . GLN A 1 15  ? 2.360   -19.013 0.476   1.00 43.92 ? 15  GLN A NE2   1 
ATOM   96   N N     . ARG A 1 16  ? -0.530  -13.940 2.683   1.00 24.77 ? 16  ARG A N     1 
ATOM   97   C CA    . ARG A 1 16  ? -0.647  -12.782 3.560   1.00 20.64 ? 16  ARG A CA    1 
ATOM   98   C C     . ARG A 1 16  ? 0.730   -12.243 3.918   1.00 23.91 ? 16  ARG A C     1 
ATOM   99   O O     . ARG A 1 16  ? 1.705   -12.988 3.959   1.00 24.23 ? 16  ARG A O     1 
ATOM   100  C CB    . ARG A 1 16  ? -1.425  -13.138 4.826   1.00 19.72 ? 16  ARG A CB    1 
ATOM   101  C CG    . ARG A 1 16  ? -2.800  -13.704 4.549   1.00 24.23 ? 16  ARG A CG    1 
ATOM   102  C CD    . ARG A 1 16  ? -3.695  -13.637 5.767   1.00 22.27 ? 16  ARG A CD    1 
ATOM   103  N NE    . ARG A 1 16  ? -5.087  -13.873 5.411   1.00 22.24 ? 16  ARG A NE    1 
ATOM   104  C CZ    . ARG A 1 16  ? -6.048  -12.965 5.508   1.00 25.00 ? 16  ARG A CZ    1 
ATOM   105  N NH1   . ARG A 1 16  ? -5.776  -11.753 5.965   1.00 21.31 ? 16  ARG A NH1   1 
ATOM   106  N NH2   . ARG A 1 16  ? -7.286  -13.274 5.154   1.00 24.49 ? 16  ARG A NH2   1 
ATOM   107  N N     . CYS A 1 17  ? 0.800   -10.943 4.175   1.00 20.86 ? 17  CYS A N     1 
ATOM   108  C CA    . CYS A 1 17  ? 2.075   -10.246 4.246   1.00 25.27 ? 17  CYS A CA    1 
ATOM   109  C C     . CYS A 1 17  ? 1.954   -9.009  5.118   1.00 20.68 ? 17  CYS A C     1 
ATOM   110  O O     . CYS A 1 17  ? 0.865   -8.465  5.295   1.00 22.53 ? 17  CYS A O     1 
ATOM   111  C CB    . CYS A 1 17  ? 2.562   -9.857  2.852   1.00 18.03 ? 17  CYS A CB    1 
ATOM   112  S SG    . CYS A 1 17  ? 1.516   -8.671  1.995   1.00 26.83 ? 17  CYS A SG    1 
ATOM   113  N N     . SER A 1 18  ? 3.080   -8.571  5.660   1.00 15.78 ? 18  SER A N     1 
ATOM   114  C CA    . SER A 1 18  ? 3.123   -7.344  6.436   1.00 19.46 ? 18  SER A CA    1 
ATOM   115  C C     . SER A 1 18  ? 4.315   -6.495  6.010   1.00 18.24 ? 18  SER A C     1 
ATOM   116  O O     . SER A 1 18  ? 5.385   -7.019  5.730   1.00 20.27 ? 18  SER A O     1 
ATOM   117  C CB    . SER A 1 18  ? 3.202   -7.663  7.926   1.00 24.39 ? 18  SER A CB    1 
ATOM   118  O OG    . SER A 1 18  ? 2.235   -8.628  8.295   1.00 23.54 ? 18  SER A OG    1 
ATOM   119  N N     . PHE A 1 19  ? 4.114   -5.183  5.956   1.00 17.89 ? 19  PHE A N     1 
ATOM   120  C CA    . PHE A 1 19  ? 5.078   -4.282  5.334   1.00 17.11 ? 19  PHE A CA    1 
ATOM   121  C C     . PHE A 1 19  ? 4.876   -2.840  5.797   1.00 18.79 ? 19  PHE A C     1 
ATOM   122  O O     . PHE A 1 19  ? 3.775   -2.444  6.177   1.00 16.09 ? 19  PHE A O     1 
ATOM   123  C CB    . PHE A 1 19  ? 4.995   -4.368  3.806   1.00 20.92 ? 19  PHE A CB    1 
ATOM   124  C CG    . PHE A 1 19  ? 3.623   -4.098  3.256   1.00 19.77 ? 19  PHE A CG    1 
ATOM   125  C CD1   . PHE A 1 19  ? 3.191   -2.803  3.045   1.00 21.65 ? 19  PHE A CD1   1 
ATOM   126  C CD2   . PHE A 1 19  ? 2.769   -5.139  2.952   1.00 20.67 ? 19  PHE A CD2   1 
ATOM   127  C CE1   . PHE A 1 19  ? 1.932   -2.552  2.545   1.00 24.14 ? 19  PHE A CE1   1 
ATOM   128  C CE2   . PHE A 1 19  ? 1.508   -4.894  2.450   1.00 19.51 ? 19  PHE A CE2   1 
ATOM   129  C CZ    . PHE A 1 19  ? 1.089   -3.602  2.246   1.00 18.41 ? 19  PHE A CZ    1 
ATOM   130  N N     . TYR A 1 20  ? 5.952   -2.063  5.754   1.00 19.19 ? 20  TYR A N     1 
ATOM   131  C CA    . TYR A 1 20  ? 5.862   -0.614  5.838   1.00 17.28 ? 20  TYR A CA    1 
ATOM   132  C C     . TYR A 1 20  ? 5.806   0.011   4.451   1.00 15.65 ? 20  TYR A C     1 
ATOM   133  O O     . TYR A 1 20  ? 6.486   -0.436  3.532   1.00 17.83 ? 20  TYR A O     1 
ATOM   134  C CB    . TYR A 1 20  ? 7.060   -0.055  6.601   1.00 18.56 ? 20  TYR A CB    1 
ATOM   135  C CG    . TYR A 1 20  ? 7.153   -0.526  8.031   1.00 20.37 ? 20  TYR A CG    1 
ATOM   136  C CD1   . TYR A 1 20  ? 6.487   0.143   9.044   1.00 18.88 ? 20  TYR A CD1   1 
ATOM   137  C CD2   . TYR A 1 20  ? 7.907   -1.641  8.366   1.00 27.00 ? 20  TYR A CD2   1 
ATOM   138  C CE1   . TYR A 1 20  ? 6.567   -0.280  10.348  1.00 25.58 ? 20  TYR A CE1   1 
ATOM   139  C CE2   . TYR A 1 20  ? 7.991   -2.073  9.671   1.00 25.53 ? 20  TYR A CE2   1 
ATOM   140  C CZ    . TYR A 1 20  ? 7.317   -1.386  10.659  1.00 29.37 ? 20  TYR A CZ    1 
ATOM   141  O OH    . TYR A 1 20  ? 7.395   -1.806  11.963  1.00 29.43 ? 20  TYR A OH    1 
ATOM   142  N N     . ALA A 1 21  ? 5.006   1.059   4.308   1.00 16.16 ? 21  ALA A N     1 
ATOM   143  C CA    . ALA A 1 21  ? 4.935   1.778   3.043   1.00 14.90 ? 21  ALA A CA    1 
ATOM   144  C C     . ALA A 1 21  ? 4.560   3.247   3.230   1.00 14.19 ? 21  ALA A C     1 
ATOM   145  O O     . ALA A 1 21  ? 3.990   3.630   4.249   1.00 17.01 ? 21  ALA A O     1 
ATOM   146  C CB    . ALA A 1 21  ? 3.964   1.090   2.099   1.00 17.41 ? 21  ALA A CB    1 
ATOM   147  N N     . GLN A 1 22  ? 4.897   4.063   2.237   1.00 13.50 ? 22  GLN A N     1 
ATOM   148  C CA    . GLN A 1 22  ? 4.369   5.413   2.145   1.00 19.36 ? 22  GLN A CA    1 
ATOM   149  C C     . GLN A 1 22  ? 3.157   5.479   1.225   1.00 18.91 ? 22  GLN A C     1 
ATOM   150  O O     . GLN A 1 22  ? 3.130   4.860   0.166   1.00 17.03 ? 22  GLN A O     1 
ATOM   151  C CB    . GLN A 1 22  ? 5.442   6.387   1.657   1.00 16.14 ? 22  GLN A CB    1 
ATOM   152  C CG    . GLN A 1 22  ? 5.054   7.849   1.815   1.00 18.05 ? 22  GLN A CG    1 
ATOM   153  C CD    . GLN A 1 22  ? 6.190   8.797   1.480   1.00 19.36 ? 22  GLN A CD    1 
ATOM   154  O OE1   . GLN A 1 22  ? 7.092   8.455   0.719   1.00 21.28 ? 22  GLN A OE1   1 
ATOM   155  N NE2   . GLN A 1 22  ? 6.151   9.990   2.055   1.00 17.57 ? 22  GLN A NE2   1 
ATOM   156  N N     . VAL A 1 23  ? 2.158   6.242   1.645   1.00 18.12 ? 23  VAL A N     1 
ATOM   157  C CA    . VAL A 1 23  ? 0.961   6.442   0.850   1.00 15.29 ? 23  VAL A CA    1 
ATOM   158  C C     . VAL A 1 23  ? 1.210   7.466   -0.243  1.00 19.19 ? 23  VAL A C     1 
ATOM   159  O O     . VAL A 1 23  ? 1.525   8.618   0.035   1.00 23.04 ? 23  VAL A O     1 
ATOM   160  C CB    . VAL A 1 23  ? -0.218  6.904   1.722   1.00 16.74 ? 23  VAL A CB    1 
ATOM   161  C CG1   . VAL A 1 23  ? -1.471  7.054   0.881   1.00 22.06 ? 23  VAL A CG1   1 
ATOM   162  C CG2   . VAL A 1 23  ? -0.444  5.928   2.865   1.00 17.02 ? 23  VAL A CG2   1 
ATOM   163  N N     . ILE A 1 24  ? 1.067   7.036   -1.488  1.00 17.09 ? 24  ILE A N     1 
ATOM   164  C CA    . ILE A 1 24  ? 1.131   7.945   -2.624  1.00 16.90 ? 24  ILE A CA    1 
ATOM   165  C C     . ILE A 1 24  ? -0.230  8.567   -2.907  1.00 22.08 ? 24  ILE A C     1 
ATOM   166  O O     . ILE A 1 24  ? -0.351  9.781   -3.048  1.00 20.37 ? 24  ILE A O     1 
ATOM   167  C CB    . ILE A 1 24  ? 1.637   7.232   -3.883  1.00 19.02 ? 24  ILE A CB    1 
ATOM   168  C CG1   . ILE A 1 24  ? 2.938   6.485   -3.585  1.00 16.65 ? 24  ILE A CG1   1 
ATOM   169  C CG2   . ILE A 1 24  ? 1.835   8.225   -5.016  1.00 19.79 ? 24  ILE A CG2   1 
ATOM   170  C CD1   . ILE A 1 24  ? 4.059   7.380   -3.131  1.00 18.97 ? 24  ILE A CD1   1 
ATOM   171  N N     . LYS A 1 25  ? -1.251  7.724   -2.989  1.00 18.47 ? 25  LYS A N     1 
ATOM   172  C CA    . LYS A 1 25  ? -2.582  8.177   -3.364  1.00 15.09 ? 25  LYS A CA    1 
ATOM   173  C C     . LYS A 1 25  ? -3.644  7.624   -2.423  1.00 20.35 ? 25  LYS A C     1 
ATOM   174  O O     . LYS A 1 25  ? -3.587  6.468   -2.015  1.00 15.65 ? 25  LYS A O     1 
ATOM   175  C CB    . LYS A 1 25  ? -2.904  7.787   -4.809  1.00 21.40 ? 25  LYS A CB    1 
ATOM   176  C CG    . LYS A 1 25  ? -4.256  8.283   -5.285  1.00 22.69 ? 25  LYS A CG    1 
ATOM   177  C CD    . LYS A 1 25  ? -4.472  8.028   -6.765  1.00 18.62 ? 25  LYS A CD    1 
ATOM   178  C CE    . LYS A 1 25  ? -5.944  8.110   -7.116  1.00 19.52 ? 25  LYS A CE    1 
ATOM   179  N NZ    . LYS A 1 25  ? -6.165  8.367   -8.556  1.00 23.94 ? 25  LYS A NZ    1 
ATOM   180  N N     . THR A 1 26  ? -4.710  8.435   -2.175  1.00 18.29 ? 26  THR A N     1 
ATOM   181  C CA    . THR A 1 26  ? -5.913  7.940   -1.542  1.00 17.71 ? 26  THR A CA    1 
ATOM   182  C C     . THR A 1 26  ? -7.102  8.245   -2.435  1.00 18.57 ? 26  THR A C     1 
ATOM   183  O O     . THR A 1 26  ? -7.085  9.192   -3.211  1.00 18.97 ? 26  THR A O     1 
ATOM   184  C CB    . THR A 1 26  ? -6.162  8.579   -0.168  1.00 17.73 ? 26  THR A CB    1 
ATOM   185  O OG1   . THR A 1 26  ? -6.270  9.998   -0.310  1.00 19.75 ? 26  THR A OG1   1 
ATOM   186  C CG2   . THR A 1 26  ? -5.036  8.238   0.790   1.00 17.82 ? 26  THR A CG2   1 
ATOM   187  N N     . TRP A 1 27  ? -8.082  7.464   -2.225  1.00 16.19 ? 27  TRP A N     1 
ATOM   188  C CA    . TRP A 1 27  ? -9.362  7.765   -2.829  1.00 19.08 ? 27  TRP A CA    1 
ATOM   189  C C     . TRP A 1 27  ? -10.445 6.981   -2.132  1.00 20.20 ? 27  TRP A C     1 
ATOM   190  O O     . TRP A 1 27  ? -10.435 5.754   -2.125  1.00 17.24 ? 27  TRP A O     1 
ATOM   191  C CB    . TRP A 1 27  ? -9.396  7.454   -4.321  1.00 18.83 ? 27  TRP A CB    1 
ATOM   192  C CG    . TRP A 1 27  ? -10.678 7.908   -4.939  1.00 18.56 ? 27  TRP A CG    1 
ATOM   193  C CD1   . TRP A 1 27  ? -11.763 7.142   -5.239  1.00 23.39 ? 27  TRP A CD1   1 
ATOM   194  C CD2   . TRP A 1 27  ? -11.021 9.247   -5.301  1.00 21.61 ? 27  TRP A CD2   1 
ATOM   195  N NE1   . TRP A 1 27  ? -12.754 7.918   -5.782  1.00 21.32 ? 27  TRP A NE1   1 
ATOM   196  C CE2   . TRP A 1 27  ? -12.323 9.215   -5.831  1.00 23.88 ? 27  TRP A CE2   1 
ATOM   197  C CE3   . TRP A 1 27  ? -10.350 10.470  -5.237  1.00 21.52 ? 27  TRP A CE3   1 
ATOM   198  C CZ2   . TRP A 1 27  ? -12.966 10.358  -6.291  1.00 21.59 ? 27  TRP A CZ2   1 
ATOM   199  C CZ3   . TRP A 1 27  ? -10.987 11.598  -5.695  1.00 20.45 ? 27  TRP A CZ3   1 
ATOM   200  C CH2   . TRP A 1 27  ? -12.281 11.536  -6.215  1.00 22.56 ? 27  TRP A CH2   1 
ATOM   201  N N     . TYR A 1 28  ? -11.380 7.704   -1.542  1.00 20.21 ? 28  TYR A N     1 
ATOM   202  C CA    . TYR A 1 28  ? -12.556 7.057   -0.974  1.00 18.78 ? 28  TYR A CA    1 
ATOM   203  C C     . TYR A 1 28  ? -13.743 7.061   -1.935  1.00 25.79 ? 28  TYR A C     1 
ATOM   204  O O     . TYR A 1 28  ? -13.888 7.958   -2.764  1.00 23.90 ? 28  TYR A O     1 
ATOM   205  C CB    . TYR A 1 28  ? -12.931 7.658   0.390   1.00 17.80 ? 28  TYR A CB    1 
ATOM   206  C CG    . TYR A 1 28  ? -13.451 9.080   0.356   1.00 22.48 ? 28  TYR A CG    1 
ATOM   207  C CD1   . TYR A 1 28  ? -14.769 9.353   0.015   1.00 21.62 ? 28  TYR A CD1   1 
ATOM   208  C CD2   . TYR A 1 28  ? -12.629 10.146  0.687   1.00 23.14 ? 28  TYR A CD2   1 
ATOM   209  C CE1   . TYR A 1 28  ? -15.244 10.644  -0.009  1.00 26.96 ? 28  TYR A CE1   1 
ATOM   210  C CE2   . TYR A 1 28  ? -13.099 11.442  0.664   1.00 29.51 ? 28  TYR A CE2   1 
ATOM   211  C CZ    . TYR A 1 28  ? -14.409 11.687  0.316   1.00 29.86 ? 28  TYR A CZ    1 
ATOM   212  O OH    . TYR A 1 28  ? -14.882 12.979  0.291   1.00 32.15 ? 28  TYR A OH    1 
ATOM   213  N N     . SER A 1 29  ? -14.575 6.032   -1.818  1.00 21.77 ? 29  SER A N     1 
ATOM   214  C CA    . SER A 1 29  ? -15.749 5.874   -2.660  1.00 19.88 ? 29  SER A CA    1 
ATOM   215  C C     . SER A 1 29  ? -16.904 5.314   -1.839  1.00 22.89 ? 29  SER A C     1 
ATOM   216  O O     . SER A 1 29  ? -16.747 5.003   -0.661  1.00 19.16 ? 29  SER A O     1 
ATOM   217  C CB    . SER A 1 29  ? -15.443 4.938   -3.827  1.00 20.69 ? 29  SER A CB    1 
ATOM   218  O OG    . SER A 1 29  ? -15.457 3.588   -3.406  1.00 22.74 ? 29  SER A OG    1 
ATOM   219  N N     . ASP A 1 30  ? -18.063 5.184   -2.472  1.00 19.73 ? 30  ASP A N     1 
ATOM   220  C CA    . ASP A 1 30  ? -19.252 4.711   -1.786  1.00 21.15 ? 30  ASP A CA    1 
ATOM   221  C C     . ASP A 1 30  ? -19.195 3.207   -1.529  1.00 22.72 ? 30  ASP A C     1 
ATOM   222  O O     . ASP A 1 30  ? -20.082 2.645   -0.893  1.00 24.40 ? 30  ASP A O     1 
ATOM   223  C CB    . ASP A 1 30  ? -20.501 5.067   -2.585  1.00 23.50 ? 30  ASP A CB    1 
ATOM   224  C CG    . ASP A 1 30  ? -20.950 6.497   -2.356  1.00 38.51 ? 30  ASP A CG    1 
ATOM   225  O OD1   . ASP A 1 30  ? -20.666 7.046   -1.273  1.00 47.03 ? 30  ASP A OD1   1 
ATOM   226  O OD2   . ASP A 1 30  ? -21.590 7.074   -3.258  1.00 45.49 ? 30  ASP A OD2   1 
ATOM   227  N N     . LYS A 1 31  ? -18.141 2.567   -2.024  1.00 18.86 ? 31  LYS A N     1 
ATOM   228  C CA    . LYS A 1 31  ? -17.996 1.122   -1.919  1.00 22.49 ? 31  LYS A CA    1 
ATOM   229  C C     . LYS A 1 31  ? -16.859 0.752   -0.976  1.00 26.24 ? 31  LYS A C     1 
ATOM   230  O O     . LYS A 1 31  ? -16.988 -0.156  -0.159  1.00 25.11 ? 31  LYS A O     1 
ATOM   231  C CB    . LYS A 1 31  ? -17.764 0.506   -3.301  1.00 24.50 ? 31  LYS A CB    1 
ATOM   232  C CG    . LYS A 1 31  ? -18.883 0.785   -4.291  1.00 30.38 ? 31  LYS A CG    1 
ATOM   233  C CD    . LYS A 1 31  ? -18.881 -0.203  -5.445  1.00 48.34 ? 31  LYS A CD    1 
ATOM   234  C CE    . LYS A 1 31  ? -20.297 -0.680  -5.769  1.00 56.95 ? 31  LYS A CE    1 
ATOM   235  N NZ    . LYS A 1 31  ? -20.321 -1.730  -6.825  1.00 53.80 ? 31  LYS A NZ    1 
ATOM   236  N N     . ASN A 1 32  ? -15.747 1.468   -1.095  1.00 17.72 ? 32  ASN A N     1 
ATOM   237  C CA    . ASN A 1 32  ? -14.546 1.149   -0.339  1.00 18.73 ? 32  ASN A CA    1 
ATOM   238  C C     . ASN A 1 32  ? -13.607 2.337   -0.213  1.00 21.64 ? 32  ASN A C     1 
ATOM   239  O O     . ASN A 1 32  ? -13.892 3.424   -0.706  1.00 20.08 ? 32  ASN A O     1 
ATOM   240  C CB    . ASN A 1 32  ? -13.810 -0.034  -0.966  1.00 17.25 ? 32  ASN A CB    1 
ATOM   241  C CG    . ASN A 1 32  ? -13.469 0.197   -2.424  1.00 21.63 ? 32  ASN A CG    1 
ATOM   242  O OD1   . ASN A 1 32  ? -12.861 1.205   -2.779  1.00 21.88 ? 32  ASN A OD1   1 
ATOM   243  N ND2   . ASN A 1 32  ? -13.852 -0.739  -3.276  1.00 19.76 ? 32  ASN A ND2   1 
ATOM   244  N N     . PHE A 1 33  ? -12.483 2.111   0.455   1.00 17.93 ? 33  PHE A N     1 
ATOM   245  C CA    . PHE A 1 33  ? -11.410 3.089   0.533   1.00 20.52 ? 33  PHE A CA    1 
ATOM   246  C C     . PHE A 1 33  ? -10.155 2.487   -0.072  1.00 18.87 ? 33  PHE A C     1 
ATOM   247  O O     . PHE A 1 33  ? -9.755  1.390   0.297   1.00 19.30 ? 33  PHE A O     1 
ATOM   248  C CB    . PHE A 1 33  ? -11.160 3.468   1.994   1.00 19.83 ? 33  PHE A CB    1 
ATOM   249  C CG    . PHE A 1 33  ? -10.172 4.586   2.176   1.00 16.85 ? 33  PHE A CG    1 
ATOM   250  C CD1   . PHE A 1 33  ? -10.293 5.763   1.464   1.00 15.62 ? 33  PHE A CD1   1 
ATOM   251  C CD2   . PHE A 1 33  ? -9.125  4.458   3.073   1.00 18.80 ? 33  PHE A CD2   1 
ATOM   252  C CE1   . PHE A 1 33  ? -9.391  6.788   1.637   1.00 17.90 ? 33  PHE A CE1   1 
ATOM   253  C CE2   . PHE A 1 33  ? -8.220  5.480   3.247   1.00 18.72 ? 33  PHE A CE2   1 
ATOM   254  C CZ    . PHE A 1 33  ? -8.354  6.647   2.527   1.00 20.80 ? 33  PHE A CZ    1 
ATOM   255  N N     . THR A 1 34  ? -9.545  3.199   -1.011  1.00 19.30 ? 34  THR A N     1 
ATOM   256  C CA    . THR A 1 34  ? -8.377  2.668   -1.705  1.00 18.13 ? 34  THR A CA    1 
ATOM   257  C C     . THR A 1 34  ? -7.108  3.468   -1.412  1.00 19.12 ? 34  THR A C     1 
ATOM   258  O O     . THR A 1 34  ? -7.103  4.695   -1.469  1.00 15.86 ? 34  THR A O     1 
ATOM   259  C CB    . THR A 1 34  ? -8.609  2.570   -3.227  1.00 20.44 ? 34  THR A CB    1 
ATOM   260  O OG1   . THR A 1 34  ? -9.718  1.702   -3.487  1.00 17.87 ? 34  THR A OG1   1 
ATOM   261  C CG2   . THR A 1 34  ? -7.381  2.016   -3.913  1.00 17.41 ? 34  THR A CG2   1 
ATOM   262  N N     . LEU A 1 35  ? -6.019  2.749   -1.169  1.00 17.86 ? 35  LEU A N     1 
ATOM   263  C CA    . LEU A 1 35  ? -4.708  3.357   -1.031  1.00 15.65 ? 35  LEU A CA    1 
ATOM   264  C C     . LEU A 1 35  ? -3.808  2.876   -2.154  1.00 18.61 ? 35  LEU A C     1 
ATOM   265  O O     . LEU A 1 35  ? -3.998  1.789   -2.688  1.00 18.21 ? 35  LEU A O     1 
ATOM   266  C CB    . LEU A 1 35  ? -4.072  2.976   0.305   1.00 18.17 ? 35  LEU A CB    1 
ATOM   267  C CG    . LEU A 1 35  ? -4.868  3.239   1.582   1.00 22.88 ? 35  LEU A CG    1 
ATOM   268  C CD1   . LEU A 1 35  ? -4.155  2.643   2.778   1.00 20.10 ? 35  LEU A CD1   1 
ATOM   269  C CD2   . LEU A 1 35  ? -5.085  4.728   1.776   1.00 16.49 ? 35  LEU A CD2   1 
ATOM   270  N N     . TYR A 1 36  ? -2.823  3.696   -2.498  1.00 16.36 ? 36  TYR A N     1 
ATOM   271  C CA    . TYR A 1 36  ? -1.743  3.297   -3.388  1.00 15.60 ? 36  TYR A CA    1 
ATOM   272  C C     . TYR A 1 36  ? -0.449  3.607   -2.652  1.00 17.17 ? 36  TYR A C     1 
ATOM   273  O O     . TYR A 1 36  ? -0.181  4.752   -2.310  1.00 16.75 ? 36  TYR A O     1 
ATOM   274  C CB    . TYR A 1 36  ? -1.826  4.030   -4.722  1.00 16.17 ? 36  TYR A CB    1 
ATOM   275  C CG    . TYR A 1 36  ? -3.123  3.774   -5.454  1.00 17.00 ? 36  TYR A CG    1 
ATOM   276  C CD1   . TYR A 1 36  ? -4.269  4.494   -5.148  1.00 18.94 ? 36  TYR A CD1   1 
ATOM   277  C CD2   . TYR A 1 36  ? -3.206  2.803   -6.442  1.00 18.46 ? 36  TYR A CD2   1 
ATOM   278  C CE1   . TYR A 1 36  ? -5.455  4.259   -5.806  1.00 22.63 ? 36  TYR A CE1   1 
ATOM   279  C CE2   . TYR A 1 36  ? -4.387  2.559   -7.105  1.00 18.39 ? 36  TYR A CE2   1 
ATOM   280  C CZ    . TYR A 1 36  ? -5.510  3.291   -6.786  1.00 18.67 ? 36  TYR A CZ    1 
ATOM   281  O OH    . TYR A 1 36  ? -6.689  3.051   -7.443  1.00 18.54 ? 36  TYR A OH    1 
ATOM   282  N N     . VAL A 1 37  ? 0.330   2.569   -2.381  1.00 14.56 ? 37  VAL A N     1 
ATOM   283  C CA    . VAL A 1 37  ? 1.445   2.679   -1.453  1.00 14.81 ? 37  VAL A CA    1 
ATOM   284  C C     . VAL A 1 37  ? 2.737   2.128   -2.055  1.00 17.23 ? 37  VAL A C     1 
ATOM   285  O O     . VAL A 1 37  ? 2.708   1.300   -2.957  1.00 18.17 ? 37  VAL A O     1 
ATOM   286  C CB    . VAL A 1 37  ? 1.141   1.973   -0.115  1.00 15.00 ? 37  VAL A CB    1 
ATOM   287  C CG1   . VAL A 1 37  ? -0.190  2.435   0.432   1.00 15.29 ? 37  VAL A CG1   1 
ATOM   288  C CG2   . VAL A 1 37  ? 1.151   0.471   -0.296  1.00 16.29 ? 37  VAL A CG2   1 
ATOM   289  N N     . THR A 1 38  ? 3.868   2.604   -1.550  1.00 15.56 ? 38  THR A N     1 
ATOM   290  C CA    . THR A 1 38  ? 5.173   2.178   -2.043  1.00 18.91 ? 38  THR A CA    1 
ATOM   291  C C     . THR A 1 38  ? 6.175   2.096   -0.896  1.00 19.76 ? 38  THR A C     1 
ATOM   292  O O     . THR A 1 38  ? 6.068   2.834   0.080   1.00 17.31 ? 38  THR A O     1 
ATOM   293  C CB    . THR A 1 38  ? 5.707   3.136   -3.125  1.00 18.14 ? 38  THR A CB    1 
ATOM   294  O OG1   . THR A 1 38  ? 6.894   2.591   -3.711  1.00 16.40 ? 38  THR A OG1   1 
ATOM   295  C CG2   . THR A 1 38  ? 6.021   4.496   -2.524  1.00 18.24 ? 38  THR A CG2   1 
ATOM   296  N N     . ASP A 1 39  ? 7.144   1.196   -1.014  1.00 19.10 ? 39  ASP A N     1 
ATOM   297  C CA    . ASP A 1 39  ? 8.371   1.295   -0.234  1.00 16.39 ? 39  ASP A CA    1 
ATOM   298  C C     . ASP A 1 39  ? 9.585   1.451   -1.139  1.00 17.53 ? 39  ASP A C     1 
ATOM   299  O O     . ASP A 1 39  ? 10.716  1.248   -0.712  1.00 20.76 ? 39  ASP A O     1 
ATOM   300  C CB    . ASP A 1 39  ? 8.537   0.081   0.685   1.00 18.15 ? 39  ASP A CB    1 
ATOM   301  C CG    . ASP A 1 39  ? 8.821   -1.202  -0.077  1.00 18.28 ? 39  ASP A CG    1 
ATOM   302  O OD1   . ASP A 1 39  ? 8.876   -1.163  -1.320  1.00 18.86 ? 39  ASP A OD1   1 
ATOM   303  O OD2   . ASP A 1 39  ? 8.984   -2.254  0.573   1.00 22.01 ? 39  ASP A OD2   1 
ATOM   304  N N     . TYR A 1 40  ? 9.332   1.830   -2.384  1.00 13.68 ? 40  TYR A N     1 
ATOM   305  C CA    . TYR A 1 40  ? 10.388  2.067   -3.356  1.00 19.43 ? 40  TYR A CA    1 
ATOM   306  C C     . TYR A 1 40  ? 11.244  0.835   -3.633  1.00 22.97 ? 40  TYR A C     1 
ATOM   307  O O     . TYR A 1 40  ? 12.447  0.932   -3.858  1.00 26.87 ? 40  TYR A O     1 
ATOM   308  C CB    . TYR A 1 40  ? 11.221  3.284   -2.960  1.00 20.38 ? 40  TYR A CB    1 
ATOM   309  C CG    . TYR A 1 40  ? 10.449  4.571   -3.147  1.00 18.31 ? 40  TYR A CG    1 
ATOM   310  C CD1   . TYR A 1 40  ? 10.349  5.165   -4.393  1.00 19.89 ? 40  TYR A CD1   1 
ATOM   311  C CD2   . TYR A 1 40  ? 9.788   5.167   -2.085  1.00 19.32 ? 40  TYR A CD2   1 
ATOM   312  C CE1   . TYR A 1 40  ? 9.631   6.326   -4.574  1.00 20.00 ? 40  TYR A CE1   1 
ATOM   313  C CE2   . TYR A 1 40  ? 9.069   6.329   -2.256  1.00 21.78 ? 40  TYR A CE2   1 
ATOM   314  C CZ    . TYR A 1 40  ? 8.993   6.905   -3.502  1.00 23.75 ? 40  TYR A CZ    1 
ATOM   315  O OH    . TYR A 1 40  ? 8.279   8.062   -3.680  1.00 17.66 ? 40  TYR A OH    1 
ATOM   316  N N     . THR A 1 41  ? 10.587  -0.321  -3.630  1.00 20.84 ? 41  THR A N     1 
ATOM   317  C CA    . THR A 1 41  ? 11.136  -1.556  -4.168  1.00 17.76 ? 41  THR A CA    1 
ATOM   318  C C     . THR A 1 41  ? 10.170  -2.075  -5.228  1.00 20.45 ? 41  THR A C     1 
ATOM   319  O O     . THR A 1 41  ? 8.964   -1.884  -5.116  1.00 21.25 ? 41  THR A O     1 
ATOM   320  C CB    . THR A 1 41  ? 11.334  -2.634  -3.087  1.00 19.75 ? 41  THR A CB    1 
ATOM   321  O OG1   . THR A 1 41  ? 10.063  -3.116  -2.641  1.00 18.49 ? 41  THR A OG1   1 
ATOM   322  C CG2   . THR A 1 41  ? 12.115  -2.076  -1.906  1.00 18.93 ? 41  THR A CG2   1 
ATOM   323  N N     . GLU A 1 42  ? 10.736  -2.693  -6.251  1.00 20.78 ? 42  GLU A N     1 
ATOM   324  C CA    . GLU A 1 42  ? 10.016  -3.066  -7.448  1.00 21.96 ? 42  GLU A CA    1 
ATOM   325  C C     . GLU A 1 42  ? 9.461   -4.478  -7.381  1.00 20.93 ? 42  GLU A C     1 
ATOM   326  O O     . GLU A 1 42  ? 10.147  -5.404  -6.975  1.00 23.09 ? 42  GLU A O     1 
ATOM   327  C CB    . GLU A 1 42  ? 10.966  -2.936  -8.636  1.00 23.80 ? 42  GLU A CB    1 
ATOM   328  C CG    . GLU A 1 42  ? 10.330  -3.021  -9.994  1.00 21.97 ? 42  GLU A CG    1 
ATOM   329  C CD    . GLU A 1 42  ? 11.358  -2.915  -11.098 1.00 26.08 ? 42  GLU A CD    1 
ATOM   330  O OE1   . GLU A 1 42  ? 10.965  -2.863  -12.276 1.00 21.57 ? 42  GLU A OE1   1 
ATOM   331  O OE2   . GLU A 1 42  ? 12.564  -2.883  -10.784 1.00 29.07 ? 42  GLU A OE2   1 
ATOM   332  N N     . ASN A 1 43  ? 8.206   -4.630  -7.783  1.00 21.83 ? 43  ASN A N     1 
ATOM   333  C CA    . ASN A 1 43  ? 7.587   -5.941  -7.892  1.00 21.88 ? 43  ASN A CA    1 
ATOM   334  C C     . ASN A 1 43  ? 7.085   -6.203  -9.305  1.00 22.12 ? 43  ASN A C     1 
ATOM   335  O O     . ASN A 1 43  ? 6.342   -5.406  -9.869  1.00 20.28 ? 43  ASN A O     1 
ATOM   336  C CB    . ASN A 1 43  ? 6.446   -6.084  -6.884  1.00 23.90 ? 43  ASN A CB    1 
ATOM   337  C CG    . ASN A 1 43  ? 5.990   -7.519  -6.714  1.00 22.96 ? 43  ASN A CG    1 
ATOM   338  O OD1   . ASN A 1 43  ? 5.616   -8.183  -7.678  1.00 21.70 ? 43  ASN A OD1   1 
ATOM   339  N ND2   . ASN A 1 43  ? 6.012   -8.004  -5.479  1.00 20.15 ? 43  ASN A ND2   1 
ATOM   340  N N     . GLU A 1 44  ? 7.501   -7.333  -9.867  1.00 20.48 ? 44  GLU A N     1 
ATOM   341  C CA    . GLU A 1 44  ? 7.212   -7.659  -11.258 1.00 20.87 ? 44  GLU A CA    1 
ATOM   342  C C     . GLU A 1 44  ? 5.716   -7.785  -11.535 1.00 22.55 ? 44  GLU A C     1 
ATOM   343  O O     . GLU A 1 44  ? 5.295   -7.780  -12.686 1.00 22.43 ? 44  GLU A O     1 
ATOM   344  C CB    . GLU A 1 44  ? 7.925   -8.951  -11.658 1.00 24.66 ? 44  GLU A CB    1 
ATOM   345  C CG    . GLU A 1 44  ? 9.436   -8.857  -11.620 1.00 37.46 ? 44  GLU A CG    1 
ATOM   346  C CD    . GLU A 1 44  ? 10.111  -10.140 -12.064 1.00 53.68 ? 44  GLU A CD    1 
ATOM   347  O OE1   . GLU A 1 44  ? 9.568   -11.227 -11.778 1.00 61.32 ? 44  GLU A OE1   1 
ATOM   348  O OE2   . GLU A 1 44  ? 11.184  -10.062 -12.696 1.00 52.10 ? 44  GLU A OE2   1 
ATOM   349  N N     . LEU A 1 45  ? 4.918   -7.903  -10.478 1.00 20.21 ? 45  LEU A N     1 
ATOM   350  C CA    . LEU A 1 45  ? 3.478   -8.088  -10.640 1.00 21.83 ? 45  LEU A CA    1 
ATOM   351  C C     . LEU A 1 45  ? 2.676   -6.809  -10.390 1.00 20.12 ? 45  LEU A C     1 
ATOM   352  O O     . LEU A 1 45  ? 1.472   -6.773  -10.622 1.00 21.50 ? 45  LEU A O     1 
ATOM   353  C CB    . LEU A 1 45  ? 2.970   -9.213  -9.735  1.00 22.38 ? 45  LEU A CB    1 
ATOM   354  C CG    . LEU A 1 45  ? 3.498   -10.627 -9.990  1.00 19.52 ? 45  LEU A CG    1 
ATOM   355  C CD1   . LEU A 1 45  ? 2.871   -11.603 -9.008  1.00 30.41 ? 45  LEU A CD1   1 
ATOM   356  C CD2   . LEU A 1 45  ? 3.243   -11.065 -11.419 1.00 22.24 ? 45  LEU A CD2   1 
ATOM   357  N N     . PHE A 1 46  ? 3.343   -5.763  -9.916  1.00 17.11 ? 46  PHE A N     1 
ATOM   358  C CA    . PHE A 1 46  ? 2.681   -4.481  -9.704  1.00 18.64 ? 46  PHE A CA    1 
ATOM   359  C C     . PHE A 1 46  ? 2.312   -3.841  -11.037 1.00 17.21 ? 46  PHE A C     1 
ATOM   360  O O     . PHE A 1 46  ? 2.918   -4.134  -12.062 1.00 21.42 ? 46  PHE A O     1 
ATOM   361  C CB    . PHE A 1 46  ? 3.572   -3.533  -8.900  1.00 14.33 ? 46  PHE A CB    1 
ATOM   362  C CG    . PHE A 1 46  ? 3.753   -3.933  -7.463  1.00 18.21 ? 46  PHE A CG    1 
ATOM   363  C CD1   . PHE A 1 46  ? 3.060   -5.005  -6.933  1.00 19.37 ? 46  PHE A CD1   1 
ATOM   364  C CD2   . PHE A 1 46  ? 4.620   -3.234  -6.645  1.00 16.57 ? 46  PHE A CD2   1 
ATOM   365  C CE1   . PHE A 1 46  ? 3.229   -5.372  -5.615  1.00 18.42 ? 46  PHE A CE1   1 
ATOM   366  C CE2   . PHE A 1 46  ? 4.792   -3.597  -5.328  1.00 19.93 ? 46  PHE A CE2   1 
ATOM   367  C CZ    . PHE A 1 46  ? 4.093   -4.667  -4.812  1.00 19.54 ? 46  PHE A CZ    1 
ATOM   368  N N     . PHE A 1 47  ? 1.323   -2.956  -11.019 1.00 14.75 ? 47  PHE A N     1 
ATOM   369  C CA    . PHE A 1 47  ? 0.996   -2.173  -12.204 1.00 19.94 ? 47  PHE A CA    1 
ATOM   370  C C     . PHE A 1 47  ? 2.127   -1.217  -12.579 1.00 19.90 ? 47  PHE A C     1 
ATOM   371  O O     . PHE A 1 47  ? 2.666   -0.519  -11.724 1.00 18.73 ? 47  PHE A O     1 
ATOM   372  C CB    . PHE A 1 47  ? -0.305  -1.396  -12.004 1.00 20.68 ? 47  PHE A CB    1 
ATOM   373  C CG    . PHE A 1 47  ? -0.766  -0.674  -13.233 1.00 17.55 ? 47  PHE A CG    1 
ATOM   374  C CD1   . PHE A 1 47  ? -0.547  0.682   -13.376 1.00 22.35 ? 47  PHE A CD1   1 
ATOM   375  C CD2   . PHE A 1 47  ? -1.407  -1.355  -14.252 1.00 23.73 ? 47  PHE A CD2   1 
ATOM   376  C CE1   . PHE A 1 47  ? -0.964  1.347   -14.510 1.00 21.10 ? 47  PHE A CE1   1 
ATOM   377  C CE2   . PHE A 1 47  ? -1.825  -0.693  -15.386 1.00 24.49 ? 47  PHE A CE2   1 
ATOM   378  C CZ    . PHE A 1 47  ? -1.603  0.659   -15.514 1.00 17.80 ? 47  PHE A CZ    1 
ATOM   379  N N     . PRO A 1 48  ? 2.485   -1.181  -13.870 1.00 21.05 ? 48  PRO A N     1 
ATOM   380  C CA    . PRO A 1 48  ? 3.500   -0.244  -14.348 1.00 18.00 ? 48  PRO A CA    1 
ATOM   381  C C     . PRO A 1 48  ? 2.891   1.129   -14.597 1.00 19.96 ? 48  PRO A C     1 
ATOM   382  O O     . PRO A 1 48  ? 2.244   1.338   -15.617 1.00 18.04 ? 48  PRO A O     1 
ATOM   383  C CB    . PRO A 1 48  ? 3.946   -0.870  -15.665 1.00 17.06 ? 48  PRO A CB    1 
ATOM   384  C CG    . PRO A 1 48  ? 2.745   -1.579  -16.163 1.00 20.27 ? 48  PRO A CG    1 
ATOM   385  C CD    . PRO A 1 48  ? 1.926   -1.992  -14.965 1.00 22.24 ? 48  PRO A CD    1 
ATOM   386  N N     . MET A 1 49  ? 3.096   2.049   -13.662 1.00 17.59 ? 49  MET A N     1 
ATOM   387  C CA    . MET A 1 49  ? 2.583   3.400   -13.809 1.00 19.64 ? 49  MET A CA    1 
ATOM   388  C C     . MET A 1 49  ? 3.330   4.154   -14.899 1.00 18.54 ? 49  MET A C     1 
ATOM   389  O O     . MET A 1 49  ? 4.553   4.252   -14.875 1.00 14.68 ? 49  MET A O     1 
ATOM   390  C CB    . MET A 1 49  ? 2.670   4.158   -12.485 1.00 17.69 ? 49  MET A CB    1 
ATOM   391  C CG    . MET A 1 49  ? 1.681   3.674   -11.443 1.00 22.42 ? 49  MET A CG    1 
ATOM   392  S SD    . MET A 1 49  ? -0.026  3.935   -11.944 1.00 21.53 ? 49  MET A SD    1 
ATOM   393  C CE    . MET A 1 49  ? -0.183  5.693   -11.689 1.00 22.52 ? 49  MET A CE    1 
ATOM   394  N N     . SER A 1 50  ? 2.577   4.677   -15.856 1.00 16.44 ? 50  SER A N     1 
ATOM   395  C CA    . SER A 1 50  ? 3.155   5.423   -16.962 1.00 18.92 ? 50  SER A CA    1 
ATOM   396  C C     . SER A 1 50  ? 3.491   6.845   -16.536 1.00 19.24 ? 50  SER A C     1 
ATOM   397  O O     . SER A 1 50  ? 2.656   7.535   -15.956 1.00 20.23 ? 50  SER A O     1 
ATOM   398  C CB    . SER A 1 50  ? 2.198   5.443   -18.154 1.00 19.00 ? 50  SER A CB    1 
ATOM   399  O OG    . SER A 1 50  ? 2.714   6.228   -19.210 1.00 18.95 ? 50  SER A OG    1 
ATOM   400  N N     . PRO A 1 51  ? 4.721   7.289   -16.837 1.00 20.05 ? 51  PRO A N     1 
ATOM   401  C CA    . PRO A 1 51  ? 5.112   8.697   -16.739 1.00 18.26 ? 51  PRO A CA    1 
ATOM   402  C C     . PRO A 1 51  ? 4.308   9.577   -17.688 1.00 21.51 ? 51  PRO A C     1 
ATOM   403  O O     . PRO A 1 51  ? 4.332   10.795  -17.557 1.00 23.53 ? 51  PRO A O     1 
ATOM   404  C CB    . PRO A 1 51  ? 6.587   8.686   -17.166 1.00 17.62 ? 51  PRO A CB    1 
ATOM   405  C CG    . PRO A 1 51  ? 7.028   7.276   -17.048 1.00 17.94 ? 51  PRO A CG    1 
ATOM   406  C CD    . PRO A 1 51  ? 5.820   6.448   -17.335 1.00 20.41 ? 51  PRO A CD    1 
ATOM   407  N N     . TYR A 1 52  ? 3.639   8.961   -18.653 1.00 18.29 ? 52  TYR A N     1 
ATOM   408  C CA    . TYR A 1 52  ? 3.022   9.711   -19.732 1.00 23.37 ? 52  TYR A CA    1 
ATOM   409  C C     . TYR A 1 52  ? 1.524   9.919   -19.548 1.00 22.71 ? 52  TYR A C     1 
ATOM   410  O O     . TYR A 1 52  ? 0.999   10.976  -19.880 1.00 22.87 ? 52  TYR A O     1 
ATOM   411  C CB    . TYR A 1 52  ? 3.323   9.037   -21.076 1.00 21.45 ? 52  TYR A CB    1 
ATOM   412  C CG    . TYR A 1 52  ? 4.696   8.396   -21.121 1.00 22.11 ? 52  TYR A CG    1 
ATOM   413  C CD1   . TYR A 1 52  ? 5.836   9.136   -20.844 1.00 21.02 ? 52  TYR A CD1   1 
ATOM   414  C CD2   . TYR A 1 52  ? 4.847   7.049   -21.420 1.00 21.46 ? 52  TYR A CD2   1 
ATOM   415  C CE1   . TYR A 1 52  ? 7.090   8.554   -20.874 1.00 23.04 ? 52  TYR A CE1   1 
ATOM   416  C CE2   . TYR A 1 52  ? 6.095   6.461   -21.450 1.00 20.30 ? 52  TYR A CE2   1 
ATOM   417  C CZ    . TYR A 1 52  ? 7.214   7.218   -21.176 1.00 21.15 ? 52  TYR A CZ    1 
ATOM   418  O OH    . TYR A 1 52  ? 8.456   6.637   -21.207 1.00 21.57 ? 52  TYR A OH    1 
ATOM   419  N N     . THR A 1 53  ? 0.837   8.913   -19.026 1.00 23.27 ? 53  THR A N     1 
ATOM   420  C CA    . THR A 1 53  ? -0.612  8.996   -18.904 1.00 22.99 ? 53  THR A CA    1 
ATOM   421  C C     . THR A 1 53  ? -1.101  9.110   -17.465 1.00 20.30 ? 53  THR A C     1 
ATOM   422  O O     . THR A 1 53  ? -2.271  9.387   -17.228 1.00 23.38 ? 53  THR A O     1 
ATOM   423  C CB    . THR A 1 53  ? -1.302  7.808   -19.593 1.00 21.21 ? 53  THR A CB    1 
ATOM   424  O OG1   . THR A 1 53  ? -0.911  6.590   -18.952 1.00 20.15 ? 53  THR A OG1   1 
ATOM   425  C CG2   . THR A 1 53  ? -0.911  7.758   -21.058 1.00 20.00 ? 53  THR A CG2   1 
ATOM   426  N N     . SER A 1 54  ? -0.213  8.888   -16.505 1.00 18.51 ? 54  SER A N     1 
ATOM   427  C CA    . SER A 1 54  ? -0.578  9.028   -15.103 1.00 22.16 ? 54  SER A CA    1 
ATOM   428  C C     . SER A 1 54  ? -1.086  10.437  -14.832 1.00 26.51 ? 54  SER A C     1 
ATOM   429  O O     . SER A 1 54  ? -0.671  11.385  -15.489 1.00 21.33 ? 54  SER A O     1 
ATOM   430  C CB    . SER A 1 54  ? 0.618   8.729   -14.201 1.00 22.01 ? 54  SER A CB    1 
ATOM   431  O OG    . SER A 1 54  ? 0.854   7.339   -14.109 1.00 23.57 ? 54  SER A OG    1 
ATOM   432  N N     . SER A 1 55  ? -1.933  10.669  -13.897 1.00 21.35 ? 55  SER A N     1 
ATOM   433  C CA    . SER A 1 55  ? -2.414  11.973  -13.468 1.00 22.80 ? 55  SER A CA    1 
ATOM   434  C C     . SER A 1 55  ? -1.233  12.815  -13.007 1.00 24.79 ? 55  SER A C     1 
ATOM   435  O O     . SER A 1 55  ? -0.289  12.303  -12.418 1.00 22.67 ? 55  SER A O     1 
ATOM   436  C CB    . SER A 1 55  ? -3.425  11.835  -12.331 1.00 25.61 ? 55  SER A CB    1 
ATOM   437  O OG    . SER A 1 55  ? -3.860  13.108  -11.884 1.00 26.13 ? 55  SER A OG    1 
ATOM   438  N N     . SER A 1 56  ? -1.295  14.011  -13.253 1.00 21.60 ? 56  SER A N     1 
ATOM   439  C CA    . SER A 1 56  ? -0.209  14.881  -12.836 1.00 25.50 ? 56  SER A CA    1 
ATOM   440  C C     . SER A 1 56  ? -0.086  14.949  -11.314 1.00 26.19 ? 56  SER A C     1 
ATOM   441  O O     . SER A 1 56  ? 0.907   15.446  -10.792 1.00 23.54 ? 56  SER A O     1 
ATOM   442  C CB    . SER A 1 56  ? -0.392  16.284  -13.414 1.00 29.68 ? 56  SER A CB    1 
ATOM   443  O OG    . SER A 1 56  ? -1.599  16.865  -12.966 1.00 31.84 ? 56  SER A OG    1 
ATOM   444  N N     . ARG A 1 57  ? -1.090  14.444  -10.604 1.00 25.76 ? 57  ARG A N     1 
ATOM   445  C CA    . ARG A 1 57  ? -1.115  14.577  -9.166  1.00 30.68 ? 57  ARG A CA    1 
ATOM   446  C C     . ARG A 1 57  ? -0.238  13.479  -8.575  1.00 27.20 ? 57  ARG A C     1 
ATOM   447  O O     . ARG A 1 57  ? 0.289   13.612  -7.476  1.00 31.22 ? 57  ARG A O     1 
ATOM   448  C CB    . ARG A 1 57  ? -2.552  14.433  -8.673  1.00 31.57 ? 57  ARG A CB    1 
ATOM   449  C CG    . ARG A 1 57  ? -2.766  14.832  -7.239  1.00 35.85 ? 57  ARG A CG    1 
ATOM   450  C CD    . ARG A 1 57  ? -4.005  14.170  -6.688  1.00 33.50 ? 57  ARG A CD    1 
ATOM   451  N NE    . ARG A 1 57  ? -4.105  14.347  -5.247  1.00 33.33 ? 57  ARG A NE    1 
ATOM   452  C CZ    . ARG A 1 57  ? -4.680  15.391  -4.669  1.00 27.83 ? 57  ARG A CZ    1 
ATOM   453  N NH1   . ARG A 1 57  ? -5.213  16.348  -5.412  1.00 25.07 ? 57  ARG A NH1   1 
ATOM   454  N NH2   . ARG A 1 57  ? -4.722  15.471  -3.350  1.00 33.39 ? 57  ARG A NH2   1 
ATOM   455  N N     . TRP A 1 58  ? -0.088  12.393  -9.322  1.00 23.36 ? 58  TRP A N     1 
ATOM   456  C CA    . TRP A 1 58  ? 0.693   11.246  -8.876  1.00 24.42 ? 58  TRP A CA    1 
ATOM   457  C C     . TRP A 1 58  ? 2.071   11.679  -8.377  1.00 32.50 ? 58  TRP A C     1 
ATOM   458  O O     . TRP A 1 58  ? 2.939   12.056  -9.161  1.00 26.02 ? 58  TRP A O     1 
ATOM   459  C CB    . TRP A 1 58  ? 0.800   10.205  -10.000 1.00 20.71 ? 58  TRP A CB    1 
ATOM   460  C CG    . TRP A 1 58  ? 1.540   8.954   -9.631  1.00 19.19 ? 58  TRP A CG    1 
ATOM   461  C CD1   . TRP A 1 58  ? 2.799   8.606   -10.019 1.00 24.82 ? 58  TRP A CD1   1 
ATOM   462  C CD2   . TRP A 1 58  ? 1.064   7.879   -8.812  1.00 16.73 ? 58  TRP A CD2   1 
ATOM   463  N NE1   . TRP A 1 58  ? 3.141   7.389   -9.491  1.00 17.92 ? 58  TRP A NE1   1 
ATOM   464  C CE2   . TRP A 1 58  ? 2.093   6.920   -8.744  1.00 23.46 ? 58  TRP A CE2   1 
ATOM   465  C CE3   . TRP A 1 58  ? -0.127  7.638   -8.124  1.00 20.63 ? 58  TRP A CE3   1 
ATOM   466  C CZ2   . TRP A 1 58  ? 1.967   5.743   -8.016  1.00 17.94 ? 58  TRP A CZ2   1 
ATOM   467  C CZ3   . TRP A 1 58  ? -0.249  6.469   -7.405  1.00 24.68 ? 58  TRP A CZ3   1 
ATOM   468  C CH2   . TRP A 1 58  ? 0.791   5.535   -7.357  1.00 15.77 ? 58  TRP A CH2   1 
ATOM   469  N N     . ARG A 1 59  ? 2.251   11.628  -7.060  1.00 29.10 ? 59  ARG A N     1 
ATOM   470  C CA    . ARG A 1 59  ? 3.498   12.037  -6.434  1.00 29.99 ? 59  ARG A CA    1 
ATOM   471  C C     . ARG A 1 59  ? 4.390   10.834  -6.135  1.00 30.19 ? 59  ARG A C     1 
ATOM   472  O O     . ARG A 1 59  ? 5.269   10.901  -5.286  1.00 26.66 ? 59  ARG A O     1 
ATOM   473  C CB    . ARG A 1 59  ? 3.217   12.815  -5.147  1.00 35.25 ? 59  ARG A CB    1 
ATOM   474  C CG    . ARG A 1 59  ? 3.066   14.317  -5.339  1.00 48.27 ? 59  ARG A CG    1 
ATOM   475  C CD    . ARG A 1 59  ? 4.009   15.094  -4.430  1.00 58.50 ? 59  ARG A CD    1 
ATOM   476  N NE    . ARG A 1 59  ? 3.785   14.790  -3.019  1.00 60.42 ? 59  ARG A NE    1 
ATOM   477  C CZ    . ARG A 1 59  ? 3.289   15.652  -2.137  1.00 67.80 ? 59  ARG A CZ    1 
ATOM   478  N NH1   . ARG A 1 59  ? 2.962   16.882  -2.516  1.00 57.47 ? 59  ARG A NH1   1 
ATOM   479  N NH2   . ARG A 1 59  ? 3.122   15.285  -0.872  1.00 66.39 ? 59  ARG A NH2   1 
ATOM   480  N N     . GLY A 1 60  ? 4.159   9.736   -6.846  1.00 29.97 ? 60  GLY A N     1 
ATOM   481  C CA    . GLY A 1 60  ? 4.911   8.518   -6.619  1.00 16.74 ? 60  GLY A CA    1 
ATOM   482  C C     . GLY A 1 60  ? 5.818   8.116   -7.761  1.00 19.84 ? 60  GLY A C     1 
ATOM   483  O O     . GLY A 1 60  ? 5.948   8.826   -8.757  1.00 24.18 ? 60  GLY A O     1 
ATOM   484  N N     . PRO A 1 61  ? 6.452   6.963   -7.605  1.00 19.76 ? 61  PRO A N     1 
ATOM   485  C CA    . PRO A 1 61  ? 7.346   6.441   -8.634  1.00 17.67 ? 61  PRO A CA    1 
ATOM   486  C C     . PRO A 1 61  ? 6.564   5.857   -9.799  1.00 18.02 ? 61  PRO A C     1 
ATOM   487  O O     . PRO A 1 61  ? 5.380   5.568   -9.686  1.00 17.14 ? 61  PRO A O     1 
ATOM   488  C CB    . PRO A 1 61  ? 8.095   5.329   -7.903  1.00 19.21 ? 61  PRO A CB    1 
ATOM   489  C CG    . PRO A 1 61  ? 7.128   4.836   -6.908  1.00 19.41 ? 61  PRO A CG    1 
ATOM   490  C CD    . PRO A 1 61  ? 6.311   6.026   -6.478  1.00 16.51 ? 61  PRO A CD    1 
ATOM   491  N N     . PHE A 1 62  ? 7.251   5.690   -10.917 1.00 17.71 ? 62  PHE A N     1 
ATOM   492  C CA    . PHE A 1 62  ? 6.673   5.067   -12.098 1.00 16.50 ? 62  PHE A CA    1 
ATOM   493  C C     . PHE A 1 62  ? 7.209   3.653   -12.293 1.00 12.60 ? 62  PHE A C     1 
ATOM   494  O O     . PHE A 1 62  ? 8.119   3.223   -11.593 1.00 19.90 ? 62  PHE A O     1 
ATOM   495  C CB    . PHE A 1 62  ? 6.940   5.925   -13.336 1.00 14.57 ? 62  PHE A CB    1 
ATOM   496  C CG    . PHE A 1 62  ? 6.362   7.308   -13.248 1.00 17.03 ? 62  PHE A CG    1 
ATOM   497  C CD1   . PHE A 1 62  ? 4.993   7.503   -13.266 1.00 22.71 ? 62  PHE A CD1   1 
ATOM   498  C CD2   . PHE A 1 62  ? 7.183   8.412   -13.142 1.00 22.88 ? 62  PHE A CD2   1 
ATOM   499  C CE1   . PHE A 1 62  ? 4.457   8.773   -13.182 1.00 20.81 ? 62  PHE A CE1   1 
ATOM   500  C CE2   . PHE A 1 62  ? 6.652   9.684   -13.059 1.00 24.81 ? 62  PHE A CE2   1 
ATOM   501  C CZ    . PHE A 1 62  ? 5.286   9.863   -13.079 1.00 24.25 ? 62  PHE A CZ    1 
ATOM   502  N N     . GLY A 1 63  ? 6.633   2.931   -13.245 1.00 16.97 ? 63  GLY A N     1 
ATOM   503  C CA    . GLY A 1 63  ? 6.852   1.502   -13.344 1.00 16.12 ? 63  GLY A CA    1 
ATOM   504  C C     . GLY A 1 63  ? 6.274   0.741   -12.166 1.00 21.19 ? 63  GLY A C     1 
ATOM   505  O O     . GLY A 1 63  ? 5.335   1.199   -11.523 1.00 17.65 ? 63  GLY A O     1 
ATOM   506  N N     . ARG A 1 64  ? 6.773   -0.471  -11.957 1.00 15.60 ? 64  ARG A N     1 
ATOM   507  C CA    . ARG A 1 64  ? 6.153   -1.420  -11.042 1.00 17.99 ? 64  ARG A CA    1 
ATOM   508  C C     . ARG A 1 64  ? 6.605   -1.203  -9.610  1.00 17.44 ? 64  ARG A C     1 
ATOM   509  O O     . ARG A 1 64  ? 7.207   -2.085  -9.009  1.00 16.11 ? 64  ARG A O     1 
ATOM   510  C CB    . ARG A 1 64  ? 6.468   -2.854  -11.477 1.00 15.14 ? 64  ARG A CB    1 
ATOM   511  C CG    . ARG A 1 64  ? 6.079   -3.170  -12.913 1.00 21.07 ? 64  ARG A CG    1 
ATOM   512  C CD    . ARG A 1 64  ? 6.029   -4.666  -13.156 1.00 20.44 ? 64  ARG A CD    1 
ATOM   513  N NE    . ARG A 1 64  ? 5.870   -4.991  -14.570 1.00 22.64 ? 64  ARG A NE    1 
ATOM   514  C CZ    . ARG A 1 64  ? 4.750   -5.463  -15.107 1.00 27.92 ? 64  ARG A CZ    1 
ATOM   515  N NH1   . ARG A 1 64  ? 3.684   -5.671  -14.349 1.00 22.45 ? 64  ARG A NH1   1 
ATOM   516  N NH2   . ARG A 1 64  ? 4.698   -5.734  -16.400 1.00 27.68 ? 64  ARG A NH2   1 
ATOM   517  N N     . PHE A 1 65  ? 6.308   -0.025  -9.071  1.00 19.44 ? 65  PHE A N     1 
ATOM   518  C CA    . PHE A 1 65  ? 6.850   0.378   -7.777  1.00 20.73 ? 65  PHE A CA    1 
ATOM   519  C C     . PHE A 1 65  ? 5.822   0.650   -6.683  1.00 18.28 ? 65  PHE A C     1 
ATOM   520  O O     . PHE A 1 65  ? 6.186   0.823   -5.527  1.00 19.88 ? 65  PHE A O     1 
ATOM   521  C CB    . PHE A 1 65  ? 7.772   1.587   -7.945  1.00 21.87 ? 65  PHE A CB    1 
ATOM   522  C CG    . PHE A 1 65  ? 9.159   1.226   -8.391  1.00 18.54 ? 65  PHE A CG    1 
ATOM   523  C CD1   . PHE A 1 65  ? 9.433   1.002   -9.726  1.00 20.24 ? 65  PHE A CD1   1 
ATOM   524  C CD2   . PHE A 1 65  ? 10.186  1.097   -7.471  1.00 23.90 ? 65  PHE A CD2   1 
ATOM   525  C CE1   . PHE A 1 65  ? 10.707  0.665   -10.140 1.00 25.84 ? 65  PHE A CE1   1 
ATOM   526  C CE2   . PHE A 1 65  ? 11.463  0.758   -7.878  1.00 22.95 ? 65  PHE A CE2   1 
ATOM   527  C CZ    . PHE A 1 65  ? 11.722  0.543   -9.214  1.00 23.92 ? 65  PHE A CZ    1 
ATOM   528  N N     . SER A 1 66  ? 4.546   0.685   -7.040  1.00 19.65 ? 66  SER A N     1 
ATOM   529  C CA    . SER A 1 66  ? 3.503   0.818   -6.032  1.00 22.65 ? 66  SER A CA    1 
ATOM   530  C C     . SER A 1 66  ? 2.431   -0.261  -6.162  1.00 23.14 ? 66  SER A C     1 
ATOM   531  O O     . SER A 1 66  ? 2.373   -0.976  -7.160  1.00 16.45 ? 66  SER A O     1 
ATOM   532  C CB    . SER A 1 66  ? 2.870   2.210   -6.090  1.00 16.42 ? 66  SER A CB    1 
ATOM   533  O OG    . SER A 1 66  ? 3.855   3.212   -6.265  1.00 19.15 ? 66  SER A OG    1 
ATOM   534  N N     . ILE A 1 67  ? 1.588   -0.363  -5.142  1.00 17.60 ? 67  ILE A N     1 
ATOM   535  C CA    . ILE A 1 67  ? 0.564   -1.397  -5.089  1.00 15.83 ? 67  ILE A CA    1 
ATOM   536  C C     . ILE A 1 67  ? -0.765  -0.825  -4.602  1.00 17.04 ? 67  ILE A C     1 
ATOM   537  O O     . ILE A 1 67  ? -0.799  0.041   -3.728  1.00 16.61 ? 67  ILE A O     1 
ATOM   538  C CB    . ILE A 1 67  ? 0.992   -2.578  -4.195  1.00 14.62 ? 67  ILE A CB    1 
ATOM   539  C CG1   . ILE A 1 67  ? 0.000   -3.733  -4.314  1.00 17.02 ? 67  ILE A CG1   1 
ATOM   540  C CG2   . ILE A 1 67  ? 1.126   -2.140  -2.744  1.00 21.43 ? 67  ILE A CG2   1 
ATOM   541  C CD1   . ILE A 1 67  ? 0.357   -4.928  -3.463  1.00 21.85 ? 67  ILE A CD1   1 
ATOM   542  N N     . ARG A 1 68  ? -1.853  -1.306  -5.191  1.00 17.06 ? 68  ARG A N     1 
ATOM   543  C CA    . ARG A 1 68  ? -3.190  -0.897  -4.795  1.00 18.28 ? 68  ARG A CA    1 
ATOM   544  C C     . ARG A 1 68  ? -3.644  -1.681  -3.573  1.00 17.37 ? 68  ARG A C     1 
ATOM   545  O O     . ARG A 1 68  ? -3.537  -2.903  -3.540  1.00 16.94 ? 68  ARG A O     1 
ATOM   546  C CB    . ARG A 1 68  ? -4.173  -1.121  -5.944  1.00 23.27 ? 68  ARG A CB    1 
ATOM   547  C CG    . ARG A 1 68  ? -5.518  -0.454  -5.756  1.00 18.11 ? 68  ARG A CG    1 
ATOM   548  C CD    . ARG A 1 68  ? -6.297  -0.432  -7.058  1.00 20.64 ? 68  ARG A CD    1 
ATOM   549  N NE    . ARG A 1 68  ? -6.578  -1.777  -7.544  1.00 21.72 ? 68  ARG A NE    1 
ATOM   550  C CZ    . ARG A 1 68  ? -6.832  -2.077  -8.812  1.00 25.60 ? 68  ARG A CZ    1 
ATOM   551  N NH1   . ARG A 1 68  ? -6.841  -1.128  -9.734  1.00 22.33 ? 68  ARG A NH1   1 
ATOM   552  N NH2   . ARG A 1 68  ? -7.080  -3.331  -9.158  1.00 21.81 ? 68  ARG A NH2   1 
ATOM   553  N N     . CYS A 1 69  ? -4.147  -0.969  -2.574  1.00 16.23 ? 69  CYS A N     1 
ATOM   554  C CA    . CYS A 1 69  ? -4.751  -1.600  -1.406  1.00 17.13 ? 69  CYS A CA    1 
ATOM   555  C C     . CYS A 1 69  ? -6.224  -1.225  -1.286  1.00 16.17 ? 69  CYS A C     1 
ATOM   556  O O     . CYS A 1 69  ? -6.565  -0.056  -1.155  1.00 19.51 ? 69  CYS A O     1 
ATOM   557  C CB    . CYS A 1 69  ? -4.002  -1.204  -0.131  1.00 19.18 ? 69  CYS A CB    1 
ATOM   558  S SG    . CYS A 1 69  ? -2.214  -1.055  -0.317  1.00 22.34 ? 69  CYS A SG    1 
ATOM   559  N N     . ILE A 1 70  ? -7.089  -2.230  -1.337  1.00 20.44 ? 70  ILE A N     1 
ATOM   560  C CA    . ILE A 1 70  ? -8.520  -2.019  -1.164  1.00 17.58 ? 70  ILE A CA    1 
ATOM   561  C C     . ILE A 1 70  ? -8.942  -2.284  0.270   1.00 18.83 ? 70  ILE A C     1 
ATOM   562  O O     . ILE A 1 70  ? -8.686  -3.354  0.812   1.00 19.05 ? 70  ILE A O     1 
ATOM   563  C CB    . ILE A 1 70  ? -9.349  -2.926  -2.089  1.00 20.29 ? 70  ILE A CB    1 
ATOM   564  C CG1   . ILE A 1 70  ? -8.854  -2.816  -3.529  1.00 23.40 ? 70  ILE A CG1   1 
ATOM   565  C CG2   . ILE A 1 70  ? -10.821 -2.559  -2.005  1.00 18.73 ? 70  ILE A CG2   1 
ATOM   566  C CD1   . ILE A 1 70  ? -8.829  -1.407  -4.048  1.00 26.92 ? 70  ILE A CD1   1 
ATOM   567  N N     . LEU A 1 71  ? -9.596  -1.301  0.873   1.00 17.44 ? 71  LEU A N     1 
ATOM   568  C CA    . LEU A 1 71  ? -10.007 -1.402  2.264   1.00 14.00 ? 71  LEU A CA    1 
ATOM   569  C C     . LEU A 1 71  ? -11.529 -1.435  2.365   1.00 21.28 ? 71  LEU A C     1 
ATOM   570  O O     . LEU A 1 71  ? -12.204 -0.501  1.941   1.00 19.97 ? 71  LEU A O     1 
ATOM   571  C CB    . LEU A 1 71  ? -9.459  -0.222  3.066   1.00 19.20 ? 71  LEU A CB    1 
ATOM   572  C CG    . LEU A 1 71  ? -8.134  -0.418  3.793   1.00 18.10 ? 71  LEU A CG    1 
ATOM   573  C CD1   . LEU A 1 71  ? -7.025  -0.673  2.806   1.00 17.83 ? 71  LEU A CD1   1 
ATOM   574  C CD2   . LEU A 1 71  ? -7.829  0.800   4.640   1.00 18.22 ? 71  LEU A CD2   1 
ATOM   575  N N     . TRP A 1 72  ? -12.059 -2.513  2.932   1.00 15.51 ? 72  TRP A N     1 
ATOM   576  C CA    . TRP A 1 72  ? -13.502 -2.701  3.028   1.00 17.11 ? 72  TRP A CA    1 
ATOM   577  C C     . TRP A 1 72  ? -13.989 -2.492  4.453   1.00 18.00 ? 72  TRP A C     1 
ATOM   578  O O     . TRP A 1 72  ? -13.236 -2.657  5.407   1.00 16.76 ? 72  TRP A O     1 
ATOM   579  C CB    . TRP A 1 72  ? -13.892 -4.103  2.568   1.00 16.71 ? 72  TRP A CB    1 
ATOM   580  C CG    . TRP A 1 72  ? -13.590 -4.387  1.137   1.00 18.37 ? 72  TRP A CG    1 
ATOM   581  C CD1   . TRP A 1 72  ? -12.497 -5.028  0.647   1.00 20.44 ? 72  TRP A CD1   1 
ATOM   582  C CD2   . TRP A 1 72  ? -14.398 -4.047  0.006   1.00 21.42 ? 72  TRP A CD2   1 
ATOM   583  N NE1   . TRP A 1 72  ? -12.570 -5.108  -0.718  1.00 21.29 ? 72  TRP A NE1   1 
ATOM   584  C CE2   . TRP A 1 72  ? -13.730 -4.513  -1.137  1.00 23.17 ? 72  TRP A CE2   1 
ATOM   585  C CE3   . TRP A 1 72  ? -15.623 -3.393  -0.150  1.00 24.73 ? 72  TRP A CE3   1 
ATOM   586  C CZ2   . TRP A 1 72  ? -14.241 -4.347  -2.421  1.00 24.28 ? 72  TRP A CZ2   1 
ATOM   587  C CZ3   . TRP A 1 72  ? -16.131 -3.231  -1.427  1.00 23.89 ? 72  TRP A CZ3   1 
ATOM   588  C CH2   . TRP A 1 72  ? -15.443 -3.707  -2.542  1.00 26.88 ? 72  TRP A CH2   1 
ATOM   589  N N     . ASP A 1 73  ? -15.265 -2.144  4.586   1.00 16.84 ? 73  ASP A N     1 
ATOM   590  C CA    . ASP A 1 73  ? -15.974 -2.308  5.844   1.00 22.25 ? 73  ASP A CA    1 
ATOM   591  C C     . ASP A 1 73  ? -15.279 -1.535  6.959   1.00 18.63 ? 73  ASP A C     1 
ATOM   592  O O     . ASP A 1 73  ? -15.020 -0.345  6.820   1.00 23.14 ? 73  ASP A O     1 
ATOM   593  C CB    . ASP A 1 73  ? -16.110 -3.791  6.197   1.00 17.73 ? 73  ASP A CB    1 
ATOM   594  C CG    . ASP A 1 73  ? -16.726 -4.602  5.073   1.00 24.52 ? 73  ASP A CG    1 
ATOM   595  O OD1   . ASP A 1 73  ? -17.621 -4.075  4.385   1.00 19.74 ? 73  ASP A OD1   1 
ATOM   596  O OD2   . ASP A 1 73  ? -16.311 -5.761  4.877   1.00 21.47 ? 73  ASP A OD2   1 
ATOM   597  N N     . GLU A 1 74  ? -14.982 -2.213  8.063   1.00 16.19 ? 74  GLU A N     1 
ATOM   598  C CA    . GLU A 1 74  ? -14.404 -1.556  9.232   1.00 20.09 ? 74  GLU A CA    1 
ATOM   599  C C     . GLU A 1 74  ? -13.122 -0.811  8.870   1.00 22.62 ? 74  GLU A C     1 
ATOM   600  O O     . GLU A 1 74  ? -12.821 0.236   9.433   1.00 20.87 ? 74  GLU A O     1 
ATOM   601  C CB    . GLU A 1 74  ? -14.132 -2.574  10.339  1.00 22.13 ? 74  GLU A CB    1 
ATOM   602  C CG    . GLU A 1 74  ? -13.079 -3.611  9.996   1.00 21.29 ? 74  GLU A CG    1 
ATOM   603  C CD    . GLU A 1 74  ? -13.672 -4.915  9.507   1.00 20.91 ? 74  GLU A CD    1 
ATOM   604  O OE1   . GLU A 1 74  ? -14.709 -4.872  8.823   1.00 22.27 ? 74  GLU A OE1   1 
ATOM   605  O OE2   . GLU A 1 74  ? -13.096 -5.977  9.802   1.00 21.49 ? 74  GLU A OE2   1 
ATOM   606  N N     . HIS A 1 75  ? -12.377 -1.364  7.919   1.00 19.77 ? 75  HIS A N     1 
ATOM   607  C CA    . HIS A 1 75  ? -11.133 -0.764  7.462   1.00 16.82 ? 75  HIS A CA    1 
ATOM   608  C C     . HIS A 1 75  ? -11.391 0.527   6.694   1.00 16.66 ? 75  HIS A C     1 
ATOM   609  O O     . HIS A 1 75  ? -10.658 1.502   6.835   1.00 17.73 ? 75  HIS A O     1 
ATOM   610  C CB    . HIS A 1 75  ? -10.367 -1.753  6.579   1.00 19.11 ? 75  HIS A CB    1 
ATOM   611  C CG    . HIS A 1 75  ? -10.280 -3.133  7.153   1.00 18.99 ? 75  HIS A CG    1 
ATOM   612  N ND1   . HIS A 1 75  ? -9.731  -3.392  8.390   1.00 21.73 ? 75  HIS A ND1   1 
ATOM   613  C CD2   . HIS A 1 75  ? -10.677 -4.330  6.661   1.00 20.29 ? 75  HIS A CD2   1 
ATOM   614  C CE1   . HIS A 1 75  ? -9.792  -4.688  8.635   1.00 21.23 ? 75  HIS A CE1   1 
ATOM   615  N NE2   . HIS A 1 75  ? -10.360 -5.279  7.602   1.00 19.68 ? 75  HIS A NE2   1 
ATOM   616  N N     . ASP A 1 76  ? -12.436 0.512   5.875   1.00 15.53 ? 76  ASP A N     1 
ATOM   617  C CA    . ASP A 1 76  ? -12.957 1.710   5.236   1.00 22.21 ? 76  ASP A CA    1 
ATOM   618  C C     . ASP A 1 76  ? -13.275 2.790   6.263   1.00 25.28 ? 76  ASP A C     1 
ATOM   619  O O     . ASP A 1 76  ? -12.717 3.883   6.219   1.00 21.47 ? 76  ASP A O     1 
ATOM   620  C CB    . ASP A 1 76  ? -14.214 1.361   4.436   1.00 23.18 ? 76  ASP A CB    1 
ATOM   621  C CG    . ASP A 1 76  ? -14.688 2.494   3.554   1.00 21.40 ? 76  ASP A CG    1 
ATOM   622  O OD1   . ASP A 1 76  ? -14.328 3.659   3.816   1.00 18.99 ? 76  ASP A OD1   1 
ATOM   623  O OD2   . ASP A 1 76  ? -15.435 2.214   2.597   1.00 21.82 ? 76  ASP A OD2   1 
ATOM   624  N N     . PHE A 1 77  ? -14.178 2.472   7.182   1.00 22.25 ? 77  PHE A N     1 
ATOM   625  C CA    . PHE A 1 77  ? -14.696 3.459   8.121   1.00 21.09 ? 77  PHE A CA    1 
ATOM   626  C C     . PHE A 1 77  ? -13.581 4.069   8.954   1.00 20.15 ? 77  PHE A C     1 
ATOM   627  O O     . PHE A 1 77  ? -13.623 5.247   9.293   1.00 20.23 ? 77  PHE A O     1 
ATOM   628  C CB    . PHE A 1 77  ? -15.731 2.819   9.043   1.00 23.09 ? 77  PHE A CB    1 
ATOM   629  C CG    . PHE A 1 77  ? -16.937 2.307   8.327   1.00 28.11 ? 77  PHE A CG    1 
ATOM   630  C CD1   . PHE A 1 77  ? -17.569 3.081   7.373   1.00 34.92 ? 77  PHE A CD1   1 
ATOM   631  C CD2   . PHE A 1 77  ? -17.439 1.048   8.603   1.00 25.70 ? 77  PHE A CD2   1 
ATOM   632  C CE1   . PHE A 1 77  ? -18.680 2.611   6.708   1.00 42.57 ? 77  PHE A CE1   1 
ATOM   633  C CE2   . PHE A 1 77  ? -18.548 0.576   7.943   1.00 33.63 ? 77  PHE A CE2   1 
ATOM   634  C CZ    . PHE A 1 77  ? -19.171 1.356   6.993   1.00 36.89 ? 77  PHE A CZ    1 
ATOM   635  N N     . TYR A 1 78  ? -12.587 3.255   9.282   1.00 13.84 ? 78  TYR A N     1 
ATOM   636  C CA    . TYR A 1 78  ? -11.485 3.704   10.114  1.00 14.70 ? 78  TYR A CA    1 
ATOM   637  C C     . TYR A 1 78  ? -10.560 4.672   9.385   1.00 18.11 ? 78  TYR A C     1 
ATOM   638  O O     . TYR A 1 78  ? -10.171 5.696   9.932   1.00 19.55 ? 78  TYR A O     1 
ATOM   639  C CB    . TYR A 1 78  ? -10.679 2.508   10.622  1.00 16.72 ? 78  TYR A CB    1 
ATOM   640  C CG    . TYR A 1 78  ? -9.493  2.884   11.483  1.00 15.27 ? 78  TYR A CG    1 
ATOM   641  C CD1   . TYR A 1 78  ? -9.588  3.899   12.422  1.00 17.21 ? 78  TYR A CD1   1 
ATOM   642  C CD2   . TYR A 1 78  ? -8.283  2.217   11.362  1.00 21.24 ? 78  TYR A CD2   1 
ATOM   643  C CE1   . TYR A 1 78  ? -8.513  4.239   13.212  1.00 18.10 ? 78  TYR A CE1   1 
ATOM   644  C CE2   . TYR A 1 78  ? -7.203  2.554   12.147  1.00 18.67 ? 78  TYR A CE2   1 
ATOM   645  C CZ    . TYR A 1 78  ? -7.322  3.565   13.071  1.00 17.78 ? 78  TYR A CZ    1 
ATOM   646  O OH    . TYR A 1 78  ? -6.252  3.900   13.857  1.00 21.18 ? 78  TYR A OH    1 
ATOM   647  N N     . CYS A 1 79  ? -10.207 4.334   8.150   1.00 16.72 ? 79  CYS A N     1 
ATOM   648  C CA    . CYS A 1 79  ? -9.149  5.034   7.434   1.00 17.47 ? 79  CYS A CA    1 
ATOM   649  C C     . CYS A 1 79  ? -9.580  6.168   6.498   1.00 19.24 ? 79  CYS A C     1 
ATOM   650  O O     . CYS A 1 79  ? -8.813  7.093   6.261   1.00 21.25 ? 79  CYS A O     1 
ATOM   651  C CB    . CYS A 1 79  ? -8.306  4.027   6.647   1.00 19.38 ? 79  CYS A CB    1 
ATOM   652  S SG    . CYS A 1 79  ? -7.392  2.866   7.673   1.00 21.07 ? 79  CYS A SG    1 
ATOM   653  N N     . ARG A 1 80  ? -10.786 6.087   5.952   1.00 17.85 ? 80  ARG A N     1 
ATOM   654  C CA    . ARG A 1 80  ? -11.182 6.960   4.850   1.00 20.14 ? 80  ARG A CA    1 
ATOM   655  C C     . ARG A 1 80  ? -10.977 8.462   5.079   1.00 23.44 ? 80  ARG A C     1 
ATOM   656  O O     . ARG A 1 80  ? -10.683 9.192   4.140   1.00 26.13 ? 80  ARG A O     1 
ATOM   657  C CB    . ARG A 1 80  ? -12.615 6.660   4.405   1.00 20.39 ? 80  ARG A CB    1 
ATOM   658  C CG    . ARG A 1 80  ? -13.660 7.456   5.137   1.00 30.03 ? 80  ARG A CG    1 
ATOM   659  C CD    . ARG A 1 80  ? -14.443 6.572   6.071   1.00 26.10 ? 80  ARG A CD    1 
ATOM   660  N NE    . ARG A 1 80  ? -15.834 6.981   6.142   1.00 29.40 ? 80  ARG A NE    1 
ATOM   661  C CZ    . ARG A 1 80  ? -16.845 6.275   5.654   1.00 30.04 ? 80  ARG A CZ    1 
ATOM   662  N NH1   . ARG A 1 80  ? -16.621 5.116   5.053   1.00 28.54 ? 80  ARG A NH1   1 
ATOM   663  N NH2   . ARG A 1 80  ? -18.081 6.731   5.768   1.00 24.95 ? 80  ARG A NH2   1 
ATOM   664  N N     . ASN A 1 81  ? -11.133 8.921   6.315   1.00 24.21 ? 81  ASN A N     1 
ATOM   665  C CA    . ASN A 1 81  ? -10.866 10.316  6.636   1.00 27.20 ? 81  ASN A CA    1 
ATOM   666  C C     . ASN A 1 81  ? -9.757  10.463  7.672   1.00 23.29 ? 81  ASN A C     1 
ATOM   667  O O     . ASN A 1 81  ? -9.865  11.249  8.607   1.00 20.99 ? 81  ASN A O     1 
ATOM   668  C CB    . ASN A 1 81  ? -12.142 11.016  7.103   1.00 22.13 ? 81  ASN A CB    1 
ATOM   669  C CG    . ASN A 1 81  ? -13.151 11.189  5.986   1.00 33.45 ? 81  ASN A CG    1 
ATOM   670  O OD1   . ASN A 1 81  ? -14.136 10.459  5.907   1.00 36.71 ? 81  ASN A OD1   1 
ATOM   671  N ND2   . ASN A 1 81  ? -12.903 12.153  5.110   1.00 32.11 ? 81  ASN A ND2   1 
ATOM   672  N N     . TYR A 1 82  ? -8.690  9.697   7.488   1.00 18.72 ? 82  TYR A N     1 
ATOM   673  C CA    . TYR A 1 82  ? -7.659  9.555   8.505   1.00 20.75 ? 82  TYR A CA    1 
ATOM   674  C C     . TYR A 1 82  ? -6.282  9.384   7.870   1.00 22.07 ? 82  TYR A C     1 
ATOM   675  O O     . TYR A 1 82  ? -5.395  10.209  8.064   1.00 26.78 ? 82  TYR A O     1 
ATOM   676  C CB    . TYR A 1 82  ? -7.972  8.369   9.415   1.00 18.42 ? 82  TYR A CB    1 
ATOM   677  C CG    . TYR A 1 82  ? -6.925  8.110   10.477  1.00 23.87 ? 82  TYR A CG    1 
ATOM   678  C CD1   . TYR A 1 82  ? -6.461  9.134   11.288  1.00 24.13 ? 82  TYR A CD1   1 
ATOM   679  C CD2   . TYR A 1 82  ? -6.405  6.838   10.666  1.00 21.71 ? 82  TYR A CD2   1 
ATOM   680  C CE1   . TYR A 1 82  ? -5.509  8.897   12.263  1.00 28.87 ? 82  TYR A CE1   1 
ATOM   681  C CE2   . TYR A 1 82  ? -5.455  6.592   11.637  1.00 28.62 ? 82  TYR A CE2   1 
ATOM   682  C CZ    . TYR A 1 82  ? -5.011  7.625   12.433  1.00 27.42 ? 82  TYR A CZ    1 
ATOM   683  O OH    . TYR A 1 82  ? -4.061  7.383   13.394  1.00 25.40 ? 82  TYR A OH    1 
ATOM   684  N N     . ILE A 1 83  ? -6.112  8.308   7.113   1.00 20.87 ? 83  ILE A N     1 
ATOM   685  C CA    . ILE A 1 83  ? -4.899  8.113   6.337   1.00 18.65 ? 83  ILE A CA    1 
ATOM   686  C C     . ILE A 1 83  ? -4.845  9.105   5.182   1.00 22.57 ? 83  ILE A C     1 
ATOM   687  O O     . ILE A 1 83  ? -5.762  9.176   4.370   1.00 20.89 ? 83  ILE A O     1 
ATOM   688  C CB    . ILE A 1 83  ? -4.797  6.679   5.787   1.00 21.88 ? 83  ILE A CB    1 
ATOM   689  C CG1   . ILE A 1 83  ? -4.956  5.655   6.914   1.00 24.16 ? 83  ILE A CG1   1 
ATOM   690  C CG2   . ILE A 1 83  ? -3.478  6.479   5.074   1.00 21.98 ? 83  ILE A CG2   1 
ATOM   691  C CD1   . ILE A 1 83  ? -4.034  5.881   8.087   1.00 23.15 ? 83  ILE A CD1   1 
ATOM   692  N N     . LYS A 1 84  ? -3.780  9.891   5.130   1.00 22.32 ? 84  LYS A N     1 
ATOM   693  C CA    . LYS A 1 84  ? -3.662  10.924  4.117   1.00 22.61 ? 84  LYS A CA    1 
ATOM   694  C C     . LYS A 1 84  ? -2.509  10.647  3.165   1.00 22.84 ? 84  LYS A C     1 
ATOM   695  O O     . LYS A 1 84  ? -1.588  9.906   3.486   1.00 19.26 ? 84  LYS A O     1 
ATOM   696  C CB    . LYS A 1 84  ? -3.474  12.292  4.772   1.00 22.09 ? 84  LYS A CB    1 
ATOM   697  C CG    . LYS A 1 84  ? -4.622  12.720  5.665   1.00 26.80 ? 84  LYS A CG    1 
ATOM   698  C CD    . LYS A 1 84  ? -4.449  14.153  6.135   1.00 34.35 ? 84  LYS A CD    1 
ATOM   699  C CE    . LYS A 1 84  ? -5.720  14.964  5.927   1.00 48.51 ? 84  LYS A CE    1 
ATOM   700  N NZ    . LYS A 1 84  ? -5.589  15.960  4.824   1.00 54.25 ? 84  LYS A NZ    1 
ATOM   701  N N     . GLU A 1 85  ? -2.569  11.256  1.990   1.00 22.56 ? 85  GLU A N     1 
ATOM   702  C CA    . GLU A 1 85  ? -1.485  11.147  1.036   1.00 21.26 ? 85  GLU A CA    1 
ATOM   703  C C     . GLU A 1 85  ? -0.220  11.714  1.667   1.00 24.36 ? 85  GLU A C     1 
ATOM   704  O O     . GLU A 1 85  ? -0.236  12.779  2.268   1.00 20.69 ? 85  GLU A O     1 
ATOM   705  C CB    . GLU A 1 85  ? -1.839  11.867  -0.267  1.00 21.81 ? 85  GLU A CB    1 
ATOM   706  C CG    . GLU A 1 85  ? -3.027  11.236  -0.975  1.00 22.86 ? 85  GLU A CG    1 
ATOM   707  C CD    . GLU A 1 85  ? -3.295  11.814  -2.350  1.00 19.47 ? 85  GLU A CD    1 
ATOM   708  O OE1   . GLU A 1 85  ? -2.822  12.929  -2.636  1.00 21.36 ? 85  GLU A OE1   1 
ATOM   709  O OE2   . GLU A 1 85  ? -3.992  11.148  -3.137  1.00 21.85 ? 85  GLU A OE2   1 
ATOM   710  N N     . GLY A 1 86  ? 0.868   10.970  1.548   1.00 15.96 ? 86  GLY A N     1 
ATOM   711  C CA    . GLY A 1 86  ? 2.137   11.367  2.124   1.00 19.18 ? 86  GLY A CA    1 
ATOM   712  C C     . GLY A 1 86  ? 2.415   10.688  3.449   1.00 18.21 ? 86  GLY A C     1 
ATOM   713  O O     . GLY A 1 86  ? 3.566   10.569  3.862   1.00 19.77 ? 86  GLY A O     1 
ATOM   714  N N     . ASP A 1 87  ? 1.358   10.238  4.114   1.00 18.55 ? 87  ASP A N     1 
ATOM   715  C CA    . ASP A 1 87  ? 1.490   9.522   5.374   1.00 17.33 ? 87  ASP A CA    1 
ATOM   716  C C     . ASP A 1 87  ? 2.276   8.228   5.196   1.00 17.97 ? 87  ASP A C     1 
ATOM   717  O O     . ASP A 1 87  ? 2.365   7.694   4.095   1.00 16.00 ? 87  ASP A O     1 
ATOM   718  C CB    . ASP A 1 87  ? 0.116   9.217   5.966   1.00 19.83 ? 87  ASP A CB    1 
ATOM   719  C CG    . ASP A 1 87  ? -0.569  10.450  6.521   1.00 23.52 ? 87  ASP A CG    1 
ATOM   720  O OD1   . ASP A 1 87  ? 0.050   11.532  6.507   1.00 18.50 ? 87  ASP A OD1   1 
ATOM   721  O OD2   . ASP A 1 87  ? -1.725  10.332  6.974   1.00 21.33 ? 87  ASP A OD2   1 
ATOM   722  N N     . TYR A 1 88  ? 2.836   7.734   6.294   1.00 15.76 ? 88  TYR A N     1 
ATOM   723  C CA    . TYR A 1 88  ? 3.420   6.405   6.338   1.00 18.16 ? 88  TYR A CA    1 
ATOM   724  C C     . TYR A 1 88  ? 2.514   5.450   7.104   1.00 21.75 ? 88  TYR A C     1 
ATOM   725  O O     . TYR A 1 88  ? 1.833   5.851   8.043   1.00 18.10 ? 88  TYR A O     1 
ATOM   726  C CB    . TYR A 1 88  ? 4.795   6.447   7.004   1.00 19.76 ? 88  TYR A CB    1 
ATOM   727  C CG    . TYR A 1 88  ? 5.831   7.265   6.265   1.00 19.43 ? 88  TYR A CG    1 
ATOM   728  C CD1   . TYR A 1 88  ? 5.974   8.623   6.508   1.00 19.67 ? 88  TYR A CD1   1 
ATOM   729  C CD2   . TYR A 1 88  ? 6.677   6.676   5.336   1.00 22.57 ? 88  TYR A CD2   1 
ATOM   730  C CE1   . TYR A 1 88  ? 6.920   9.373   5.843   1.00 26.04 ? 88  TYR A CE1   1 
ATOM   731  C CE2   . TYR A 1 88  ? 7.630   7.419   4.666   1.00 23.25 ? 88  TYR A CE2   1 
ATOM   732  C CZ    . TYR A 1 88  ? 7.746   8.767   4.925   1.00 26.05 ? 88  TYR A CZ    1 
ATOM   733  O OH    . TYR A 1 88  ? 8.688   9.514   4.261   1.00 26.63 ? 88  TYR A OH    1 
ATOM   734  N N     . VAL A 1 89  ? 2.511   4.186   6.697   1.00 17.77 ? 89  VAL A N     1 
ATOM   735  C CA    . VAL A 1 89  ? 1.691   3.177   7.354   1.00 18.88 ? 89  VAL A CA    1 
ATOM   736  C C     . VAL A 1 89  ? 2.445   1.866   7.574   1.00 16.37 ? 89  VAL A C     1 
ATOM   737  O O     . VAL A 1 89  ? 3.373   1.537   6.846   1.00 18.17 ? 89  VAL A O     1 
ATOM   738  C CB    . VAL A 1 89  ? 0.388   2.903   6.576   1.00 17.63 ? 89  VAL A CB    1 
ATOM   739  C CG1   . VAL A 1 89  ? -0.438  4.173   6.447   1.00 19.43 ? 89  VAL A CG1   1 
ATOM   740  C CG2   . VAL A 1 89  ? 0.691   2.310   5.208   1.00 20.34 ? 89  VAL A CG2   1 
ATOM   741  N N     . VAL A 1 90  ? 2.034   1.130   8.598   1.00 17.39 ? 90  VAL A N     1 
ATOM   742  C CA    . VAL A 1 90  ? 2.346   -0.285  8.703   1.00 15.12 ? 90  VAL A CA    1 
ATOM   743  C C     . VAL A 1 90  ? 1.085   -1.118  8.506   1.00 20.03 ? 90  VAL A C     1 
ATOM   744  O O     . VAL A 1 90  ? 0.078   -0.915  9.184   1.00 19.82 ? 90  VAL A O     1 
ATOM   745  C CB    . VAL A 1 90  ? 2.989   -0.624  10.067  1.00 21.56 ? 90  VAL A CB    1 
ATOM   746  C CG1   . VAL A 1 90  ? 2.144   -0.087  11.206  1.00 20.92 ? 90  VAL A CG1   1 
ATOM   747  C CG2   . VAL A 1 90  ? 3.196   -2.122  10.204  1.00 21.12 ? 90  VAL A CG2   1 
ATOM   748  N N     . MET A 1 91  ? 1.146   -2.047  7.564   1.00 16.53 ? 91  MET A N     1 
ATOM   749  C CA    . MET A 1 91  ? 0.025   -2.930  7.288   1.00 18.21 ? 91  MET A CA    1 
ATOM   750  C C     . MET A 1 91  ? 0.392   -4.376  7.596   1.00 23.76 ? 91  MET A C     1 
ATOM   751  O O     . MET A 1 91  ? 1.476   -4.837  7.253   1.00 19.85 ? 91  MET A O     1 
ATOM   752  C CB    . MET A 1 91  ? -0.434  -2.767  5.838   1.00 23.67 ? 91  MET A CB    1 
ATOM   753  C CG    . MET A 1 91  ? -0.627  -1.308  5.432   1.00 25.10 ? 91  MET A CG    1 
ATOM   754  S SD    . MET A 1 91  ? -1.199  -1.058  3.740   1.00 30.86 ? 91  MET A SD    1 
ATOM   755  C CE    . MET A 1 91  ? -2.300  -2.447  3.552   1.00 23.17 ? 91  MET A CE    1 
ATOM   756  N N     . LYS A 1 92  ? -0.518  -5.077  8.265   1.00 17.71 ? 92  LYS A N     1 
ATOM   757  C CA    . LYS A 1 92  ? -0.173  -6.294  8.990   1.00 20.69 ? 92  LYS A CA    1 
ATOM   758  C C     . LYS A 1 92  ? -1.107  -7.434  8.605   1.00 22.66 ? 92  LYS A C     1 
ATOM   759  O O     . LYS A 1 92  ? -2.319  -7.327  8.747   1.00 21.61 ? 92  LYS A O     1 
ATOM   760  C CB    . LYS A 1 92  ? -0.221  -6.055  10.499  1.00 24.38 ? 92  LYS A CB    1 
ATOM   761  C CG    . LYS A 1 92  ? 1.072   -5.515  11.085  1.00 20.99 ? 92  LYS A CG    1 
ATOM   762  C CD    . LYS A 1 92  ? 0.940   -5.251  12.572  1.00 25.04 ? 92  LYS A CD    1 
ATOM   763  C CE    . LYS A 1 92  ? 2.003   -4.280  13.050  1.00 30.45 ? 92  LYS A CE    1 
ATOM   764  N NZ    . LYS A 1 92  ? 1.900   -3.999  14.509  1.00 28.83 ? 92  LYS A NZ    1 
ATOM   765  N N     . ASN A 1 93  ? -0.526  -8.519  8.109   1.00 22.68 ? 93  ASN A N     1 
ATOM   766  C CA    . ASN A 1 93  ? -1.285  -9.702  7.732   1.00 22.25 ? 93  ASN A CA    1 
ATOM   767  C C     . ASN A 1 93  ? -2.423  -9.398  6.760   1.00 24.06 ? 93  ASN A C     1 
ATOM   768  O O     . ASN A 1 93  ? -3.518  -9.937  6.882   1.00 22.85 ? 93  ASN A O     1 
ATOM   769  C CB    . ASN A 1 93  ? -1.813  -10.411 8.978   1.00 22.53 ? 93  ASN A CB    1 
ATOM   770  C CG    . ASN A 1 93  ? -0.722  -10.679 9.993   1.00 22.40 ? 93  ASN A CG    1 
ATOM   771  O OD1   . ASN A 1 93  ? 0.228   -11.404 9.718   1.00 26.50 ? 93  ASN A OD1   1 
ATOM   772  N ND2   . ASN A 1 93  ? -0.852  -10.089 11.171  1.00 27.52 ? 93  ASN A ND2   1 
ATOM   773  N N     . VAL A 1 94  ? -2.152  -8.542  5.785   1.00 22.08 ? 94  VAL A N     1 
ATOM   774  C CA    . VAL A 1 94  ? -3.135  -8.260  4.755   1.00 22.74 ? 94  VAL A CA    1 
ATOM   775  C C     . VAL A 1 94  ? -3.116  -9.361  3.702   1.00 22.46 ? 94  VAL A C     1 
ATOM   776  O O     . VAL A 1 94  ? -2.102  -10.010 3.483   1.00 20.07 ? 94  VAL A O     1 
ATOM   777  C CB    . VAL A 1 94  ? -2.896  -6.896  4.082   1.00 23.37 ? 94  VAL A CB    1 
ATOM   778  C CG1   . VAL A 1 94  ? -2.902  -5.784  5.122   1.00 29.27 ? 94  VAL A CG1   1 
ATOM   779  C CG2   . VAL A 1 94  ? -1.592  -6.910  3.315   1.00 30.10 ? 94  VAL A CG2   1 
ATOM   780  N N     . ARG A 1 95  ? -4.259  -9.564  3.064   1.00 23.35 ? 95  ARG A N     1 
ATOM   781  C CA    . ARG A 1 95  ? -4.413  -10.567 2.024   1.00 20.69 ? 95  ARG A CA    1 
ATOM   782  C C     . ARG A 1 95  ? -4.000  -9.985  0.682   1.00 21.79 ? 95  ARG A C     1 
ATOM   783  O O     . ARG A 1 95  ? -4.109  -8.784  0.461   1.00 24.31 ? 95  ARG A O     1 
ATOM   784  C CB    . ARG A 1 95  ? -5.867  -11.048 1.981   1.00 24.48 ? 95  ARG A CB    1 
ATOM   785  C CG    . ARG A 1 95  ? -6.290  -11.724 0.688   1.00 31.86 ? 95  ARG A CG    1 
ATOM   786  C CD    . ARG A 1 95  ? -7.788  -12.014 0.682   1.00 29.86 ? 95  ARG A CD    1 
ATOM   787  N NE    . ARG A 1 95  ? -8.157  -13.008 1.683   1.00 28.70 ? 95  ARG A NE    1 
ATOM   788  C CZ    . ARG A 1 95  ? -9.402  -13.242 2.087   1.00 28.65 ? 95  ARG A CZ    1 
ATOM   789  N NH1   . ARG A 1 95  ? -10.409 -12.552 1.579   1.00 24.90 ? 95  ARG A NH1   1 
ATOM   790  N NH2   . ARG A 1 95  ? -9.636  -14.167 3.001   1.00 20.76 ? 95  ARG A NH2   1 
ATOM   791  N N     . THR A 1 96  ? -3.519  -10.842 -0.210  1.00 22.02 ? 96  THR A N     1 
ATOM   792  C CA    . THR A 1 96  ? -3.112  -10.403 -1.536  1.00 20.40 ? 96  THR A CA    1 
ATOM   793  C C     . THR A 1 96  ? -3.827  -11.201 -2.629  1.00 24.56 ? 96  THR A C     1 
ATOM   794  O O     . THR A 1 96  ? -4.147  -12.373 -2.446  1.00 23.66 ? 96  THR A O     1 
ATOM   795  C CB    . THR A 1 96  ? -1.579  -10.502 -1.717  1.00 22.21 ? 96  THR A CB    1 
ATOM   796  O OG1   . THR A 1 96  ? -1.172  -11.872 -1.660  1.00 21.14 ? 96  THR A OG1   1 
ATOM   797  C CG2   . THR A 1 96  ? -0.861  -9.726  -0.624  1.00 25.92 ? 96  THR A CG2   1 
ATOM   798  N N     . LYS A 1 97  ? -4.072  -10.555 -3.762  1.00 20.09 ? 97  LYS A N     1 
ATOM   799  C CA    . LYS A 1 97  ? -4.726  -11.195 -4.895  1.00 24.80 ? 97  LYS A CA    1 
ATOM   800  C C     . LYS A 1 97  ? -4.369  -10.463 -6.180  1.00 24.36 ? 97  LYS A C     1 
ATOM   801  O O     . LYS A 1 97  ? -3.688  -9.445  -6.142  1.00 26.25 ? 97  LYS A O     1 
ATOM   802  C CB    . LYS A 1 97  ? -6.245  -11.204 -4.700  1.00 24.30 ? 97  LYS A CB    1 
ATOM   803  C CG    . LYS A 1 97  ? -6.858  -9.825  -4.509  1.00 28.20 ? 97  LYS A CG    1 
ATOM   804  C CD    . LYS A 1 97  ? -8.307  -9.779  -4.971  1.00 34.61 ? 97  LYS A CD    1 
ATOM   805  C CE    . LYS A 1 97  ? -8.480  -10.492 -6.303  1.00 39.76 ? 97  LYS A CE    1 
ATOM   806  N NZ    . LYS A 1 97  ? -9.372  -9.763  -7.239  1.00 39.23 ? 97  LYS A NZ    1 
ATOM   807  N N     . ILE A 1 98  ? -4.828  -10.983 -7.314  1.00 25.92 ? 98  ILE A N     1 
ATOM   808  C CA    . ILE A 1 98  ? -4.661  -10.294 -8.590  1.00 25.82 ? 98  ILE A CA    1 
ATOM   809  C C     . ILE A 1 98  ? -5.991  -9.792  -9.148  1.00 32.09 ? 98  ILE A C     1 
ATOM   810  O O     . ILE A 1 98  ? -7.051  -10.321 -8.821  1.00 30.63 ? 98  ILE A O     1 
ATOM   811  C CB    . ILE A 1 98  ? -3.977  -11.191 -9.638  1.00 26.47 ? 98  ILE A CB    1 
ATOM   812  C CG1   . ILE A 1 98  ? -4.816  -12.441 -9.903  1.00 27.71 ? 98  ILE A CG1   1 
ATOM   813  C CG2   . ILE A 1 98  ? -2.571  -11.571 -9.185  1.00 23.52 ? 98  ILE A CG2   1 
ATOM   814  C CD1   . ILE A 1 98  ? -4.478  -13.145 -11.195 1.00 25.12 ? 98  ILE A CD1   1 
ATOM   815  N N     . ASP A 1 99  ? -5.927  -8.769  -9.993  1.00 31.70 ? 99  ASP A N     1 
ATOM   816  C CA    . ASP A 1 99  ? -7.070  -8.390  -10.815 1.00 33.36 ? 99  ASP A CA    1 
ATOM   817  C C     . ASP A 1 99  ? -7.065  -9.152  -12.136 1.00 35.32 ? 99  ASP A C     1 
ATOM   818  O O     . ASP A 1 99  ? -6.315  -10.108 -12.299 1.00 30.63 ? 99  ASP A O     1 
ATOM   819  C CB    . ASP A 1 99  ? -7.092  -6.876  -11.050 1.00 37.63 ? 99  ASP A CB    1 
ATOM   820  C CG    . ASP A 1 99  ? -6.001  -6.409  -11.993 1.00 29.15 ? 99  ASP A CG    1 
ATOM   821  O OD1   . ASP A 1 99  ? -5.073  -7.190  -12.274 1.00 29.51 ? 99  ASP A OD1   1 
ATOM   822  O OD2   . ASP A 1 99  ? -6.073  -5.251  -12.454 1.00 31.80 ? 99  ASP A OD2   1 
ATOM   823  N N     . HIS A 1 100 ? -7.944  -8.737  -13.042 1.00 41.79 ? 100 HIS A N     1 
ATOM   824  C CA    . HIS A 1 100 ? -8.214  -9.474  -14.267 1.00 41.07 ? 100 HIS A CA    1 
ATOM   825  C C     . HIS A 1 100 ? -7.077  -9.403  -15.268 1.00 45.06 ? 100 HIS A C     1 
ATOM   826  O O     . HIS A 1 100 ? -7.035  -10.184 -16.214 1.00 46.27 ? 100 HIS A O     1 
ATOM   827  C CB    . HIS A 1 100 ? -9.506  -8.979  -14.919 1.00 48.21 ? 100 HIS A CB    1 
ATOM   828  C CG    . HIS A 1 100 ? -9.494  -7.521  -15.263 1.00 47.70 ? 100 HIS A CG    1 
ATOM   829  N ND1   . HIS A 1 100 ? -8.586  -6.636  -14.726 1.00 47.47 ? 100 HIS A ND1   1 
ATOM   830  C CD2   . HIS A 1 100 ? -10.283 -6.795  -16.087 1.00 56.92 ? 100 HIS A CD2   1 
ATOM   831  C CE1   . HIS A 1 100 ? -8.816  -5.428  -15.205 1.00 55.76 ? 100 HIS A CE1   1 
ATOM   832  N NE2   . HIS A 1 100 ? -9.840  -5.496  -16.034 1.00 58.44 ? 100 HIS A NE2   1 
ATOM   833  N N     . LEU A 1 101 ? -6.158  -8.467  -15.068 1.00 33.76 ? 101 LEU A N     1 
ATOM   834  C CA    . LEU A 1 101 ? -5.075  -8.352  -15.971 1.00 34.68 ? 101 LEU A CA    1 
ATOM   835  C C     . LEU A 1 101 ? -3.756  -8.937  -15.306 1.00 25.59 ? 101 LEU A C     1 
ATOM   836  O O     . LEU A 1 101 ? -2.698  -8.983  -15.924 1.00 30.42 ? 101 LEU A O     1 
ATOM   837  C CB    . LEU A 1 101 ? -4.839  -6.881  -16.303 1.00 36.82 ? 101 LEU A CB    1 
ATOM   838  C CG    . LEU A 1 101 ? -5.412  -6.436  -17.649 1.00 45.16 ? 101 LEU A CG    1 
ATOM   839  C CD1   . LEU A 1 101 ? -6.919  -6.628  -17.677 1.00 48.22 ? 101 LEU A CD1   1 
ATOM   840  C CD2   . LEU A 1 101 ? -5.051  -4.993  -17.951 1.00 38.92 ? 101 LEU A CD2   1 
ATOM   841  N N     . GLY A 1 102 ? -3.897  -9.432  -14.082 1.00 29.75 ? 102 GLY A N     1 
ATOM   842  C CA    . GLY A 1 102 ? -2.842  -10.207 -13.457 1.00 29.29 ? 102 GLY A CA    1 
ATOM   843  C C     . GLY A 1 102 ? -2.018  -9.409  -12.464 1.00 25.03 ? 102 GLY A C     1 
ATOM   844  O O     . GLY A 1 102 ? -1.028  -9.904  -11.935 1.00 25.70 ? 102 GLY A O     1 
ATOM   845  N N     . TYR A 1 103 ? -2.407  -8.156  -12.250 1.00 23.53 ? 103 TYR A N     1 
ATOM   846  C CA    . TYR A 1 103 ? -1.662  -7.250  -11.383 1.00 21.71 ? 103 TYR A CA    1 
ATOM   847  C C     . TYR A 1 103 ? -1.913  -7.533  -9.915  1.00 21.93 ? 103 TYR A C     1 
ATOM   848  O O     . TYR A 1 103 ? -3.051  -7.691  -9.490  1.00 19.16 ? 103 TYR A O     1 
ATOM   849  C CB    . TYR A 1 103 ? -2.002  -5.792  -11.695 1.00 22.69 ? 103 TYR A CB    1 
ATOM   850  C CG    . TYR A 1 103 ? -1.685  -5.401  -13.114 1.00 21.82 ? 103 TYR A CG    1 
ATOM   851  C CD1   . TYR A 1 103 ? -0.383  -5.431  -13.585 1.00 24.55 ? 103 TYR A CD1   1 
ATOM   852  C CD2   . TYR A 1 103 ? -2.688  -5.020  -13.989 1.00 28.66 ? 103 TYR A CD2   1 
ATOM   853  C CE1   . TYR A 1 103 ? -0.088  -5.080  -14.884 1.00 21.23 ? 103 TYR A CE1   1 
ATOM   854  C CE2   . TYR A 1 103 ? -2.399  -4.670  -15.289 1.00 28.43 ? 103 TYR A CE2   1 
ATOM   855  C CZ    . TYR A 1 103 ? -1.100  -4.701  -15.729 1.00 22.04 ? 103 TYR A CZ    1 
ATOM   856  O OH    . TYR A 1 103 ? -0.811  -4.354  -17.021 1.00 33.07 ? 103 TYR A OH    1 
ATOM   857  N N     . LEU A 1 104 ? -0.939  -7.592  -9.116  1.00 19.57 ? 104 LEU A N     1 
ATOM   858  C CA    . LEU A 1 104 ? -1.004  -7.904  -7.697  1.00 19.66 ? 104 LEU A CA    1 
ATOM   859  C C     . LEU A 1 104 ? -1.526  -6.727  -6.884  1.00 20.24 ? 104 LEU A C     1 
ATOM   860  O O     . LEU A 1 104 ? -1.122  -5.587  -7.087  1.00 20.93 ? 104 LEU A O     1 
ATOM   861  C CB    . LEU A 1 104 ? 0.374   -8.323  -7.182  1.00 21.28 ? 104 LEU A CB    1 
ATOM   862  C CG    . LEU A 1 104 ? 0.525   -8.625  -5.692  1.00 23.36 ? 104 LEU A CG    1 
ATOM   863  C CD1   . LEU A 1 104 ? -0.330  -9.808  -5.290  1.00 28.05 ? 104 LEU A CD1   1 
ATOM   864  C CD2   . LEU A 1 104 ? 1.975   -8.874  -5.352  1.00 25.97 ? 104 LEU A CD2   1 
ATOM   865  N N     . GLU A 1 105 ? -2.357  -6.945  -6.022  1.00 18.71 ? 105 GLU A N     1 
ATOM   866  C CA    . GLU A 1 105 ? -2.847  -5.932  -5.109  1.00 19.97 ? 105 GLU A CA    1 
ATOM   867  C C     . GLU A 1 105 ? -3.103  -6.574  -3.756  1.00 22.09 ? 105 GLU A C     1 
ATOM   868  O O     . GLU A 1 105 ? -3.068  -7.790  -3.624  1.00 18.83 ? 105 GLU A O     1 
ATOM   869  C CB    . GLU A 1 105 ? -4.114  -5.265  -5.645  1.00 17.57 ? 105 GLU A CB    1 
ATOM   870  C CG    . GLU A 1 105 ? -5.325  -6.169  -5.744  1.00 19.04 ? 105 GLU A CG    1 
ATOM   871  C CD    . GLU A 1 105 ? -6.434  -5.541  -6.558  1.00 23.50 ? 105 GLU A CD    1 
ATOM   872  O OE1   . GLU A 1 105 ? -7.090  -4.616  -6.053  1.00 33.03 ? 105 GLU A OE1   1 
ATOM   873  O OE2   . GLU A 1 105 ? -6.642  -5.959  -7.710  1.00 40.76 ? 105 GLU A OE2   1 
ATOM   874  N N     . CYS A 1 106 ? -3.346  -5.751  -2.750  1.00 17.61 ? 106 CYS A N     1 
ATOM   875  C CA    . CYS A 1 106 ? -3.634  -6.275  -1.425  1.00 19.18 ? 106 CYS A CA    1 
ATOM   876  C C     . CYS A 1 106 ? -5.010  -5.807  -0.959  1.00 23.36 ? 106 CYS A C     1 
ATOM   877  O O     . CYS A 1 106 ? -5.565  -4.857  -1.499  1.00 19.47 ? 106 CYS A O     1 
ATOM   878  C CB    . CYS A 1 106 ? -2.537  -5.907  -0.424  1.00 27.80 ? 106 CYS A CB    1 
ATOM   879  S SG    . CYS A 1 106 ? -2.522  -4.204  0.102   1.00 37.77 ? 106 CYS A SG    1 
ATOM   880  N N     . ILE A 1 107 ? -5.561  -6.497  0.030   1.00 17.85 ? 107 ILE A N     1 
ATOM   881  C CA    . ILE A 1 107 ? -6.931  -6.261  0.444   1.00 21.66 ? 107 ILE A CA    1 
ATOM   882  C C     . ILE A 1 107 ? -7.103  -6.350  1.951   1.00 22.77 ? 107 ILE A C     1 
ATOM   883  O O     . ILE A 1 107 ? -6.719  -7.340  2.561   1.00 18.00 ? 107 ILE A O     1 
ATOM   884  C CB    . ILE A 1 107 ? -7.865  -7.323  -0.177  1.00 25.25 ? 107 ILE A CB    1 
ATOM   885  C CG1   . ILE A 1 107 ? -7.590  -7.477  -1.675  1.00 28.23 ? 107 ILE A CG1   1 
ATOM   886  C CG2   . ILE A 1 107 ? -9.322  -6.991  0.099   1.00 25.75 ? 107 ILE A CG2   1 
ATOM   887  C CD1   . ILE A 1 107 ? -8.049  -6.309  -2.510  1.00 35.91 ? 107 ILE A CD1   1 
ATOM   888  N N     . LEU A 1 108 ? -7.740  -5.343  2.533   1.00 17.82 ? 108 LEU A N     1 
ATOM   889  C CA    . LEU A 1 108 ? -8.189  -5.426  3.912   1.00 21.01 ? 108 LEU A CA    1 
ATOM   890  C C     . LEU A 1 108 ? -9.697  -5.677  3.907   1.00 15.25 ? 108 LEU A C     1 
ATOM   891  O O     . LEU A 1 108 ? -10.487 -4.760  3.724   1.00 18.62 ? 108 LEU A O     1 
ATOM   892  C CB    . LEU A 1 108 ? -7.835  -4.158  4.689   1.00 19.91 ? 108 LEU A CB    1 
ATOM   893  C CG    . LEU A 1 108 ? -6.400  -4.071  5.216   1.00 19.77 ? 108 LEU A CG    1 
ATOM   894  C CD1   . LEU A 1 108 ? -6.212  -2.842  6.078   1.00 25.75 ? 108 LEU A CD1   1 
ATOM   895  C CD2   . LEU A 1 108 ? -6.027  -5.322  5.985   1.00 29.05 ? 108 LEU A CD2   1 
ATOM   896  N N     . HIS A 1 109 ? -10.076 -6.937  4.084   1.00 21.63 ? 109 HIS A N     1 
ATOM   897  C CA    . HIS A 1 109 ? -11.468 -7.361  3.991   1.00 19.87 ? 109 HIS A CA    1 
ATOM   898  C C     . HIS A 1 109 ? -12.122 -7.393  5.361   1.00 20.31 ? 109 HIS A C     1 
ATOM   899  O O     . HIS A 1 109 ? -11.439 -7.430  6.378   1.00 18.27 ? 109 HIS A O     1 
ATOM   900  C CB    . HIS A 1 109 ? -11.549 -8.752  3.366   1.00 23.62 ? 109 HIS A CB    1 
ATOM   901  C CG    . HIS A 1 109 ? -10.861 -9.814  4.166   1.00 20.73 ? 109 HIS A CG    1 
ATOM   902  N ND1   . HIS A 1 109 ? -9.545  -10.166 3.959   1.00 28.96 ? 109 HIS A ND1   1 
ATOM   903  C CD2   . HIS A 1 109 ? -11.306 -10.599 5.174   1.00 18.48 ? 109 HIS A CD2   1 
ATOM   904  C CE1   . HIS A 1 109 ? -9.211  -11.125 4.804   1.00 23.01 ? 109 HIS A CE1   1 
ATOM   905  N NE2   . HIS A 1 109 ? -10.262 -11.406 5.552   1.00 26.79 ? 109 HIS A NE2   1 
ATOM   906  N N     . GLY A 1 110 ? -13.449 -7.393  5.381   1.00 18.46 ? 110 GLY A N     1 
ATOM   907  C CA    . GLY A 1 110 ? -14.197 -7.580  6.609   1.00 19.94 ? 110 GLY A CA    1 
ATOM   908  C C     . GLY A 1 110 ? -13.725 -8.747  7.459   1.00 26.99 ? 110 GLY A C     1 
ATOM   909  O O     . GLY A 1 110 ? -13.535 -9.852  6.957   1.00 23.26 ? 110 GLY A O     1 
ATOM   910  N N     . ASP A 1 111 ? -13.536 -8.494  8.752   1.00 23.39 ? 111 ASP A N     1 
ATOM   911  C CA    . ASP A 1 111 ? -13.100 -9.527  9.686   1.00 23.52 ? 111 ASP A CA    1 
ATOM   912  C C     . ASP A 1 111 ? -13.361 -9.124  11.134  1.00 27.86 ? 111 ASP A C     1 
ATOM   913  O O     . ASP A 1 111 ? -12.429 -8.912  11.906  1.00 26.10 ? 111 ASP A O     1 
ATOM   914  C CB    . ASP A 1 111 ? -11.614 -9.837  9.493   1.00 19.14 ? 111 ASP A CB    1 
ATOM   915  C CG    . ASP A 1 111 ? -11.161 -11.032 10.302  1.00 22.84 ? 111 ASP A CG    1 
ATOM   916  O OD1   . ASP A 1 111 ? -12.008 -11.643 10.982  1.00 24.14 ? 111 ASP A OD1   1 
ATOM   917  O OD2   . ASP A 1 111 ? -9.960  -11.363 10.254  1.00 21.15 ? 111 ASP A OD2   1 
ATOM   918  N N     . SER A 1 112 ? -14.631 -9.018  11.497  1.00 22.77 ? 112 SER A N     1 
ATOM   919  C CA    . SER A 1 112 ? -15.000 -8.504  12.808  1.00 29.85 ? 112 SER A CA    1 
ATOM   920  C C     . SER A 1 112 ? -14.505 -9.412  13.932  1.00 29.92 ? 112 SER A C     1 
ATOM   921  O O     . SER A 1 112 ? -14.336 -8.969  15.063  1.00 27.36 ? 112 SER A O     1 
ATOM   922  C CB    . SER A 1 112 ? -16.514 -8.316  12.903  1.00 30.48 ? 112 SER A CB    1 
ATOM   923  O OG    . SER A 1 112 ? -17.187 -9.556  12.802  1.00 36.50 ? 112 SER A OG    1 
ATOM   924  N N     . ALA A 1 113 ? -14.273 -10.681 13.610  1.00 28.30 ? 113 ALA A N     1 
ATOM   925  C CA    . ALA A 1 113 ? -13.732 -11.632 14.574  1.00 25.44 ? 113 ALA A CA    1 
ATOM   926  C C     . ALA A 1 113 ? -12.218 -11.498 14.704  1.00 29.48 ? 113 ALA A C     1 
ATOM   927  O O     . ALA A 1 113 ? -11.610 -12.095 15.586  1.00 26.74 ? 113 ALA A O     1 
ATOM   928  C CB    . ALA A 1 113 ? -14.101 -13.047 14.184  1.00 32.49 ? 113 ALA A CB    1 
ATOM   929  N N     . LYS A 1 114 ? -11.620 -10.713 13.815  1.00 27.01 ? 114 LYS A N     1 
ATOM   930  C CA    . LYS A 1 114 ? -10.173 -10.531 13.795  1.00 22.17 ? 114 LYS A CA    1 
ATOM   931  C C     . LYS A 1 114 ? -9.425  -11.860 13.675  1.00 23.23 ? 114 LYS A C     1 
ATOM   932  O O     . LYS A 1 114 ? -8.377  -12.045 14.284  1.00 26.24 ? 114 LYS A O     1 
ATOM   933  C CB    . LYS A 1 114 ? -9.710  -9.772  15.046  1.00 30.97 ? 114 LYS A CB    1 
ATOM   934  C CG    . LYS A 1 114 ? -10.082 -8.299  15.055  1.00 28.35 ? 114 LYS A CG    1 
ATOM   935  C CD    . LYS A 1 114 ? -10.177 -7.746  16.466  1.00 34.22 ? 114 LYS A CD    1 
ATOM   936  C CE    . LYS A 1 114 ? -8.955  -6.921  16.818  1.00 37.00 ? 114 LYS A CE    1 
ATOM   937  N NZ    . LYS A 1 114 ? -8.883  -6.620  18.274  1.00 28.34 ? 114 LYS A NZ    1 
ATOM   938  N N     . ARG A 1 115 ? -9.974  -12.784 12.893  1.00 26.14 ? 115 ARG A N     1 
ATOM   939  C CA    . ARG A 1 115 ? -9.374  -14.100 12.732  1.00 23.04 ? 115 ARG A CA    1 
ATOM   940  C C     . ARG A 1 115 ? -7.921  -13.976 12.298  1.00 27.83 ? 115 ARG A C     1 
ATOM   941  O O     . ARG A 1 115 ? -7.065  -14.742 12.734  1.00 29.46 ? 115 ARG A O     1 
ATOM   942  C CB    . ARG A 1 115 ? -10.155 -14.936 11.713  1.00 20.58 ? 115 ARG A CB    1 
ATOM   943  C CG    . ARG A 1 115 ? -9.968  -16.437 11.866  1.00 29.15 ? 115 ARG A CG    1 
ATOM   944  C CD    . ARG A 1 115 ? -10.189 -17.179 10.556  1.00 29.42 ? 115 ARG A CD    1 
ATOM   945  N NE    . ARG A 1 115 ? -11.597 -17.227 10.182  1.00 22.07 ? 115 ARG A NE    1 
ATOM   946  C CZ    . ARG A 1 115 ? -12.113 -18.088 9.310   1.00 29.00 ? 115 ARG A CZ    1 
ATOM   947  N NH1   . ARG A 1 115 ? -11.343 -18.982 8.716   1.00 25.04 ? 115 ARG A NH1   1 
ATOM   948  N NH2   . ARG A 1 115 ? -13.405 -18.054 9.034   1.00 28.88 ? 115 ARG A NH2   1 
ATOM   949  N N     . TYR A 1 116 ? -7.646  -13.003 11.435  1.00 24.10 ? 116 TYR A N     1 
ATOM   950  C CA    . TYR A 1 116 ? -6.387  -12.968 10.702  1.00 26.38 ? 116 TYR A CA    1 
ATOM   951  C C     . TYR A 1 116 ? -5.404  -11.932 11.251  1.00 23.83 ? 116 TYR A C     1 
ATOM   952  O O     . TYR A 1 116 ? -4.317  -11.752 10.709  1.00 24.36 ? 116 TYR A O     1 
ATOM   953  C CB    . TYR A 1 116 ? -6.649  -12.715 9.221   1.00 21.71 ? 116 TYR A CB    1 
ATOM   954  C CG    . TYR A 1 116 ? -7.390  -13.840 8.546   1.00 25.18 ? 116 TYR A CG    1 
ATOM   955  C CD1   . TYR A 1 116 ? -6.802  -15.088 8.390   1.00 22.47 ? 116 TYR A CD1   1 
ATOM   956  C CD2   . TYR A 1 116 ? -8.679  -13.661 8.073   1.00 22.76 ? 116 TYR A CD2   1 
ATOM   957  C CE1   . TYR A 1 116 ? -7.473  -16.120 7.773   1.00 21.72 ? 116 TYR A CE1   1 
ATOM   958  C CE2   . TYR A 1 116 ? -9.361  -14.688 7.458   1.00 24.14 ? 116 TYR A CE2   1 
ATOM   959  C CZ    . TYR A 1 116 ? -8.753  -15.915 7.308   1.00 25.36 ? 116 TYR A CZ    1 
ATOM   960  O OH    . TYR A 1 116 ? -9.428  -16.942 6.697   1.00 25.48 ? 116 TYR A OH    1 
ATOM   961  N N     . ASN A 1 117 ? -5.788  -11.256 12.327  1.00 23.85 ? 117 ASN A N     1 
ATOM   962  C CA    . ASN A 1 117 ? -4.916  -10.269 12.945  1.00 25.87 ? 117 ASN A CA    1 
ATOM   963  C C     . ASN A 1 117 ? -4.486  -9.203  11.943  1.00 21.17 ? 117 ASN A C     1 
ATOM   964  O O     . ASN A 1 117 ? -3.351  -8.741  11.971  1.00 20.34 ? 117 ASN A O     1 
ATOM   965  C CB    . ASN A 1 117 ? -3.685  -10.949 13.545  1.00 31.41 ? 117 ASN A CB    1 
ATOM   966  C CG    . ASN A 1 117 ? -3.103  -10.181 14.717  1.00 44.24 ? 117 ASN A CG    1 
ATOM   967  O OD1   . ASN A 1 117 ? -3.672  -9.190  15.169  1.00 42.43 ? 117 ASN A OD1   1 
ATOM   968  N ND2   . ASN A 1 117 ? -1.960  -10.642 15.217  1.00 36.49 ? 117 ASN A ND2   1 
ATOM   969  N N     . MET A 1 118 ? -5.402  -8.828  11.056  1.00 19.96 ? 118 MET A N     1 
ATOM   970  C CA    . MET A 1 118 ? -5.174  -7.726  10.130  1.00 24.22 ? 118 MET A CA    1 
ATOM   971  C C     . MET A 1 118 ? -5.196  -6.389  10.852  1.00 22.03 ? 118 MET A C     1 
ATOM   972  O O     . MET A 1 118 ? -6.026  -6.162  11.725  1.00 23.86 ? 118 MET A O     1 
ATOM   973  C CB    . MET A 1 118 ? -6.228  -7.715  9.023   1.00 22.26 ? 118 MET A CB    1 
ATOM   974  C CG    . MET A 1 118 ? -6.311  -8.983  8.212   1.00 30.26 ? 118 MET A CG    1 
ATOM   975  S SD    . MET A 1 118 ? -7.052  -8.693  6.598   1.00 24.83 ? 118 MET A SD    1 
ATOM   976  C CE    . MET A 1 118 ? -8.786  -8.670  7.026   1.00 29.97 ? 118 MET A CE    1 
ATOM   977  N N     . SER A 1 119 ? -4.329  -5.488  10.422  1.00 18.66 ? 119 SER A N     1 
ATOM   978  C CA    . SER A 1 119 ? -4.348  -4.130  10.919  1.00 20.99 ? 119 SER A CA    1 
ATOM   979  C C     . SER A 1 119 ? -3.627  -3.199  9.966   1.00 25.22 ? 119 SER A C     1 
ATOM   980  O O     . SER A 1 119 ? -2.715  -3.602  9.253   1.00 21.52 ? 119 SER A O     1 
ATOM   981  C CB    . SER A 1 119 ? -3.701  -4.057  12.298  1.00 21.96 ? 119 SER A CB    1 
ATOM   982  O OG    . SER A 1 119 ? -2.311  -4.277  12.211  1.00 22.58 ? 119 SER A OG    1 
ATOM   983  N N     . ILE A 1 120 ? -4.058  -1.948  9.964   1.00 20.76 ? 120 ILE A N     1 
ATOM   984  C CA    . ILE A 1 120 ? -3.314  -0.878  9.342   1.00 21.15 ? 120 ILE A CA    1 
ATOM   985  C C     . ILE A 1 120 ? -3.265  0.274   10.328  1.00 23.40 ? 120 ILE A C     1 
ATOM   986  O O     . ILE A 1 120 ? -4.279  0.667   10.889  1.00 23.02 ? 120 ILE A O     1 
ATOM   987  C CB    . ILE A 1 120 ? -3.937  -0.389  8.029   1.00 20.34 ? 120 ILE A CB    1 
ATOM   988  C CG1   . ILE A 1 120 ? -3.083  0.739   7.445   1.00 18.14 ? 120 ILE A CG1   1 
ATOM   989  C CG2   . ILE A 1 120 ? -5.363  0.084   8.250   1.00 17.23 ? 120 ILE A CG2   1 
ATOM   990  C CD1   . ILE A 1 120 ? -3.546  1.228   6.104   1.00 19.12 ? 120 ILE A CD1   1 
ATOM   991  N N     . GLU A 1 121 ? -2.070  0.794   10.549  1.00 19.14 ? 121 GLU A N     1 
ATOM   992  C CA    . GLU A 1 121 ? -1.895  1.961   11.408  1.00 21.41 ? 121 GLU A CA    1 
ATOM   993  C C     . GLU A 1 121 ? -0.861  2.931   10.847  1.00 21.01 ? 121 GLU A C     1 
ATOM   994  O O     . GLU A 1 121 ? 0.141   2.522   10.267  1.00 21.98 ? 121 GLU A O     1 
ATOM   995  C CB    . GLU A 1 121 ? -1.503  1.544   12.829  1.00 20.86 ? 121 GLU A CB    1 
ATOM   996  C CG    . GLU A 1 121 ? -2.520  0.664   13.528  1.00 22.92 ? 121 GLU A CG    1 
ATOM   997  C CD    . GLU A 1 121 ? -3.682  1.452   14.108  1.00 32.16 ? 121 GLU A CD    1 
ATOM   998  O OE1   . GLU A 1 121 ? -3.762  2.669   13.852  1.00 27.89 ? 121 GLU A OE1   1 
ATOM   999  O OE2   . GLU A 1 121 ? -4.513  0.847   14.819  1.00 28.81 ? 121 GLU A OE2   1 
ATOM   1000 N N     . LYS A 1 122 ? -1.117  4.219   11.038  1.00 20.92 ? 122 LYS A N     1 
ATOM   1001 C CA    . LYS A 1 122 ? -0.160  5.263   10.705  1.00 18.90 ? 122 LYS A CA    1 
ATOM   1002 C C     . LYS A 1 122 ? 1.152   5.096   11.465  1.00 23.13 ? 122 LYS A C     1 
ATOM   1003 O O     . LYS A 1 122 ? 1.166   4.698   12.625  1.00 23.11 ? 122 LYS A O     1 
ATOM   1004 C CB    . LYS A 1 122 ? -0.760  6.638   10.991  1.00 25.36 ? 122 LYS A CB    1 
ATOM   1005 C CG    . LYS A 1 122 ? -0.346  7.710   10.013  1.00 29.47 ? 122 LYS A CG    1 
ATOM   1006 C CD    . LYS A 1 122 ? -0.897  9.063   10.415  1.00 30.28 ? 122 LYS A CD    1 
ATOM   1007 C CE    . LYS A 1 122 ? -2.377  9.160   10.121  1.00 33.08 ? 122 LYS A CE    1 
ATOM   1008 N NZ    . LYS A 1 122 ? -2.776  10.538  9.742   1.00 39.94 ? 122 LYS A NZ    1 
ATOM   1009 N N     . VAL A 1 123 ? 2.251   5.407   10.791  1.00 20.10 ? 123 VAL A N     1 
ATOM   1010 C CA    . VAL A 1 123 ? 3.560   5.463   11.419  1.00 19.38 ? 123 VAL A CA    1 
ATOM   1011 C C     . VAL A 1 123 ? 4.084   6.892   11.389  1.00 24.46 ? 123 VAL A C     1 
ATOM   1012 O O     . VAL A 1 123 ? 4.122   7.513   10.334  1.00 22.69 ? 123 VAL A O     1 
ATOM   1013 C CB    . VAL A 1 123 ? 4.560   4.552   10.690  1.00 18.07 ? 123 VAL A CB    1 
ATOM   1014 C CG1   . VAL A 1 123 ? 5.930   4.638   11.341  1.00 19.50 ? 123 VAL A CG1   1 
ATOM   1015 C CG2   . VAL A 1 123 ? 4.057   3.120   10.668  1.00 17.75 ? 123 VAL A CG2   1 
ATOM   1016 N N     . ASP A 1 124 ? 4.492   7.406   12.546  1.00 21.84 ? 124 ASP A N     1 
ATOM   1017 C CA    . ASP A 1 124 ? 5.044   8.754   12.611  1.00 22.43 ? 124 ASP A CA    1 
ATOM   1018 C C     . ASP A 1 124 ? 6.271   8.877   11.717  1.00 23.56 ? 124 ASP A C     1 
ATOM   1019 O O     . ASP A 1 124 ? 7.155   8.027   11.731  1.00 19.72 ? 124 ASP A O     1 
ATOM   1020 C CB    . ASP A 1 124 ? 5.397   9.157   14.041  1.00 26.56 ? 124 ASP A CB    1 
ATOM   1021 C CG    . ASP A 1 124 ? 5.969   10.557  14.118  1.00 33.09 ? 124 ASP A CG    1 
ATOM   1022 O OD1   . ASP A 1 124 ? 5.177   11.518  14.197  1.00 39.22 ? 124 ASP A OD1   1 
ATOM   1023 O OD2   . ASP A 1 124 ? 7.207   10.702  14.086  1.00 33.66 ? 124 ASP A OD2   1 
ATOM   1024 N N     . SER A 1 125 ? 6.303   9.956   10.948  1.00 24.57 ? 125 SER A N     1 
ATOM   1025 C CA    A SER A 1 125 ? 7.300   10.173  9.911   0.50 24.42 ? 125 SER A CA    1 
ATOM   1026 C CA    B SER A 1 125 ? 7.221   10.127  9.870   0.50 24.43 ? 125 SER A CA    1 
ATOM   1027 C C     . SER A 1 125 ? 8.754   9.998   10.340  1.00 31.50 ? 125 SER A C     1 
ATOM   1028 O O     . SER A 1 125 ? 9.617   9.764   9.501   1.00 27.17 ? 125 SER A O     1 
ATOM   1029 C CB    A SER A 1 125 ? 7.121   11.569  9.316   0.50 27.92 ? 125 SER A CB    1 
ATOM   1030 C CB    B SER A 1 125 ? 7.042   11.523  9.275   0.50 27.93 ? 125 SER A CB    1 
ATOM   1031 O OG    A SER A 1 125 ? 7.492   11.583  7.955   0.50 27.99 ? 125 SER A OG    1 
ATOM   1032 O OG    B SER A 1 125 ? 7.374   12.516  10.223  0.50 27.57 ? 125 SER A OG    1 
ATOM   1033 N N     . GLU A 1 126 ? 9.030   10.122  11.632  1.00 26.22 ? 126 GLU A N     1 
ATOM   1034 C CA    . GLU A 1 126 ? 10.410  10.160  12.094  1.00 33.25 ? 126 GLU A CA    1 
ATOM   1035 C C     . GLU A 1 126 ? 10.871  8.809   12.631  1.00 28.96 ? 126 GLU A C     1 
ATOM   1036 O O     . GLU A 1 126 ? 12.015  8.658   13.041  1.00 28.76 ? 126 GLU A O     1 
ATOM   1037 C CB    . GLU A 1 126 ? 10.587  11.237  13.167  1.00 36.84 ? 126 GLU A CB    1 
ATOM   1038 C CG    . GLU A 1 126 ? 10.716  12.649  12.619  1.00 39.84 ? 126 GLU A CG    1 
ATOM   1039 C CD    . GLU A 1 126 ? 10.582  13.706  13.700  1.00 51.17 ? 126 GLU A CD    1 
ATOM   1040 O OE1   . GLU A 1 126 ? 10.737  13.362  14.891  1.00 39.01 ? 126 GLU A OE1   1 
ATOM   1041 O OE2   . GLU A 1 126 ? 10.321  14.878  13.359  1.00 49.26 ? 126 GLU A OE2   1 
ATOM   1042 N N     . GLU A 1 127 ? 9.975   7.828   12.632  1.00 24.33 ? 127 GLU A N     1 
ATOM   1043 C CA    . GLU A 1 127 ? 10.308  6.512   13.164  1.00 28.84 ? 127 GLU A CA    1 
ATOM   1044 C C     . GLU A 1 127 ? 11.375  5.847   12.309  1.00 27.68 ? 127 GLU A C     1 
ATOM   1045 O O     . GLU A 1 127 ? 11.299  5.882   11.086  1.00 28.52 ? 127 GLU A O     1 
ATOM   1046 C CB    . GLU A 1 127 ? 9.068   5.619   13.258  1.00 23.67 ? 127 GLU A CB    1 
ATOM   1047 C CG    . GLU A 1 127 ? 7.991   6.116   14.212  1.00 28.88 ? 127 GLU A CG    1 
ATOM   1048 C CD    . GLU A 1 127 ? 8.496   6.331   15.630  1.00 35.73 ? 127 GLU A CD    1 
ATOM   1049 O OE1   . GLU A 1 127 ? 9.356   5.554   16.086  1.00 34.40 ? 127 GLU A OE1   1 
ATOM   1050 O OE2   . GLU A 1 127 ? 8.032   7.280   16.289  1.00 41.79 ? 127 GLU A OE2   1 
ATOM   1051 N N     . PRO A 1 128 ? 12.378  5.238   12.958  1.00 27.00 ? 128 PRO A N     1 
ATOM   1052 C CA    . PRO A 1 128 ? 13.545  4.663   12.284  1.00 26.87 ? 128 PRO A CA    1 
ATOM   1053 C C     . PRO A 1 128 ? 13.150  3.525   11.346  1.00 25.74 ? 128 PRO A C     1 
ATOM   1054 O O     . PRO A 1 128 ? 13.935  3.131   10.488  1.00 23.91 ? 128 PRO A O     1 
ATOM   1055 C CB    . PRO A 1 128 ? 14.389  4.125   13.445  1.00 29.27 ? 128 PRO A CB    1 
ATOM   1056 C CG    . PRO A 1 128 ? 13.427  3.928   14.556  1.00 35.06 ? 128 PRO A CG    1 
ATOM   1057 C CD    . PRO A 1 128 ? 12.437  5.037   14.415  1.00 29.98 ? 128 PRO A CD    1 
ATOM   1058 N N     . GLU A 1 129 ? 11.936  3.016   11.517  1.00 24.78 ? 129 GLU A N     1 
ATOM   1059 C CA    . GLU A 1 129 ? 11.424  1.930   10.693  1.00 26.10 ? 129 GLU A CA    1 
ATOM   1060 C C     . GLU A 1 129 ? 11.203  2.366   9.245   1.00 26.82 ? 129 GLU A C     1 
ATOM   1061 O O     . GLU A 1 129 ? 11.113  1.534   8.347   1.00 21.52 ? 129 GLU A O     1 
ATOM   1062 C CB    . GLU A 1 129 ? 10.120  1.389   11.285  1.00 29.53 ? 129 GLU A CB    1 
ATOM   1063 C CG    . GLU A 1 129 ? 10.314  0.378   12.403  1.00 30.43 ? 129 GLU A CG    1 
ATOM   1064 C CD    . GLU A 1 129 ? 10.764  1.012   13.707  1.00 42.90 ? 129 GLU A CD    1 
ATOM   1065 O OE1   . GLU A 1 129 ? 10.549  2.228   13.884  1.00 27.87 ? 129 GLU A OE1   1 
ATOM   1066 O OE2   . GLU A 1 129 ? 11.329  0.292   14.553  1.00 42.09 ? 129 GLU A OE2   1 
ATOM   1067 N N     . LEU A 1 130 ? 11.115  3.672   9.025   1.00 20.95 ? 130 LEU A N     1 
ATOM   1068 C CA    . LEU A 1 130 ? 10.817  4.209   7.702   1.00 22.14 ? 130 LEU A CA    1 
ATOM   1069 C C     . LEU A 1 130 ? 12.081  4.612   6.947   1.00 23.41 ? 130 LEU A C     1 
ATOM   1070 O O     . LEU A 1 130 ? 12.013  5.170   5.857   1.00 26.91 ? 130 LEU A O     1 
ATOM   1071 C CB    . LEU A 1 130 ? 9.883   5.411   7.823   1.00 20.69 ? 130 LEU A CB    1 
ATOM   1072 C CG    . LEU A 1 130 ? 8.621   5.179   8.653   1.00 18.33 ? 130 LEU A CG    1 
ATOM   1073 C CD1   . LEU A 1 130 ? 7.852   6.475   8.841   1.00 19.77 ? 130 LEU A CD1   1 
ATOM   1074 C CD2   . LEU A 1 130 ? 7.750   4.119   8.006   1.00 20.36 ? 130 LEU A CD2   1 
ATOM   1075 N N     . ASN A 1 131 ? 13.237  4.332   7.537   1.00 28.09 ? 131 ASN A N     1 
ATOM   1076 C CA    . ASN A 1 131 ? 14.492  4.868   7.028   1.00 19.12 ? 131 ASN A CA    1 
ATOM   1077 C C     . ASN A 1 131 ? 14.890  4.257   5.690   1.00 27.45 ? 131 ASN A C     1 
ATOM   1078 O O     . ASN A 1 131 ? 15.418  4.943   4.820   1.00 24.83 ? 131 ASN A O     1 
ATOM   1079 C CB    . ASN A 1 131 ? 15.607  4.689   8.057   1.00 28.05 ? 131 ASN A CB    1 
ATOM   1080 C CG    . ASN A 1 131 ? 15.699  5.855   9.026   1.00 29.77 ? 131 ASN A CG    1 
ATOM   1081 O OD1   . ASN A 1 131 ? 15.085  6.897   8.818   1.00 28.92 ? 131 ASN A OD1   1 
ATOM   1082 N ND2   . ASN A 1 131 ? 16.468  5.680   10.089  1.00 27.42 ? 131 ASN A ND2   1 
ATOM   1083 N N     . GLU A 1 132 ? 14.610  2.969   5.518   1.00 22.73 ? 132 GLU A N     1 
ATOM   1084 C CA    . GLU A 1 132 ? 14.912  2.286   4.262   1.00 19.69 ? 132 GLU A CA    1 
ATOM   1085 C C     . GLU A 1 132 ? 14.100  2.871   3.115   1.00 23.14 ? 132 GLU A C     1 
ATOM   1086 O O     . GLU A 1 132 ? 14.621  3.111   2.033   1.00 26.69 ? 132 GLU A O     1 
ATOM   1087 C CB    . GLU A 1 132 ? 14.667  0.785   4.388   1.00 21.70 ? 132 GLU A CB    1 
ATOM   1088 C CG    . GLU A 1 132 ? 15.679  0.087   5.268   1.00 24.29 ? 132 GLU A CG    1 
ATOM   1089 C CD    . GLU A 1 132 ? 15.697  -1.413  5.078   1.00 29.89 ? 132 GLU A CD    1 
ATOM   1090 O OE1   . GLU A 1 132 ? 14.911  -1.927  4.260   1.00 32.46 ? 132 GLU A OE1   1 
ATOM   1091 O OE2   . GLU A 1 132 ? 16.502  -2.080  5.755   1.00 33.06 ? 132 GLU A OE2   1 
ATOM   1092 N N     . ILE A 1 133 ? 12.817  3.098   3.365   1.00 23.86 ? 133 ILE A N     1 
ATOM   1093 C CA    . ILE A 1 133 ? 11.949  3.770   2.405   1.00 23.02 ? 133 ILE A CA    1 
ATOM   1094 C C     . ILE A 1 133 ? 12.524  5.115   1.969   1.00 23.86 ? 133 ILE A C     1 
ATOM   1095 O O     . ILE A 1 133 ? 12.585  5.414   0.779   1.00 22.82 ? 133 ILE A O     1 
ATOM   1096 C CB    . ILE A 1 133 ? 10.530  3.974   2.977   1.00 21.77 ? 133 ILE A CB    1 
ATOM   1097 C CG1   . ILE A 1 133 ? 9.819   2.628   3.115   1.00 22.08 ? 133 ILE A CG1   1 
ATOM   1098 C CG2   . ILE A 1 133 ? 9.729   4.914   2.099   1.00 19.37 ? 133 ILE A CG2   1 
ATOM   1099 C CD1   . ILE A 1 133 ? 8.510   2.699   3.860   1.00 23.94 ? 133 ILE A CD1   1 
ATOM   1100 N N     . LYS A 1 134 ? 12.949  5.920   2.936   1.00 20.70 ? 134 LYS A N     1 
ATOM   1101 C CA    . LYS A 1 134 ? 13.482  7.244   2.639   1.00 24.34 ? 134 LYS A CA    1 
ATOM   1102 C C     . LYS A 1 134 ? 14.767  7.168   1.822   1.00 23.87 ? 134 LYS A C     1 
ATOM   1103 O O     . LYS A 1 134 ? 14.954  7.934   0.883   1.00 25.50 ? 134 LYS A O     1 
ATOM   1104 C CB    . LYS A 1 134 ? 13.712  8.043   3.926   1.00 24.59 ? 134 LYS A CB    1 
ATOM   1105 C CG    . LYS A 1 134 ? 12.438  8.560   4.576   1.00 21.30 ? 134 LYS A CG    1 
ATOM   1106 C CD    . LYS A 1 134 ? 12.649  8.857   6.055   1.00 28.10 ? 134 LYS A CD    1 
ATOM   1107 C CE    . LYS A 1 134 ? 11.423  9.505   6.680   1.00 19.79 ? 134 LYS A CE    1 
ATOM   1108 N NZ    . LYS A 1 134 ? 11.765  10.316  7.879   1.00 25.89 ? 134 LYS A NZ    1 
ATOM   1109 N N     . SER A 1 135 ? 15.650  6.240   2.175   1.00 24.09 ? 135 SER A N     1 
ATOM   1110 C CA    . SER A 1 135 ? 16.887  6.055   1.422   1.00 26.00 ? 135 SER A CA    1 
ATOM   1111 C C     . SER A 1 135 ? 16.611  5.564   0.005   1.00 32.39 ? 135 SER A C     1 
ATOM   1112 O O     . SER A 1 135 ? 17.158  6.089   -0.958  1.00 29.67 ? 135 SER A O     1 
ATOM   1113 C CB    . SER A 1 135 ? 17.840  5.099   2.147   1.00 33.12 ? 135 SER A CB    1 
ATOM   1114 O OG    . SER A 1 135 ? 17.336  3.780   2.187   1.00 41.41 ? 135 SER A OG    1 
ATOM   1115 N N     . ARG A 1 136 ? 15.755  4.558   -0.113  1.00 25.63 ? 136 ARG A N     1 
ATOM   1116 C CA    . ARG A 1 136 ? 15.460  3.956   -1.404  1.00 21.22 ? 136 ARG A CA    1 
ATOM   1117 C C     . ARG A 1 136 ? 14.764  4.948   -2.334  1.00 23.41 ? 136 ARG A C     1 
ATOM   1118 O O     . ARG A 1 136 ? 14.931  4.891   -3.548  1.00 22.76 ? 136 ARG A O     1 
ATOM   1119 C CB    . ARG A 1 136 ? 14.602  2.704   -1.223  1.00 26.35 ? 136 ARG A CB    1 
ATOM   1120 C CG    . ARG A 1 136 ? 15.398  1.447   -0.956  1.00 30.56 ? 136 ARG A CG    1 
ATOM   1121 C CD    . ARG A 1 136 ? 14.531  0.211   -1.095  1.00 27.69 ? 136 ARG A CD    1 
ATOM   1122 N NE    . ARG A 1 136 ? 13.359  0.278   -0.230  1.00 25.98 ? 136 ARG A NE    1 
ATOM   1123 C CZ    . ARG A 1 136 ? 13.307  -0.217  1.001   1.00 27.56 ? 136 ARG A CZ    1 
ATOM   1124 N NH1   . ARG A 1 136 ? 14.359  -0.827  1.523   1.00 24.65 ? 136 ARG A NH1   1 
ATOM   1125 N NH2   . ARG A 1 136 ? 12.197  -0.105  1.708   1.00 23.73 ? 136 ARG A NH2   1 
ATOM   1126 N N     . LYS A 1 137 ? 13.991  5.861   -1.754  1.00 20.60 ? 137 LYS A N     1 
ATOM   1127 C CA    . LYS A 1 137 ? 13.447  6.981   -2.510  1.00 23.09 ? 137 LYS A CA    1 
ATOM   1128 C C     . LYS A 1 137 ? 14.556  7.860   -3.074  1.00 24.79 ? 137 LYS A C     1 
ATOM   1129 O O     . LYS A 1 137 ? 14.533  8.215   -4.245  1.00 25.46 ? 137 LYS A O     1 
ATOM   1130 C CB    . LYS A 1 137 ? 12.498  7.823   -1.654  1.00 22.34 ? 137 LYS A CB    1 
ATOM   1131 C CG    . LYS A 1 137 ? 12.029  9.092   -2.339  1.00 17.98 ? 137 LYS A CG    1 
ATOM   1132 C CD    . LYS A 1 137 ? 10.767  9.644   -1.709  1.00 28.17 ? 137 LYS A CD    1 
ATOM   1133 C CE    . LYS A 1 137 ? 10.235  10.832  -2.494  1.00 30.50 ? 137 LYS A CE    1 
ATOM   1134 N NZ    . LYS A 1 137 ? 9.250   11.628  -1.723  1.00 30.38 ? 137 LYS A NZ    1 
ATOM   1135 N N     . ARG A 1 138 ? 15.520  8.209   -2.230  1.00 28.78 ? 138 ARG A N     1 
ATOM   1136 C CA    . ARG A 1 138 ? 16.749  8.849   -2.690  1.00 33.37 ? 138 ARG A CA    1 
ATOM   1137 C C     . ARG A 1 138 ? 17.315  8.115   -3.898  1.00 33.98 ? 138 ARG A C     1 
ATOM   1138 O O     . ARG A 1 138 ? 17.456  8.690   -4.972  1.00 32.80 ? 138 ARG A O     1 
ATOM   1139 C CB    . ARG A 1 138 ? 17.789  8.879   -1.570  1.00 33.05 ? 138 ARG A CB    1 
ATOM   1140 C CG    . ARG A 1 138 ? 18.164  10.266  -1.092  1.00 41.74 ? 138 ARG A CG    1 
ATOM   1141 C CD    . ARG A 1 138 ? 18.632  10.242  0.352   1.00 44.52 ? 138 ARG A CD    1 
ATOM   1142 N NE    . ARG A 1 138 ? 19.471  9.082   0.638   1.00 44.97 ? 138 ARG A NE    1 
ATOM   1143 C CZ    . ARG A 1 138 ? 19.400  8.363   1.753   1.00 50.88 ? 138 ARG A CZ    1 
ATOM   1144 N NH1   . ARG A 1 138 ? 18.521  8.677   2.698   1.00 50.19 ? 138 ARG A NH1   1 
ATOM   1145 N NH2   . ARG A 1 138 ? 20.208  7.327   1.925   1.00 46.48 ? 138 ARG A NH2   1 
ATOM   1146 N N     . LEU A 1 139 ? 17.638  6.842   -3.710  1.00 32.04 ? 139 LEU A N     1 
ATOM   1147 C CA    . LEU A 1 139 ? 18.184  6.024   -4.785  1.00 37.85 ? 139 LEU A CA    1 
ATOM   1148 C C     . LEU A 1 139 ? 17.347  6.169   -6.046  1.00 39.86 ? 139 LEU A C     1 
ATOM   1149 O O     . LEU A 1 139 ? 17.877  6.335   -7.142  1.00 41.47 ? 139 LEU A O     1 
ATOM   1150 C CB    . LEU A 1 139 ? 18.242  4.556   -4.365  1.00 43.12 ? 139 LEU A CB    1 
ATOM   1151 C CG    . LEU A 1 139 ? 19.155  4.229   -3.183  1.00 47.40 ? 139 LEU A CG    1 
ATOM   1152 C CD1   . LEU A 1 139 ? 19.128  2.741   -2.880  1.00 40.01 ? 139 LEU A CD1   1 
ATOM   1153 C CD2   . LEU A 1 139 ? 20.568  4.689   -3.468  1.00 43.11 ? 139 LEU A CD2   1 
ATOM   1154 N N     . TYR A 1 140 ? 16.033  6.109   -5.880  1.00 32.85 ? 140 TYR A N     1 
ATOM   1155 C CA    . TYR A 1 140 ? 15.126  6.208   -7.009  1.00 32.58 ? 140 TYR A CA    1 
ATOM   1156 C C     . TYR A 1 140 ? 15.112  7.619   -7.576  1.00 28.99 ? 140 TYR A C     1 
ATOM   1157 O O     . TYR A 1 140 ? 15.268  7.816   -8.777  1.00 37.71 ? 140 TYR A O     1 
ATOM   1158 C CB    . TYR A 1 140 ? 13.709  5.785   -6.615  1.00 31.67 ? 140 TYR A CB    1 
ATOM   1159 C CG    . TYR A 1 140 ? 12.720  5.897   -7.750  1.00 29.83 ? 140 TYR A CG    1 
ATOM   1160 C CD1   . TYR A 1 140 ? 12.484  4.827   -8.599  1.00 37.18 ? 140 TYR A CD1   1 
ATOM   1161 C CD2   . TYR A 1 140 ? 12.032  7.077   -7.980  1.00 27.36 ? 140 TYR A CD2   1 
ATOM   1162 C CE1   . TYR A 1 140 ? 11.582  4.929   -9.642  1.00 32.81 ? 140 TYR A CE1   1 
ATOM   1163 C CE2   . TYR A 1 140 ? 11.132  7.187   -9.019  1.00 34.64 ? 140 TYR A CE2   1 
ATOM   1164 C CZ    . TYR A 1 140 ? 10.910  6.112   -9.847  1.00 32.72 ? 140 TYR A CZ    1 
ATOM   1165 O OH    . TYR A 1 140 ? 10.015  6.225   -10.881 1.00 30.71 ? 140 TYR A OH    1 
ATOM   1166 N N     . VAL A 1 141 ? 14.921  8.598   -6.703  1.00 31.32 ? 141 VAL A N     1 
ATOM   1167 C CA    . VAL A 1 141 ? 15.127  9.992   -7.068  1.00 43.04 ? 141 VAL A CA    1 
ATOM   1168 C C     . VAL A 1 141 ? 16.608  10.359  -7.069  1.00 48.73 ? 141 VAL A C     1 
ATOM   1169 O O     . VAL A 1 141 ? 17.447  9.583   -7.520  1.00 47.53 ? 141 VAL A O     1 
ATOM   1170 C CB    . VAL A 1 141 ? 14.375  10.941  -6.124  1.00 36.87 ? 141 VAL A CB    1 
ATOM   1171 C CG1   . VAL A 1 141 ? 14.858  12.358  -6.322  1.00 38.63 ? 141 VAL A CG1   1 
ATOM   1172 C CG2   . VAL A 1 141 ? 12.882  10.844  -6.369  1.00 36.84 ? 141 VAL A CG2   1 
ATOM   1173 O "O5'" . DG  B 2 1   ? -16.064 -10.881 -3.884  1.00 43.46 ? 1   DG  B "O5'" 1 
ATOM   1174 C "C5'" . DG  B 2 1   ? -16.863 -10.353 -4.926  1.00 26.13 ? 1   DG  B "C5'" 1 
ATOM   1175 C "C4'" . DG  B 2 1   ? -17.457 -9.012  -4.541  1.00 32.30 ? 1   DG  B "C4'" 1 
ATOM   1176 O "O4'" . DG  B 2 1   ? -17.355 -8.815  -3.107  1.00 32.72 ? 1   DG  B "O4'" 1 
ATOM   1177 C "C3'" . DG  B 2 1   ? -16.798 -7.797  -5.175  1.00 35.06 ? 1   DG  B "C3'" 1 
ATOM   1178 O "O3'" . DG  B 2 1   ? -17.817 -6.867  -5.493  1.00 45.38 ? 1   DG  B "O3'" 1 
ATOM   1179 C "C2'" . DG  B 2 1   ? -15.884 -7.284  -4.063  1.00 37.45 ? 1   DG  B "C2'" 1 
ATOM   1180 C "C1'" . DG  B 2 1   ? -16.716 -7.588  -2.825  1.00 32.62 ? 1   DG  B "C1'" 1 
ATOM   1181 N N9    . DG  B 2 1   ? -15.961 -7.764  -1.585  1.00 29.60 ? 1   DG  B N9    1 
ATOM   1182 C C8    . DG  B 2 1   ? -14.867 -8.567  -1.391  1.00 27.53 ? 1   DG  B C8    1 
ATOM   1183 N N7    . DG  B 2 1   ? -14.407 -8.535  -0.174  1.00 31.92 ? 1   DG  B N7    1 
ATOM   1184 C C5    . DG  B 2 1   ? -15.253 -7.655  0.487   1.00 26.49 ? 1   DG  B C5    1 
ATOM   1185 C C6    . DG  B 2 1   ? -15.250 -7.223  1.835   1.00 25.80 ? 1   DG  B C6    1 
ATOM   1186 O O6    . DG  B 2 1   ? -14.473 -7.537  2.745   1.00 28.09 ? 1   DG  B O6    1 
ATOM   1187 N N1    . DG  B 2 1   ? -16.278 -6.328  2.095   1.00 21.05 ? 1   DG  B N1    1 
ATOM   1188 C C2    . DG  B 2 1   ? -17.196 -5.908  1.167   1.00 23.53 ? 1   DG  B C2    1 
ATOM   1189 N N2    . DG  B 2 1   ? -18.117 -5.042  1.605   1.00 26.49 ? 1   DG  B N2    1 
ATOM   1190 N N3    . DG  B 2 1   ? -17.212 -6.306  -0.098  1.00 29.14 ? 1   DG  B N3    1 
ATOM   1191 C C4    . DG  B 2 1   ? -16.214 -7.176  -0.369  1.00 21.94 ? 1   DG  B C4    1 
ATOM   1192 P P     . DC  B 2 2   ? -17.665 -5.859  -6.721  1.00 52.10 ? 2   DC  B P     1 
ATOM   1193 O OP1   . DC  B 2 2   ? -19.020 -5.571  -7.217  1.00 54.67 ? 2   DC  B OP1   1 
ATOM   1194 O OP2   . DC  B 2 2   ? -16.626 -6.370  -7.633  1.00 49.73 ? 2   DC  B OP2   1 
ATOM   1195 O "O5'" . DC  B 2 2   ? -17.109 -4.556  -5.989  1.00 62.33 ? 2   DC  B "O5'" 1 
ATOM   1196 C "C5'" . DC  B 2 2   ? -16.621 -3.465  -6.743  1.00 55.97 ? 2   DC  B "C5'" 1 
ATOM   1197 C "C4'" . DC  B 2 2   ? -15.119 -3.526  -6.957  1.00 52.46 ? 2   DC  B "C4'" 1 
ATOM   1198 O "O4'" . DC  B 2 2   ? -14.514 -4.659  -6.293  1.00 51.88 ? 2   DC  B "O4'" 1 
ATOM   1199 C "C3'" . DC  B 2 2   ? -14.703 -3.656  -8.416  1.00 48.21 ? 2   DC  B "C3'" 1 
ATOM   1200 O "O3'" . DC  B 2 2   ? -14.236 -2.395  -8.851  1.00 54.71 ? 2   DC  B "O3'" 1 
ATOM   1201 C "C2'" . DC  B 2 2   ? -13.599 -4.718  -8.413  1.00 51.77 ? 2   DC  B "C2'" 1 
ATOM   1202 C "C1'" . DC  B 2 2   ? -13.274 -4.857  -6.932  1.00 55.09 ? 2   DC  B "C1'" 1 
ATOM   1203 N N1    . DC  B 2 2   ? -12.728 -6.182  -6.520  1.00 58.07 ? 2   DC  B N1    1 
ATOM   1204 C C2    . DC  B 2 2   ? -11.349 -6.360  -6.339  1.00 58.02 ? 2   DC  B C2    1 
ATOM   1205 O O2    . DC  B 2 2   ? -10.570 -5.416  -6.530  1.00 56.04 ? 2   DC  B O2    1 
ATOM   1206 N N3    . DC  B 2 2   ? -10.893 -7.578  -5.960  1.00 54.66 ? 2   DC  B N3    1 
ATOM   1207 C C4    . DC  B 2 2   ? -11.746 -8.583  -5.767  1.00 58.39 ? 2   DC  B C4    1 
ATOM   1208 N N4    . DC  B 2 2   ? -11.245 -9.766  -5.395  1.00 60.89 ? 2   DC  B N4    1 
ATOM   1209 C C5    . DC  B 2 2   ? -13.148 -8.420  -5.944  1.00 54.75 ? 2   DC  B C5    1 
ATOM   1210 C C6    . DC  B 2 2   ? -13.591 -7.216  -6.314  1.00 55.51 ? 2   DC  B C6    1 
ATOM   1211 P P     . DT  B 2 3   ? -15.265 -1.329  -9.442  1.00 61.71 ? 3   DT  B P     1 
ATOM   1212 O OP1   . DT  B 2 3   ? -14.548 -0.057  -9.633  1.00 53.11 ? 3   DT  B OP1   1 
ATOM   1213 O OP2   . DT  B 2 3   ? -16.496 -1.367  -8.632  1.00 52.54 ? 3   DT  B OP2   1 
ATOM   1214 O "O5'" . DT  B 2 3   ? -15.603 -1.949  -10.870 1.00 62.02 ? 3   DT  B "O5'" 1 
ATOM   1215 C "C5'" . DT  B 2 3   ? -16.182 -1.114  -11.861 1.00 54.95 ? 3   DT  B "C5'" 1 
ATOM   1216 C "C4'" . DT  B 2 3   ? -15.109 -0.545  -12.768 1.00 60.93 ? 3   DT  B "C4'" 1 
ATOM   1217 O "O4'" . DT  B 2 3   ? -13.877 -1.279  -12.549 1.00 50.30 ? 3   DT  B "O4'" 1 
ATOM   1218 C "C3'" . DT  B 2 3   ? -15.408 -0.698  -14.251 1.00 58.62 ? 3   DT  B "C3'" 1 
ATOM   1219 O "O3'" . DT  B 2 3   ? -14.691 0.240   -15.031 1.00 55.83 ? 3   DT  B "O3'" 1 
ATOM   1220 C "C2'" . DT  B 2 3   ? -14.850 -2.091  -14.484 1.00 55.23 ? 3   DT  B "C2'" 1 
ATOM   1221 C "C1'" . DT  B 2 3   ? -13.525 -1.892  -13.770 1.00 55.90 ? 3   DT  B "C1'" 1 
ATOM   1222 N N1    . DT  B 2 3   ? -12.782 -3.159  -13.532 1.00 67.53 ? 3   DT  B N1    1 
ATOM   1223 C C2    . DT  B 2 3   ? -11.418 -3.168  -13.719 1.00 63.96 ? 3   DT  B C2    1 
ATOM   1224 O O2    . DT  B 2 3   ? -10.784 -2.184  -14.058 1.00 59.36 ? 3   DT  B O2    1 
ATOM   1225 N N3    . DT  B 2 3   ? -10.822 -4.381  -13.490 1.00 70.70 ? 3   DT  B N3    1 
ATOM   1226 C C4    . DT  B 2 3   ? -11.439 -5.554  -13.101 1.00 64.88 ? 3   DT  B C4    1 
ATOM   1227 O O4    . DT  B 2 3   ? -10.808 -6.587  -12.918 1.00 60.89 ? 3   DT  B O4    1 
ATOM   1228 C C5    . DT  B 2 3   ? -12.869 -5.472  -12.930 1.00 56.18 ? 3   DT  B C5    1 
ATOM   1229 C C7    . DT  B 2 3   ? -13.647 -6.679  -12.503 1.00 55.41 ? 3   DT  B C7    1 
ATOM   1230 C C6    . DT  B 2 3   ? -13.465 -4.295  -13.152 1.00 53.38 ? 3   DT  B C6    1 
ATOM   1231 P P     . DT  B 2 4   ? -14.926 1.809   -14.866 1.00 64.11 ? 4   DT  B P     1 
ATOM   1232 O OP1   . DT  B 2 4   ? -15.990 2.050   -13.872 1.00 46.90 ? 4   DT  B OP1   1 
ATOM   1233 O OP2   . DT  B 2 4   ? -15.044 2.398   -16.214 1.00 61.76 ? 4   DT  B OP2   1 
ATOM   1234 O "O5'" . DT  B 2 4   ? -13.551 2.286   -14.217 1.00 47.04 ? 4   DT  B "O5'" 1 
ATOM   1235 C "C5'" . DT  B 2 4   ? -12.327 1.637   -14.519 1.00 38.60 ? 4   DT  B "C5'" 1 
ATOM   1236 C "C4'" . DT  B 2 4   ? -11.245 2.231   -13.639 1.00 25.68 ? 4   DT  B "C4'" 1 
ATOM   1237 O "O4'" . DT  B 2 4   ? -11.354 1.680   -12.309 1.00 26.32 ? 4   DT  B "O4'" 1 
ATOM   1238 C "C3'" . DT  B 2 4   ? -9.806  2.000   -14.088 1.00 29.44 ? 4   DT  B "C3'" 1 
ATOM   1239 O "O3'" . DT  B 2 4   ? -9.179  3.262   -14.161 1.00 25.02 ? 4   DT  B "O3'" 1 
ATOM   1240 C "C2'" . DT  B 2 4   ? -9.208  1.131   -12.983 1.00 27.12 ? 4   DT  B "C2'" 1 
ATOM   1241 C "C1'" . DT  B 2 4   ? -10.061 1.527   -11.785 1.00 26.87 ? 4   DT  B "C1'" 1 
ATOM   1242 N N1    . DT  B 2 4   ? -10.138 0.530   -10.688 1.00 30.17 ? 4   DT  B N1    1 
ATOM   1243 C C2    . DT  B 2 4   ? -10.016 0.967   -9.390  1.00 30.26 ? 4   DT  B C2    1 
ATOM   1244 O O2    . DT  B 2 4   ? -9.842  2.132   -9.107  1.00 26.94 ? 4   DT  B O2    1 
ATOM   1245 N N3    . DT  B 2 4   ? -10.103 -0.014  -8.437  1.00 24.44 ? 4   DT  B N3    1 
ATOM   1246 C C4    . DT  B 2 4   ? -10.300 -1.360  -8.656  1.00 34.04 ? 4   DT  B C4    1 
ATOM   1247 O O4    . DT  B 2 4   ? -10.369 -2.171  -7.743  1.00 33.68 ? 4   DT  B O4    1 
ATOM   1248 C C5    . DT  B 2 4   ? -10.423 -1.750  -10.038 1.00 36.01 ? 4   DT  B C5    1 
ATOM   1249 C C7    . DT  B 2 4   ? -10.595 -3.196  -10.390 1.00 38.19 ? 4   DT  B C7    1 
ATOM   1250 C C6    . DT  B 2 4   ? -10.340 -0.801  -10.976 1.00 30.49 ? 4   DT  B C6    1 
ATOM   1251 P P     . DA  B 2 5   ? -7.920  3.507   -15.105 1.00 26.29 ? 5   DA  B P     1 
ATOM   1252 O OP1   . DA  B 2 5   ? -7.976  4.889   -15.611 1.00 18.91 ? 5   DA  B OP1   1 
ATOM   1253 O OP2   . DA  B 2 5   ? -7.831  2.376   -16.049 1.00 26.92 ? 5   DA  B OP2   1 
ATOM   1254 O "O5'" . DA  B 2 5   ? -6.691  3.386   -14.094 1.00 21.29 ? 5   DA  B "O5'" 1 
ATOM   1255 C "C5'" . DA  B 2 5   ? -6.718  4.112   -12.882 1.00 21.93 ? 5   DA  B "C5'" 1 
ATOM   1256 C "C4'" . DA  B 2 5   ? -5.319  4.396   -12.372 1.00 23.14 ? 5   DA  B "C4'" 1 
ATOM   1257 O "O4'" . DA  B 2 5   ? -4.846  3.271   -11.597 1.00 19.28 ? 5   DA  B "O4'" 1 
ATOM   1258 C "C3'" . DA  B 2 5   ? -4.286  4.640   -13.464 1.00 16.50 ? 5   DA  B "C3'" 1 
ATOM   1259 O "O3'" . DA  B 2 5   ? -3.428  5.701   -13.079 1.00 20.69 ? 5   DA  B "O3'" 1 
ATOM   1260 C "C2'" . DA  B 2 5   ? -3.562  3.303   -13.585 1.00 19.32 ? 5   DA  B "C2'" 1 
ATOM   1261 C "C1'" . DA  B 2 5   ? -3.702  2.704   -12.190 1.00 20.37 ? 5   DA  B "C1'" 1 
ATOM   1262 N N9    . DA  B 2 5   ? -3.904  1.262   -12.183 1.00 22.37 ? 5   DA  B N9    1 
ATOM   1263 C C8    . DA  B 2 5   ? -4.488  0.505   -13.152 1.00 18.40 ? 5   DA  B C8    1 
ATOM   1264 N N7    . DA  B 2 5   ? -4.541  -0.768  -12.861 1.00 26.15 ? 5   DA  B N7    1 
ATOM   1265 C C5    . DA  B 2 5   ? -3.952  -0.850  -11.612 1.00 23.71 ? 5   DA  B C5    1 
ATOM   1266 C C6    . DA  B 2 5   ? -3.697  -1.928  -10.744 1.00 21.68 ? 5   DA  B C6    1 
ATOM   1267 N N6    . DA  B 2 5   ? -4.020  -3.191  -11.022 1.00 20.72 ? 5   DA  B N6    1 
ATOM   1268 N N1    . DA  B 2 5   ? -3.090  -1.657  -9.572  1.00 21.31 ? 5   DA  B N1    1 
ATOM   1269 C C2    . DA  B 2 5   ? -2.764  -0.395  -9.286  1.00 22.42 ? 5   DA  B C2    1 
ATOM   1270 N N3    . DA  B 2 5   ? -2.956  0.694   -10.018 1.00 20.73 ? 5   DA  B N3    1 
ATOM   1271 C C4    . DA  B 2 5   ? -3.557  0.396   -11.180 1.00 16.46 ? 5   DA  B C4    1 
ATOM   1272 P P     . DC  B 2 6   ? -3.735  7.201   -13.543 1.00 19.17 ? 6   DC  B P     1 
ATOM   1273 O OP1   . DC  B 2 6   ? -3.596  7.266   -15.005 1.00 22.45 ? 6   DC  B OP1   1 
ATOM   1274 O OP2   . DC  B 2 6   ? -2.941  8.113   -12.706 1.00 23.88 ? 6   DC  B OP2   1 
ATOM   1275 O "O5'" . DC  B 2 6   ? -5.287  7.357   -13.185 1.00 19.43 ? 6   DC  B "O5'" 1 
ATOM   1276 C "C5'" . DC  B 2 6   ? -5.782  8.464   -12.455 1.00 22.78 ? 6   DC  B "C5'" 1 
ATOM   1277 C "C4'" . DC  B 2 6   ? -7.030  9.031   -13.108 1.00 20.52 ? 6   DC  B "C4'" 1 
ATOM   1278 O "O4'" . DC  B 2 6   ? -8.008  7.983   -13.310 1.00 22.70 ? 6   DC  B "O4'" 1 
ATOM   1279 C "C3'" . DC  B 2 6   ? -7.743  10.112  -12.297 1.00 25.15 ? 6   DC  B "C3'" 1 
ATOM   1280 O "O3'" . DC  B 2 6   ? -7.842  11.306  -13.043 1.00 21.49 ? 6   DC  B "O3'" 1 
ATOM   1281 C "C2'" . DC  B 2 6   ? -9.129  9.529   -12.032 1.00 23.53 ? 6   DC  B "C2'" 1 
ATOM   1282 C "C1'" . DC  B 2 6   ? -9.277  8.586   -13.214 1.00 21.48 ? 6   DC  B "C1'" 1 
ATOM   1283 N N1    . DC  B 2 6   ? -10.349 7.569   -13.031 1.00 24.05 ? 6   DC  B N1    1 
ATOM   1284 C C2    . DC  B 2 6   ? -11.589 7.758   -13.659 1.00 26.42 ? 6   DC  B C2    1 
ATOM   1285 O O2    . DC  B 2 6   ? -11.766 8.757   -14.358 1.00 24.73 ? 6   DC  B O2    1 
ATOM   1286 N N3    . DC  B 2 6   ? -12.564 6.840   -13.488 1.00 26.35 ? 6   DC  B N3    1 
ATOM   1287 C C4    . DC  B 2 6   ? -12.335 5.774   -12.725 1.00 35.39 ? 6   DC  B C4    1 
ATOM   1288 N N4    . DC  B 2 6   ? -13.324 4.892   -12.582 1.00 31.50 ? 6   DC  B N4    1 
ATOM   1289 C C5    . DC  B 2 6   ? -11.082 5.565   -12.074 1.00 27.89 ? 6   DC  B C5    1 
ATOM   1290 C C6    . DC  B 2 6   ? -10.125 6.476   -12.252 1.00 24.40 ? 6   DC  B C6    1 
ATOM   1291 P P     . DG  B 2 7   ? -7.438  12.680  -12.351 1.00 25.04 ? 7   DG  B P     1 
ATOM   1292 O OP1   . DG  B 2 7   ? -7.097  13.659  -13.399 1.00 20.15 ? 7   DG  B OP1   1 
ATOM   1293 O OP2   . DG  B 2 7   ? -6.442  12.329  -11.322 1.00 33.96 ? 7   DG  B OP2   1 
ATOM   1294 O "O5'" . DG  B 2 7   ? -8.755  13.165  -11.597 1.00 24.59 ? 7   DG  B "O5'" 1 
ATOM   1295 C "C5'" . DG  B 2 7   ? -9.902  13.539  -12.339 1.00 24.85 ? 7   DG  B "C5'" 1 
ATOM   1296 C "C4'" . DG  B 2 7   ? -11.156 13.445  -11.491 1.00 20.25 ? 7   DG  B "C4'" 1 
ATOM   1297 O "O4'" . DG  B 2 7   ? -11.332 12.085  -11.031 1.00 20.43 ? 7   DG  B "O4'" 1 
ATOM   1298 C "C3'" . DG  B 2 7   ? -11.149 14.310  -10.238 1.00 20.53 ? 7   DG  B "C3'" 1 
ATOM   1299 O "O3'" . DG  B 2 7   ? -12.469 14.724  -9.936  1.00 26.06 ? 7   DG  B "O3'" 1 
ATOM   1300 C "C2'" . DG  B 2 7   ? -10.606 13.353  -9.182  1.00 23.93 ? 7   DG  B "C2'" 1 
ATOM   1301 C "C1'" . DG  B 2 7   ? -11.244 12.042  -9.623  1.00 21.22 ? 7   DG  B "C1'" 1 
ATOM   1302 N N9    . DG  B 2 7   ? -10.487 10.849  -9.265  1.00 27.06 ? 7   DG  B N9    1 
ATOM   1303 C C8    . DG  B 2 7   ? -9.140  10.739  -9.030  1.00 23.10 ? 7   DG  B C8    1 
ATOM   1304 N N7    . DG  B 2 7   ? -8.765  9.527   -8.735  1.00 24.39 ? 7   DG  B N7    1 
ATOM   1305 C C5    . DG  B 2 7   ? -9.938  8.790   -8.781  1.00 22.87 ? 7   DG  B C5    1 
ATOM   1306 C C6    . DG  B 2 7   ? -10.164 7.419   -8.553  1.00 24.47 ? 7   DG  B C6    1 
ATOM   1307 O O6    . DG  B 2 7   ? -9.340  6.550   -8.251  1.00 25.87 ? 7   DG  B O6    1 
ATOM   1308 N N1    . DG  B 2 7   ? -11.510 7.089   -8.705  1.00 23.41 ? 7   DG  B N1    1 
ATOM   1309 C C2    . DG  B 2 7   ? -12.509 7.974   -9.035  1.00 26.01 ? 7   DG  B C2    1 
ATOM   1310 N N2    . DG  B 2 7   ? -13.749 7.476   -9.138  1.00 22.15 ? 7   DG  B N2    1 
ATOM   1311 N N3    . DG  B 2 7   ? -12.307 9.260   -9.252  1.00 19.11 ? 7   DG  B N3    1 
ATOM   1312 C C4    . DG  B 2 7   ? -11.005 9.592   -9.107  1.00 22.26 ? 7   DG  B C4    1 
ATOM   1313 P P     . DG  B 2 8   ? -12.732 16.217  -9.449  1.00 33.18 ? 8   DG  B P     1 
ATOM   1314 O OP1   . DG  B 2 8   ? -14.195 16.384  -9.378  1.00 28.35 ? 8   DG  B OP1   1 
ATOM   1315 O OP2   . DG  B 2 8   ? -11.916 17.130  -10.265 1.00 31.70 ? 8   DG  B OP2   1 
ATOM   1316 O "O5'" . DG  B 2 8   ? -12.118 16.224  -7.973  1.00 27.61 ? 8   DG  B "O5'" 1 
ATOM   1317 C "C5'" . DG  B 2 8   ? -12.824 15.641  -6.891  1.00 24.42 ? 8   DG  B "C5'" 1 
ATOM   1318 C "C4'" . DG  B 2 8   ? -12.138 15.903  -5.560  1.00 22.98 ? 8   DG  B "C4'" 1 
ATOM   1319 O "O4'" . DG  B 2 8   ? -11.077 14.940  -5.347  1.00 22.05 ? 8   DG  B "O4'" 1 
ATOM   1320 C "C3'" . DG  B 2 8   ? -11.464 17.256  -5.395  1.00 26.39 ? 8   DG  B "C3'" 1 
ATOM   1321 O "O3'" . DG  B 2 8   ? -11.470 17.560  -4.025  1.00 31.43 ? 8   DG  B "O3'" 1 
ATOM   1322 C "C2'" . DG  B 2 8   ? -10.042 16.965  -5.854  1.00 28.58 ? 8   DG  B "C2'" 1 
ATOM   1323 C "C1'" . DG  B 2 8   ? -9.842  15.607  -5.196  1.00 23.62 ? 8   DG  B "C1'" 1 
ATOM   1324 N N9    . DG  B 2 8   ? -8.834  14.749  -5.805  1.00 25.47 ? 8   DG  B N9    1 
ATOM   1325 C C8    . DG  B 2 8   ? -8.506  14.662  -7.134  1.00 25.19 ? 8   DG  B C8    1 
ATOM   1326 N N7    . DG  B 2 8   ? -7.574  13.786  -7.381  1.00 26.14 ? 8   DG  B N7    1 
ATOM   1327 C C5    . DG  B 2 8   ? -7.270  13.256  -6.137  1.00 24.36 ? 8   DG  B C5    1 
ATOM   1328 C C6    . DG  B 2 8   ? -6.335  12.263  -5.774  1.00 28.25 ? 8   DG  B C6    1 
ATOM   1329 O O6    . DG  B 2 8   ? -5.563  11.637  -6.501  1.00 30.65 ? 8   DG  B O6    1 
ATOM   1330 N N1    . DG  B 2 8   ? -6.342  12.018  -4.406  1.00 22.65 ? 8   DG  B N1    1 
ATOM   1331 C C2    . DG  B 2 8   ? -7.154  12.649  -3.504  1.00 22.21 ? 8   DG  B C2    1 
ATOM   1332 N N2    . DG  B 2 8   ? -7.016  12.273  -2.230  1.00 21.50 ? 8   DG  B N2    1 
ATOM   1333 N N3    . DG  B 2 8   ? -8.034  13.580  -3.829  1.00 23.11 ? 8   DG  B N3    1 
ATOM   1334 C C4    . DG  B 2 8   ? -8.040  13.832  -5.157  1.00 27.24 ? 8   DG  B C4    1 
ATOM   1335 P P     . DT  B 2 9   ? -12.750 18.240  -3.376  1.00 39.34 ? 9   DT  B P     1 
ATOM   1336 O OP1   . DT  B 2 9   ? -13.304 19.150  -4.391  1.00 27.00 ? 9   DT  B OP1   1 
ATOM   1337 O OP2   . DT  B 2 9   ? -12.388 18.728  -2.035  1.00 31.97 ? 9   DT  B OP2   1 
ATOM   1338 O "O5'" . DT  B 2 9   ? -13.769 17.026  -3.195  1.00 38.95 ? 9   DT  B "O5'" 1 
ATOM   1339 C "C5'" . DT  B 2 9   ? -15.102 17.175  -3.633  1.00 36.75 ? 9   DT  B "C5'" 1 
ATOM   1340 C "C4'" . DT  B 2 9   ? -15.811 15.837  -3.686  1.00 32.01 ? 9   DT  B "C4'" 1 
ATOM   1341 O "O4'" . DT  B 2 9   ? -14.903 14.812  -4.141  1.00 26.48 ? 9   DT  B "O4'" 1 
ATOM   1342 C "C3'" . DT  B 2 9   ? -16.291 15.330  -2.340  1.00 36.35 ? 9   DT  B "C3'" 1 
ATOM   1343 O "O3'" . DT  B 2 9   ? -17.563 15.881  -2.049  1.00 42.18 ? 9   DT  B "O3'" 1 
ATOM   1344 C "C2'" . DT  B 2 9   ? -16.368 13.823  -2.561  1.00 29.43 ? 9   DT  B "C2'" 1 
ATOM   1345 C "C1'" . DT  B 2 9   ? -15.361 13.561  -3.678  1.00 30.38 ? 9   DT  B "C1'" 1 
ATOM   1346 N N1    . DT  B 2 9   ? -14.189 12.730  -3.258  1.00 24.88 ? 9   DT  B N1    1 
ATOM   1347 C C2    . DT  B 2 9   ? -14.285 11.361  -3.339  1.00 28.26 ? 9   DT  B C2    1 
ATOM   1348 O O2    . DT  B 2 9   ? -15.278 10.795  -3.736  1.00 24.46 ? 9   DT  B O2    1 
ATOM   1349 N N3    . DT  B 2 9   ? -13.168 10.679  -2.936  1.00 25.21 ? 9   DT  B N3    1 
ATOM   1350 C C4    . DT  B 2 9   ? -11.986 11.220  -2.468  1.00 22.71 ? 9   DT  B C4    1 
ATOM   1351 O O4    . DT  B 2 9   ? -11.040 10.522  -2.132  1.00 19.89 ? 9   DT  B O4    1 
ATOM   1352 C C5    . DT  B 2 9   ? -11.950 12.661  -2.407  1.00 20.95 ? 9   DT  B C5    1 
ATOM   1353 C C7    . DT  B 2 9   ? -10.737 13.364  -1.874  1.00 24.60 ? 9   DT  B C7    1 
ATOM   1354 C C6    . DT  B 2 9   ? -13.038 13.336  -2.801  1.00 21.79 ? 9   DT  B C6    1 
HETATM 1355 O O     . HOH C 3 .   ? -1.941  -3.016  -7.474  1.00 15.47 ? 201 HOH A O     1 
HETATM 1356 O O     . HOH C 3 .   ? 8.785   -1.786  3.284   1.00 18.90 ? 202 HOH A O     1 
HETATM 1357 O O     . HOH C 3 .   ? -8.775  -6.628  10.954  1.00 20.31 ? 203 HOH A O     1 
HETATM 1358 O O     . HOH C 3 .   ? 9.173   -1.149  -13.258 1.00 17.94 ? 204 HOH A O     1 
HETATM 1359 O O     . HOH C 3 .   ? 8.265   -3.872  4.980   1.00 17.20 ? 205 HOH A O     1 
HETATM 1360 O O     . HOH C 3 .   ? -8.580  4.568   -6.558  1.00 17.35 ? 206 HOH A O     1 
HETATM 1361 O O     . HOH C 3 .   ? 11.287  -0.549  4.244   1.00 18.22 ? 207 HOH A O     1 
HETATM 1362 O O     . HOH C 3 .   ? -16.345 -0.596  2.473   1.00 19.91 ? 208 HOH A O     1 
HETATM 1363 O O     . HOH C 3 .   ? 0.142   -1.879  -8.618  1.00 20.22 ? 209 HOH A O     1 
HETATM 1364 O O     . HOH C 3 .   ? -11.391 8.140   9.142   1.00 19.02 ? 210 HOH A O     1 
HETATM 1365 O O     . HOH C 3 .   ? 11.681  1.564   5.555   1.00 20.95 ? 211 HOH A O     1 
HETATM 1366 O O     . HOH C 3 .   ? 7.003   -0.628  -3.303  1.00 16.81 ? 212 HOH A O     1 
HETATM 1367 O O     . HOH C 3 .   ? -2.706  4.994   13.453  1.00 18.81 ? 213 HOH A O     1 
HETATM 1368 O O     . HOH C 3 .   ? 12.455  -2.363  5.946   1.00 23.41 ? 214 HOH A O     1 
HETATM 1369 O O     . HOH C 3 .   ? -16.678 7.202   1.548   1.00 28.14 ? 215 HOH A O     1 
HETATM 1370 O O     . HOH C 3 .   ? -14.989 5.119   1.618   1.00 19.82 ? 216 HOH A O     1 
HETATM 1371 O O     . HOH C 3 .   ? 5.199   -10.449 5.495   1.00 22.51 ? 217 HOH A O     1 
HETATM 1372 O O     . HOH C 3 .   ? 10.739  -4.431  6.291   1.00 24.73 ? 218 HOH A O     1 
HETATM 1373 O O     . HOH C 3 .   ? -4.228  2.054   17.195  1.00 25.05 ? 219 HOH A O     1 
HETATM 1374 O O     . HOH C 3 .   ? -2.616  10.391  -8.863  1.00 20.64 ? 220 HOH A O     1 
HETATM 1375 O O     . HOH C 3 .   ? -1.384  2.230   -19.060 1.00 23.13 ? 221 HOH A O     1 
HETATM 1376 O O     . HOH C 3 .   ? -5.558  10.914  -9.184  1.00 20.66 ? 222 HOH A O     1 
HETATM 1377 O O     . HOH C 3 .   ? 2.999   9.236   8.656   1.00 23.23 ? 223 HOH A O     1 
HETATM 1378 O O     . HOH C 3 .   ? 18.311  3.125   4.792   1.00 34.26 ? 224 HOH A O     1 
HETATM 1379 O O     . HOH C 3 .   ? 9.712   8.759   1.741   1.00 19.39 ? 225 HOH A O     1 
HETATM 1380 O O     . HOH C 3 .   ? -8.241  -9.414  11.580  1.00 24.05 ? 226 HOH A O     1 
HETATM 1381 O O     . HOH C 3 .   ? 6.582   -10.690 -7.426  1.00 27.42 ? 227 HOH A O     1 
HETATM 1382 O O     . HOH C 3 .   ? 14.589  1.341   8.142   1.00 27.23 ? 228 HOH A O     1 
HETATM 1383 O O     . HOH C 3 .   ? -6.041  17.757  -7.869  1.00 34.42 ? 229 HOH A O     1 
HETATM 1384 O O     . HOH C 3 .   ? -0.587  -2.330  11.466  1.00 21.99 ? 230 HOH A O     1 
HETATM 1385 O O     . HOH C 3 .   ? 7.748   12.496  1.389   1.00 32.28 ? 231 HOH A O     1 
HETATM 1386 O O     . HOH C 3 .   ? -0.149  4.531   -15.595 1.00 19.91 ? 232 HOH A O     1 
HETATM 1387 O O     . HOH C 3 .   ? -12.139 -16.382 6.208   1.00 23.58 ? 233 HOH A O     1 
HETATM 1388 O O     . HOH C 3 .   ? 4.691   2.851   -8.852  1.00 20.66 ? 234 HOH A O     1 
HETATM 1389 O O     . HOH C 3 .   ? -8.922  10.396  -0.367  1.00 21.95 ? 235 HOH A O     1 
HETATM 1390 O O     . HOH C 3 .   ? 4.381   6.039   15.027  1.00 28.46 ? 236 HOH A O     1 
HETATM 1391 O O     . HOH C 3 .   ? -17.755 3.240   1.413   1.00 20.35 ? 237 HOH A O     1 
HETATM 1392 O O     . HOH C 3 .   ? 14.163  10.264  0.780   1.00 28.92 ? 238 HOH A O     1 
HETATM 1393 O O     . HOH C 3 .   ? -12.063 3.824   -3.549  1.00 20.43 ? 239 HOH A O     1 
HETATM 1394 O O     . HOH C 3 .   ? 1.906   2.730   14.285  1.00 27.81 ? 240 HOH A O     1 
HETATM 1395 O O     . HOH C 3 .   ? -7.576  -2.786  -12.301 1.00 30.79 ? 241 HOH A O     1 
HETATM 1396 O O     . HOH C 3 .   ? -19.471 -0.068  3.964   1.00 35.88 ? 242 HOH A O     1 
HETATM 1397 O O     . HOH C 3 .   ? -19.900 1.341   1.748   1.00 34.67 ? 243 HOH A O     1 
HETATM 1398 O O     . HOH C 3 .   ? 0.478   1.081   -8.577  1.00 24.64 ? 244 HOH A O     1 
HETATM 1399 O O     . HOH C 3 .   ? -11.409 -6.230  11.985  1.00 23.83 ? 245 HOH A O     1 
HETATM 1400 O O     . HOH C 3 .   ? -11.881 -20.987 11.815  1.00 25.06 ? 246 HOH A O     1 
HETATM 1401 O O     . HOH C 3 .   ? -2.305  5.605   -17.088 1.00 24.05 ? 247 HOH A O     1 
HETATM 1402 O O     . HOH C 3 .   ? -1.613  -19.561 -1.677  1.00 22.02 ? 248 HOH A O     1 
HETATM 1403 O O     . HOH C 3 .   ? 8.212   9.402   -5.883  1.00 26.88 ? 249 HOH A O     1 
HETATM 1404 O O     . HOH C 3 .   ? -4.853  7.473   16.129  1.00 25.85 ? 250 HOH A O     1 
HETATM 1405 O O     . HOH C 3 .   ? 13.550  -2.768  -6.002  1.00 24.79 ? 251 HOH A O     1 
HETATM 1406 O O     . HOH C 3 .   ? -8.066  10.676  4.068   1.00 31.31 ? 252 HOH A O     1 
HETATM 1407 O O     . HOH C 3 .   ? 2.852   1.064   -9.572  1.00 24.38 ? 253 HOH A O     1 
HETATM 1408 O O     . HOH C 3 .   ? -11.256 3.237   -6.101  1.00 23.93 ? 254 HOH A O     1 
HETATM 1409 O O     . HOH C 3 .   ? 12.356  7.956   9.451   1.00 26.39 ? 255 HOH A O     1 
HETATM 1410 O O     . HOH C 3 .   ? -4.206  -5.227  -8.896  1.00 24.33 ? 256 HOH A O     1 
HETATM 1411 O O     . HOH C 3 .   ? -14.177 -6.316  15.591  1.00 33.08 ? 257 HOH A O     1 
HETATM 1412 O O     . HOH C 3 .   ? 1.644   0.227   14.851  1.00 23.73 ? 258 HOH A O     1 
HETATM 1413 O O     . HOH C 3 .   ? -2.311  -6.723  13.485  1.00 22.54 ? 259 HOH A O     1 
HETATM 1414 O O     . HOH C 3 .   ? 10.262  3.127   16.253  1.00 31.00 ? 260 HOH A O     1 
HETATM 1415 O O     . HOH C 3 .   ? 14.520  -2.464  -8.558  1.00 28.97 ? 261 HOH A O     1 
HETATM 1416 O O     . HOH C 3 .   ? 0.859   1.237   -17.967 1.00 25.85 ? 262 HOH A O     1 
HETATM 1417 O O     . HOH C 3 .   ? -17.974 7.300   -4.892  1.00 29.73 ? 263 HOH A O     1 
HETATM 1418 O O     . HOH C 3 .   ? 14.354  -5.229  -5.539  1.00 37.51 ? 264 HOH A O     1 
HETATM 1419 O O     . HOH C 3 .   ? 13.067  9.181   15.435  1.00 36.91 ? 265 HOH A O     1 
HETATM 1420 O O     . HOH C 3 .   ? 13.975  -5.397  -2.922  1.00 27.02 ? 266 HOH A O     1 
HETATM 1421 O O     . HOH C 3 .   ? 20.605  6.558   -0.383  1.00 39.54 ? 267 HOH A O     1 
HETATM 1422 O O     . HOH C 3 .   ? -11.045 -19.015 13.687  1.00 30.84 ? 268 HOH A O     1 
HETATM 1423 O O     . HOH C 3 .   ? -0.008  15.292  -5.885  1.00 38.82 ? 269 HOH A O     1 
HETATM 1424 O O     . HOH C 3 .   ? -13.836 -16.049 11.643  1.00 35.96 ? 270 HOH A O     1 
HETATM 1425 O O     . HOH C 3 .   ? -16.390 -9.581  9.158   1.00 32.50 ? 271 HOH A O     1 
HETATM 1426 O O     . HOH C 3 .   ? -17.890 8.492   -0.535  1.00 29.40 ? 272 HOH A O     1 
HETATM 1427 O O     . HOH C 3 .   ? 1.914   -17.025 -3.559  1.00 29.97 ? 273 HOH A O     1 
HETATM 1428 O O     . HOH C 3 .   ? 4.469   -12.966 4.387   1.00 34.55 ? 274 HOH A O     1 
HETATM 1429 O O     . HOH C 3 .   ? 12.378  -0.838  8.272   1.00 30.96 ? 275 HOH A O     1 
HETATM 1430 O O     . HOH C 3 .   ? 14.272  11.613  -1.937  1.00 36.19 ? 276 HOH A O     1 
HETATM 1431 O O     . HOH C 3 .   ? 17.673  -1.437  8.133   1.00 32.27 ? 277 HOH A O     1 
HETATM 1432 O O     . HOH C 3 .   ? -11.338 -6.547  -2.823  1.00 34.86 ? 278 HOH A O     1 
HETATM 1433 O O     . HOH C 3 .   ? -1.037  5.204   15.842  1.00 36.24 ? 279 HOH A O     1 
HETATM 1434 O O     . HOH C 3 .   ? -14.347 -18.032 5.580   1.00 24.22 ? 280 HOH A O     1 
HETATM 1435 O O     . HOH C 3 .   ? -1.471  -16.472 3.993   1.00 29.21 ? 281 HOH A O     1 
HETATM 1436 O O     . HOH C 3 .   ? 3.184   -12.240 0.019   1.00 27.62 ? 282 HOH A O     1 
HETATM 1437 O O     . HOH C 3 .   ? 2.191   11.804  -13.293 1.00 27.49 ? 283 HOH A O     1 
HETATM 1438 O O     . HOH C 3 .   ? -3.471  -13.333 1.213   1.00 29.84 ? 284 HOH A O     1 
HETATM 1439 O O     . HOH C 3 .   ? -16.682 -6.581  8.914   1.00 24.71 ? 285 HOH A O     1 
HETATM 1440 O O     . HOH C 3 .   ? 0.468   -14.026 -10.286 1.00 36.62 ? 286 HOH A O     1 
HETATM 1441 O O     . HOH C 3 .   ? 0.016   -1.798  14.016  1.00 27.89 ? 287 HOH A O     1 
HETATM 1442 O O     . HOH C 3 .   ? 15.774  9.404   8.270   1.00 34.37 ? 288 HOH A O     1 
HETATM 1443 O O     . HOH C 3 .   ? 2.852   12.157  8.347   1.00 33.07 ? 289 HOH A O     1 
HETATM 1444 O O     . HOH C 3 .   ? -5.485  11.918  1.089   1.00 28.34 ? 290 HOH A O     1 
HETATM 1445 O O     . HOH C 3 .   ? -1.604  1.414   17.704  1.00 37.99 ? 291 HOH A O     1 
HETATM 1446 O O     . HOH C 3 .   ? -7.749  -12.425 -11.752 1.00 39.88 ? 292 HOH A O     1 
HETATM 1447 O O     . HOH C 3 .   ? 13.724  9.040   -10.521 1.00 35.45 ? 293 HOH A O     1 
HETATM 1448 O O     . HOH C 3 .   ? -10.114 -4.183  18.463  1.00 29.28 ? 294 HOH A O     1 
HETATM 1449 O O     . HOH C 3 .   ? -2.712  6.309   17.840  1.00 41.67 ? 295 HOH A O     1 
HETATM 1450 O O     . HOH C 3 .   ? 11.427  10.968  1.777   1.00 31.85 ? 296 HOH A O     1 
HETATM 1451 O O     . HOH C 3 .   ? 0.121   11.536  -5.000  1.00 30.10 ? 297 HOH A O     1 
HETATM 1452 O O     . HOH C 3 .   ? -13.005 15.139  1.183   1.00 36.64 ? 298 HOH A O     1 
HETATM 1453 O O     . HOH C 3 .   ? 0.202   -12.192 -12.384 1.00 27.14 ? 299 HOH A O     1 
HETATM 1454 O O     . HOH C 3 .   ? 9.157   -9.437  -8.694  1.00 34.90 ? 300 HOH A O     1 
HETATM 1455 O O     . HOH C 3 .   ? 14.905  7.724   16.597  1.00 36.78 ? 301 HOH A O     1 
HETATM 1456 O O     . HOH C 3 .   ? 12.080  -9.086  7.611   1.00 42.49 ? 302 HOH A O     1 
HETATM 1457 O O     . HOH C 3 .   ? 8.249   12.024  4.391   1.00 31.96 ? 303 HOH A O     1 
HETATM 1458 O O     . HOH C 3 .   ? -5.932  -8.712  16.147  1.00 36.80 ? 304 HOH A O     1 
HETATM 1459 O O     . HOH C 3 .   ? -3.446  14.753  -0.624  1.00 40.76 ? 305 HOH A O     1 
HETATM 1460 O O     . HOH C 3 .   ? 11.066  7.439   17.468  1.00 34.72 ? 306 HOH A O     1 
HETATM 1461 O O     . HOH C 3 .   ? 4.705   11.716  6.117   1.00 33.07 ? 307 HOH A O     1 
HETATM 1462 O O     . HOH C 3 .   ? -9.803  11.256  2.495   1.00 32.63 ? 308 HOH A O     1 
HETATM 1463 O O     . HOH C 3 .   ? -19.361 -1.447  -0.418  1.00 35.20 ? 309 HOH A O     1 
HETATM 1464 O O     . HOH C 3 .   ? -12.634 -5.024  14.355  1.00 30.21 ? 310 HOH A O     1 
HETATM 1465 O O     . HOH C 3 .   ? 11.455  -5.089  8.956   1.00 38.48 ? 311 HOH A O     1 
HETATM 1466 O O     . HOH C 3 .   ? -6.060  5.682   -9.304  1.00 22.32 ? 312 HOH A O     1 
HETATM 1467 O O     . HOH C 3 .   ? 17.249  1.070   8.676   1.00 31.17 ? 313 HOH A O     1 
HETATM 1468 O O     . HOH C 3 .   ? 0.983   17.758  -9.691  1.00 37.85 ? 314 HOH A O     1 
HETATM 1469 O O     . HOH C 3 .   ? 15.001  2.255   -7.680  1.00 37.42 ? 315 HOH A O     1 
HETATM 1470 O O     . HOH C 3 .   ? -4.754  -1.429  -17.441 1.00 36.48 ? 316 HOH A O     1 
HETATM 1471 O O     . HOH C 3 .   ? -20.993 3.056   4.155   1.00 41.30 ? 317 HOH A O     1 
HETATM 1472 O O     . HOH C 3 .   ? -6.841  -6.723  14.102  1.00 33.47 ? 318 HOH A O     1 
HETATM 1473 O O     . HOH C 3 .   ? -1.382  -15.788 -9.415  1.00 31.49 ? 319 HOH A O     1 
HETATM 1474 O O     . HOH C 3 .   ? 7.725   -11.151 -5.158  1.00 32.64 ? 320 HOH A O     1 
HETATM 1475 O O     . HOH C 3 .   ? 1.073   7.134   14.744  1.00 32.03 ? 321 HOH A O     1 
HETATM 1476 O O     . HOH C 3 .   ? -13.014 -16.709 13.578  1.00 38.30 ? 322 HOH A O     1 
HETATM 1477 O O     . HOH C 3 .   ? 16.810  7.244   5.068   1.00 31.73 ? 323 HOH A O     1 
HETATM 1478 O O     . HOH C 3 .   ? -20.461 -1.498  4.868   1.00 43.70 ? 324 HOH A O     1 
HETATM 1479 O O     . HOH C 3 .   ? 11.192  8.170   -12.372 1.00 34.20 ? 325 HOH A O     1 
HETATM 1480 O O     . HOH C 3 .   ? -2.876  -13.969 10.153  1.00 38.18 ? 326 HOH A O     1 
HETATM 1481 O O     . HOH C 3 .   ? 14.593  2.398   -4.622  1.00 36.69 ? 327 HOH A O     1 
HETATM 1482 O O     . HOH C 3 .   ? 5.150   -12.683 1.766   1.00 39.81 ? 328 HOH A O     1 
HETATM 1483 O O     . HOH C 3 .   ? 18.446  3.565   9.973   1.00 40.65 ? 329 HOH A O     1 
HETATM 1484 O O     . HOH C 3 .   ? -14.394 13.782  3.970   1.00 45.09 ? 330 HOH A O     1 
HETATM 1485 O O     . HOH C 3 .   ? 0.794   9.047   13.535  1.00 37.35 ? 331 HOH A O     1 
HETATM 1486 O O     . HOH C 3 .   ? 2.585   -12.105 10.898  1.00 39.28 ? 332 HOH A O     1 
HETATM 1487 O O     . HOH C 3 .   ? -14.566 2.260   -5.877  1.00 37.48 ? 333 HOH A O     1 
HETATM 1488 O O     . HOH C 3 .   ? 12.292  -6.758  -7.264  1.00 41.12 ? 334 HOH A O     1 
HETATM 1489 O O     . HOH C 3 .   ? 0.446   13.477  5.089   1.00 36.43 ? 335 HOH A O     1 
HETATM 1490 O O     . HOH C 3 .   ? 2.998   -11.387 7.775   1.00 34.59 ? 336 HOH A O     1 
HETATM 1491 O O     . HOH C 3 .   ? -11.395 -14.959 15.511  1.00 43.81 ? 337 HOH A O     1 
HETATM 1492 O O     . HOH C 3 .   ? 2.764   -8.904  11.005  1.00 38.36 ? 338 HOH A O     1 
HETATM 1493 O O     . HOH C 3 .   ? 15.736  -7.499  -1.529  1.00 42.81 ? 339 HOH A O     1 
HETATM 1494 O O     . HOH C 3 .   ? 18.973  7.313   7.082   1.00 37.36 ? 340 HOH A O     1 
HETATM 1495 O O     . HOH C 3 .   ? 13.516  -6.143  -10.071 1.00 40.95 ? 341 HOH A O     1 
HETATM 1496 O O     . HOH C 3 .   ? 6.011   -7.597  -18.390 1.00 36.81 ? 342 HOH A O     1 
HETATM 1497 O O     . HOH C 3 .   ? 16.034  -3.255  -1.905  1.00 35.08 ? 343 HOH A O     1 
HETATM 1498 O O     . HOH C 3 .   ? 2.164   -7.414  -17.108 1.00 37.49 ? 344 HOH A O     1 
HETATM 1499 O O     . HOH C 3 .   ? -2.317  -2.497  -18.214 1.00 32.63 ? 345 HOH A O     1 
HETATM 1500 O O     . HOH C 3 .   ? 4.513   14.524  13.354  1.00 46.85 ? 346 HOH A O     1 
HETATM 1501 O O     . HOH C 3 .   ? -13.244 -13.855 10.194  1.00 35.87 ? 347 HOH A O     1 
HETATM 1502 O O     . HOH C 3 .   ? -10.483 13.985  8.774   1.00 38.72 ? 348 HOH A O     1 
HETATM 1503 O O     . HOH C 3 .   ? 18.980  2.287   0.682   1.00 38.28 ? 349 HOH A O     1 
HETATM 1504 O O     . HOH C 3 .   ? -7.418  -11.792 16.432  1.00 43.99 ? 350 HOH A O     1 
HETATM 1505 O O     . HOH C 3 .   ? -16.006 10.391  3.359   1.00 38.99 ? 351 HOH A O     1 
HETATM 1506 O O     . HOH C 3 .   ? 18.445  0.064   -0.716  1.00 45.31 ? 352 HOH A O     1 
HETATM 1507 O O     . HOH C 3 .   ? 5.355   -9.465  -14.804 1.00 40.02 ? 353 HOH A O     1 
HETATM 1508 O O     . HOH C 3 .   ? 6.081   13.540  12.446  1.00 39.68 ? 354 HOH A O     1 
HETATM 1509 O O     . HOH C 3 .   ? -7.195  -16.562 14.293  1.00 40.75 ? 355 HOH A O     1 
HETATM 1510 O O     . HOH C 3 .   ? 3.081   14.118  5.424   1.00 40.17 ? 356 HOH A O     1 
HETATM 1511 O O     . HOH C 3 .   ? -20.294 -5.287  4.492   1.00 32.82 ? 357 HOH A O     1 
HETATM 1512 O O     . HOH C 3 .   ? 4.432   -13.387 10.685  1.00 43.34 ? 358 HOH A O     1 
HETATM 1513 O O     . HOH C 3 .   ? 19.184  9.225   -9.370  1.00 44.55 ? 359 HOH A O     1 
HETATM 1514 O O     . HOH C 3 .   ? -15.448 -12.024 10.831  1.00 34.96 ? 360 HOH A O     1 
HETATM 1515 O O     . HOH C 3 .   ? 10.190  10.453  -12.388 1.00 36.97 ? 361 HOH A O     1 
HETATM 1516 O O     . HOH C 3 .   ? -10.358 13.489  6.243   1.00 41.71 ? 362 HOH A O     1 
HETATM 1517 O O     . HOH C 3 .   ? 9.979   13.336  0.790   1.00 43.18 ? 363 HOH A O     1 
HETATM 1518 O O     . HOH C 3 .   ? 17.257  -0.489  1.490   1.00 35.71 ? 364 HOH A O     1 
HETATM 1519 O O     . HOH C 3 .   ? -19.813 -3.432  -8.494  1.00 44.34 ? 365 HOH A O     1 
HETATM 1520 O O     . HOH C 3 .   ? -4.341  14.142  1.586   1.00 43.23 ? 366 HOH A O     1 
HETATM 1521 O O     . HOH C 3 .   ? -5.721  16.489  -1.072  1.00 39.74 ? 367 HOH A O     1 
HETATM 1522 O O     . HOH C 3 .   ? 11.181  -9.375  -6.638  1.00 36.78 ? 368 HOH A O     1 
HETATM 1523 O O     . HOH C 3 .   ? 2.480   -15.321 -10.743 1.00 45.88 ? 369 HOH A O     1 
HETATM 1524 O O     . HOH C 3 .   ? 16.825  0.440   -4.405  1.00 44.51 ? 370 HOH A O     1 
HETATM 1525 O O     . HOH C 3 .   ? -21.734 9.123   -3.463  1.00 44.50 ? 371 HOH A O     1 
HETATM 1526 O O     . HOH C 3 .   ? 4.301   11.814  11.265  1.00 35.28 ? 372 HOH A O     1 
HETATM 1527 O O     . HOH D 3 .   ? -6.518  1.743   -10.203 1.00 19.94 ? 101 HOH B O     1 
HETATM 1528 O O     . HOH D 3 .   ? -10.242 0.824   -5.969  1.00 27.59 ? 102 HOH B O     1 
HETATM 1529 O O     . HOH D 3 .   ? -4.969  1.606   -16.370 1.00 24.62 ? 103 HOH B O     1 
HETATM 1530 O O     . HOH D 3 .   ? -12.371 4.477   -8.463  1.00 24.10 ? 104 HOH B O     1 
HETATM 1531 O O     . HOH D 3 .   ? -3.352  7.760   -10.077 1.00 18.01 ? 105 HOH B O     1 
HETATM 1532 O O     . HOH D 3 .   ? -1.679  3.056   -9.213  1.00 20.87 ? 106 HOH B O     1 
HETATM 1533 O O     . HOH D 3 .   ? -14.475 10.744  -10.385 1.00 26.35 ? 107 HOH B O     1 
HETATM 1534 O O     . HOH D 3 .   ? -16.401 16.891  -7.809  1.00 29.29 ? 108 HOH B O     1 
HETATM 1535 O O     . HOH D 3 .   ? -3.589  5.208   -9.139  1.00 26.59 ? 109 HOH B O     1 
HETATM 1536 O O     . HOH D 3 .   ? -5.535  -2.883  -14.684 1.00 32.60 ? 110 HOH B O     1 
HETATM 1537 O O     . HOH D 3 .   ? -15.122 13.118  -10.824 1.00 30.21 ? 111 HOH B O     1 
HETATM 1538 O O     . HOH D 3 .   ? -5.157  13.210  -15.299 1.00 35.21 ? 112 HOH B O     1 
HETATM 1539 O O     . HOH D 3 .   ? -2.593  11.002  -6.091  1.00 29.37 ? 113 HOH B O     1 
HETATM 1540 O O     . HOH D 3 .   ? -15.512 19.164  -6.328  1.00 34.55 ? 114 HOH B O     1 
HETATM 1541 O O     . HOH D 3 .   ? -17.338 9.222   -2.846  1.00 33.22 ? 115 HOH B O     1 
HETATM 1542 O O     . HOH D 3 .   ? -6.718  16.207  -13.111 1.00 37.13 ? 116 HOH B O     1 
HETATM 1543 O O     . HOH D 3 .   ? -7.861  16.276  -2.380  1.00 34.06 ? 117 HOH B O     1 
HETATM 1544 O O     . HOH D 3 .   ? -8.359  4.469   -9.953  1.00 23.81 ? 118 HOH B O     1 
HETATM 1545 O O     . HOH D 3 .   ? -5.681  13.334  -18.089 1.00 37.26 ? 119 HOH B O     1 
HETATM 1546 O O     . HOH D 3 .   ? -13.034 2.732   -10.466 1.00 34.75 ? 120 HOH B O     1 
HETATM 1547 O O     . HOH D 3 .   ? -6.110  15.331  -9.943  1.00 36.28 ? 121 HOH B O     1 
HETATM 1548 O O     . HOH D 3 .   ? -14.804 4.663   -7.255  1.00 38.28 ? 122 HOH B O     1 
HETATM 1549 O O     . HOH D 3 .   ? -7.857  14.068  0.267   1.00 32.50 ? 123 HOH B O     1 
HETATM 1550 O O     . HOH D 3 .   ? -9.064  1.328   -17.982 1.00 37.85 ? 124 HOH B O     1 
# 
